data_3NVW
#
_entry.id   3NVW
#
_cell.length_a   132.683
_cell.length_b   73.396
_cell.length_c   138.113
_cell.angle_alpha   90.000
_cell.angle_beta   96.970
_cell.angle_gamma   90.000
#
_symmetry.space_group_name_H-M   'P 1 21 1'
#
loop_
_entity.id
_entity.type
_entity.pdbx_description
1 polymer 'Xanthine dehydrogenase/oxidase'
2 polymer 'Xanthine dehydrogenase/oxidase'
3 polymer 'Xanthine dehydrogenase/oxidase'
4 non-polymer 'FE2/S2 (INORGANIC) CLUSTER'
5 non-polymer 'FLAVIN-ADENINE DINUCLEOTIDE'
6 non-polymer 'PHOSPHONIC ACIDMONO-(2-AMINO-5,6-DIMERCAPTO-4-OXO-3,7,8A,9,10,10A-HEXAHYDRO-4H-8-OXA-1,3,9,10-TETRAAZA-ANTHRACEN-7-YLMETHYL)ESTER'
7 non-polymer 'DIOXOTHIOMOLYBDENUM(VI) ION'
8 non-polymer GUANINE
9 water water
#
loop_
_entity_poly.entity_id
_entity_poly.type
_entity_poly.pdbx_seq_one_letter_code
_entity_poly.pdbx_strand_id
1 'polypeptide(L)'
;TADELVFFVNGKKVVEKNADPETTLLAYLRRKLGLRGTKLGCGEGGCGACTVMLSKYDRLQDKIIHFSANACLAPICTLH
HVAVTTVEGIGSTKTRLHPVQERIAKSHGSQCGFCTPGIVMSMYTLLRNQPEPTVEEIEDAFQGNLCRCTGYRPILQGFR
TFAK
;
A,J
2 'polypeptide(L)'
;LFNPEEFMPLDPTQEPIFPPELLRLKDVPPKQLRFEGERVTWIQASTLKELLDLKAQHPEAKLVVGNTEIGIEMKFKNQL
FPMIICPAWIPELNAVEHGPEGISFGAACALSSVEKTLLEAVAKLPTQKTEVFRGVLEQLRWFAGKQVKSVASLGGNIIT
ASPISDLNPVFMASGTKLTIVSRGTRRTVPMDHTFFPSYRKTLLGPEEILLSIEIPYSREDEFFSAFKQASRREDDIAKV
TCGMRVLFQPGSMQVKELALCYGGMADRTISALKTTQKQLSKFWNEKLLQDVCAGLAEELSLSPDAPGGMIEFRRTLTLS
FFFKFYLTVLKKLG
;
B,K
3 'polypeptide(L)'
;DTVGRPLPHLAAAMQASGEAVYCDDIPRYENELFLRLVTSTRAHAKIKSIDVSEAQKVPGFVCFLSADDIPGSNETGLFN
DETVFAKDTVTCVGHIIGAVVADTPEHAERAAHVVKVTYEDLPAIITIEDAIKNNSFYGSELKIEKGDLKKGFSEADNVV
SGELYIGGQDHFYLETHCTIAIPKGEEGEMELFVSTQNAMKTQSFVAKMLGVPVNRILVRVKRMGGGFGGKETRSTLVSV
AVALAAYKTGHPVRCMLDRNEDMLITGGRHPFLARYKVGFMKTGTIVALEVDHYSNAGNSRDLSHSIMERALFHMDNCYK
IPNIRGTGRLCKTNLSSNTAFRGFGGPQALFIAENWMSEVAVTCGLPAEEVRWKNMYKEGDLTHFNQRLEGFSVPRCWDE
CLKSSQYYARKSEVDKFNKENCWKKRGLCIIPTKFGISFTVPFLNQAGALIHVYTDGSVLVSHGGTEMGQGLHTKMVQVA
SKALKIPISKIYISETSTNTVPNSSPTAASVSTDIYGQAVYEACQTILKRLEPFKKKNPDGSWEDWVMAAYQDRVSLSTT
GFYRTPNLGYSFETNSGNAFHYFTYGVACSEVEIDCLTGDHKNLRTDIVMDVGSSLNPAIDIGQVEGAFVQGLGLFTLEE
LHYSPEGSLHTRGPSTYKIPAFGSIPTEFRVSLLRDCPNKKAIYASKAVGEPPLFLGASVFFAIKDAIRAARAQHTNNNT
KELFRLDSPATPEKIRNACVDKFTTLCVTGAPGNCK
;
C,L
#
# COMPACT_ATOMS: atom_id res chain seq x y z
N THR A 1 38.97 6.19 5.09
CA THR A 1 38.48 6.37 3.69
C THR A 1 38.26 5.01 3.02
N ALA A 2 36.99 4.73 2.70
CA ALA A 2 36.60 3.43 2.19
C ALA A 2 36.70 3.33 0.67
N ASP A 3 37.09 2.15 0.21
CA ASP A 3 37.08 1.85 -1.21
C ASP A 3 35.65 1.59 -1.66
N GLU A 4 35.37 1.88 -2.94
CA GLU A 4 34.09 1.54 -3.54
C GLU A 4 34.03 0.04 -3.80
N LEU A 5 32.87 -0.56 -3.53
CA LEU A 5 32.61 -1.95 -3.84
C LEU A 5 31.85 -2.00 -5.14
N VAL A 6 32.36 -2.78 -6.08
CA VAL A 6 31.79 -2.85 -7.41
C VAL A 6 31.45 -4.30 -7.79
N PHE A 7 30.17 -4.55 -8.02
CA PHE A 7 29.73 -5.86 -8.50
C PHE A 7 28.62 -5.71 -9.53
N PHE A 8 28.15 -6.83 -10.07
CA PHE A 8 27.08 -6.78 -11.08
C PHE A 8 25.90 -7.61 -10.62
N VAL A 9 24.70 -7.13 -10.92
CA VAL A 9 23.48 -7.91 -10.66
C VAL A 9 22.65 -7.93 -11.93
N ASN A 10 22.42 -9.13 -12.45
CA ASN A 10 21.67 -9.33 -13.68
C ASN A 10 22.17 -8.44 -14.81
N GLY A 11 23.50 -8.37 -14.91
CA GLY A 11 24.17 -7.65 -16.00
C GLY A 11 24.39 -6.17 -15.75
N LYS A 12 23.82 -5.65 -14.68
CA LYS A 12 23.87 -4.23 -14.35
C LYS A 12 24.91 -3.94 -13.28
N LYS A 13 25.74 -2.93 -13.53
CA LYS A 13 26.77 -2.54 -12.58
C LYS A 13 26.21 -1.89 -11.32
N VAL A 14 26.69 -2.36 -10.18
CA VAL A 14 26.36 -1.81 -8.88
C VAL A 14 27.63 -1.19 -8.28
N VAL A 15 27.57 0.10 -7.95
CA VAL A 15 28.68 0.77 -7.25
C VAL A 15 28.25 1.15 -5.85
N GLU A 16 28.72 0.41 -4.86
CA GLU A 16 28.39 0.69 -3.48
C GLU A 16 29.54 1.45 -2.84
N LYS A 17 29.31 2.74 -2.61
CA LYS A 17 30.37 3.61 -2.10
C LYS A 17 30.62 3.47 -0.60
N ASN A 18 29.62 2.95 0.12
CA ASN A 18 29.73 2.77 1.56
C ASN A 18 29.25 1.40 2.03
N ALA A 19 29.90 0.36 1.50
CA ALA A 19 29.58 -1.02 1.88
C ALA A 19 29.86 -1.25 3.37
N ASP A 20 28.86 -1.77 4.06
CA ASP A 20 29.03 -2.23 5.43
C ASP A 20 29.43 -3.71 5.36
N PRO A 21 30.55 -4.08 6.00
CA PRO A 21 31.01 -5.48 6.02
C PRO A 21 29.96 -6.49 6.52
N GLU A 22 28.99 -6.01 7.30
CA GLU A 22 27.98 -6.89 7.88
C GLU A 22 26.83 -7.21 6.91
N THR A 23 26.75 -6.49 5.80
CA THR A 23 25.64 -6.64 4.85
C THR A 23 25.71 -7.92 4.01
N THR A 24 24.66 -8.73 4.07
CA THR A 24 24.53 -9.93 3.24
C THR A 24 24.03 -9.59 1.84
N LEU A 25 24.35 -10.45 0.87
CA LEU A 25 23.82 -10.28 -0.47
C LEU A 25 22.27 -10.29 -0.47
N LEU A 26 21.68 -11.20 0.30
CA LEU A 26 20.21 -11.29 0.33
C LEU A 26 19.59 -9.95 0.77
N ALA A 27 20.12 -9.35 1.83
CA ALA A 27 19.63 -8.06 2.30
C ALA A 27 19.82 -7.00 1.21
N TYR A 28 20.96 -7.04 0.53
CA TYR A 28 21.25 -6.04 -0.49
C TYR A 28 20.29 -6.15 -1.67
N LEU A 29 20.08 -7.37 -2.15
CA LEU A 29 19.16 -7.62 -3.26
C LEU A 29 17.75 -7.18 -2.94
N ARG A 30 17.25 -7.63 -1.79
CA ARG A 30 15.87 -7.36 -1.41
C ARG A 30 15.63 -5.93 -0.99
N ARG A 31 16.53 -5.38 -0.18
CA ARG A 31 16.23 -4.15 0.55
C ARG A 31 16.96 -2.92 0.05
N LYS A 32 17.96 -3.13 -0.80
CA LYS A 32 18.57 -2.01 -1.51
C LYS A 32 18.20 -1.96 -2.99
N LEU A 33 18.31 -3.11 -3.65
CA LEU A 33 18.02 -3.17 -5.10
C LEU A 33 16.56 -3.42 -5.46
N GLY A 34 15.75 -3.83 -4.47
CA GLY A 34 14.32 -4.07 -4.69
C GLY A 34 14.04 -5.28 -5.56
N LEU A 35 14.95 -6.24 -5.56
CA LEU A 35 14.78 -7.49 -6.29
C LEU A 35 14.35 -8.58 -5.31
N ARG A 36 13.04 -8.78 -5.21
CA ARG A 36 12.48 -9.62 -4.15
C ARG A 36 12.18 -11.07 -4.54
N GLY A 37 12.62 -11.48 -5.73
CA GLY A 37 12.44 -12.87 -6.17
C GLY A 37 13.24 -13.84 -5.32
N THR A 38 14.42 -13.41 -4.87
CA THR A 38 15.27 -14.18 -3.98
C THR A 38 14.71 -14.07 -2.56
N LYS A 39 14.53 -15.22 -1.88
CA LYS A 39 13.80 -15.26 -0.59
C LYS A 39 14.68 -15.59 0.60
N LEU A 40 14.21 -15.19 1.77
CA LEU A 40 14.72 -15.63 3.04
C LEU A 40 13.88 -16.79 3.55
N GLY A 41 14.53 -17.92 3.82
CA GLY A 41 13.87 -19.09 4.41
C GLY A 41 14.47 -19.59 5.72
N CYS A 42 15.71 -19.22 6.02
CA CYS A 42 16.36 -19.68 7.26
C CYS A 42 17.54 -18.84 7.75
N GLY A 43 18.28 -18.21 6.83
CA GLY A 43 19.42 -17.40 7.21
C GLY A 43 20.65 -18.19 7.64
N GLU A 44 20.61 -19.51 7.45
CA GLU A 44 21.69 -20.37 7.96
C GLU A 44 22.19 -21.40 6.93
N GLY A 45 21.86 -21.21 5.66
CA GLY A 45 22.43 -22.00 4.58
C GLY A 45 21.79 -23.34 4.26
N GLY A 46 20.75 -23.70 5.02
CA GLY A 46 20.15 -25.02 4.84
C GLY A 46 18.98 -25.19 3.89
N CYS A 47 18.33 -24.09 3.51
CA CYS A 47 17.05 -24.23 2.81
C CYS A 47 17.10 -23.87 1.32
N GLY A 48 18.11 -23.08 0.95
CA GLY A 48 18.33 -22.67 -0.44
C GLY A 48 17.31 -21.73 -1.07
N ALA A 49 16.35 -21.23 -0.29
CA ALA A 49 15.36 -20.27 -0.82
C ALA A 49 16.04 -19.01 -1.36
N CYS A 50 17.26 -18.76 -0.89
CA CYS A 50 18.02 -17.55 -1.22
C CYS A 50 19.08 -17.80 -2.30
N THR A 51 18.98 -18.94 -2.98
CA THR A 51 20.01 -19.35 -3.94
C THR A 51 20.10 -18.41 -5.12
N VAL A 52 21.32 -18.01 -5.42
CA VAL A 52 21.59 -17.19 -6.62
C VAL A 52 22.75 -17.85 -7.37
N MET A 53 22.99 -17.41 -8.60
CA MET A 53 24.22 -17.82 -9.30
C MET A 53 25.24 -16.70 -9.22
N LEU A 54 26.48 -17.09 -8.99
CA LEU A 54 27.58 -16.13 -9.01
C LEU A 54 28.49 -16.49 -10.17
N SER A 55 29.04 -15.46 -10.84
CA SER A 55 29.99 -15.66 -11.93
C SER A 55 31.16 -14.73 -11.73
N LYS A 56 32.36 -15.22 -12.05
CA LYS A 56 33.52 -14.34 -12.04
C LYS A 56 34.54 -14.83 -13.03
N TYR A 57 35.45 -13.95 -13.43
CA TYR A 57 36.62 -14.40 -14.15
C TYR A 57 37.63 -14.84 -13.09
N ASP A 58 37.90 -16.14 -13.04
CA ASP A 58 38.88 -16.68 -12.10
C ASP A 58 40.28 -16.47 -12.69
N ARG A 59 40.98 -15.49 -12.13
CA ARG A 59 42.31 -15.09 -12.60
C ARG A 59 43.36 -16.19 -12.42
N LEU A 60 43.07 -17.13 -11.52
CA LEU A 60 43.98 -18.25 -11.26
C LEU A 60 43.71 -19.45 -12.15
N GLN A 61 42.47 -19.57 -12.64
CA GLN A 61 42.07 -20.64 -13.53
C GLN A 61 42.11 -20.18 -14.98
N ASP A 62 42.22 -18.86 -15.17
CA ASP A 62 42.17 -18.23 -16.49
C ASP A 62 40.85 -18.45 -17.26
N LYS A 63 39.73 -18.47 -16.53
CA LYS A 63 38.43 -18.68 -17.16
C LYS A 63 37.27 -18.10 -16.34
N ILE A 64 36.16 -17.87 -17.04
CA ILE A 64 34.91 -17.52 -16.39
C ILE A 64 34.33 -18.76 -15.71
N ILE A 65 33.95 -18.62 -14.44
CA ILE A 65 33.32 -19.72 -13.71
C ILE A 65 31.92 -19.30 -13.24
N HIS A 66 31.03 -20.26 -13.12
CA HIS A 66 29.67 -20.03 -12.62
C HIS A 66 29.35 -21.03 -11.53
N PHE A 67 28.78 -20.55 -10.44
CA PHE A 67 28.38 -21.45 -9.36
C PHE A 67 27.26 -20.86 -8.54
N SER A 68 26.56 -21.71 -7.80
CA SER A 68 25.48 -21.26 -6.94
C SER A 68 26.00 -20.88 -5.55
N ALA A 69 25.28 -19.99 -4.89
CA ALA A 69 25.61 -19.59 -3.54
C ALA A 69 24.34 -19.20 -2.82
N ASN A 70 24.37 -19.32 -1.48
CA ASN A 70 23.27 -18.85 -0.65
C ASN A 70 23.44 -17.36 -0.40
N ALA A 71 22.51 -16.55 -0.91
CA ALA A 71 22.63 -15.11 -0.70
C ALA A 71 22.56 -14.67 0.76
N CYS A 72 21.94 -15.48 1.62
CA CYS A 72 21.76 -15.17 3.04
C CYS A 72 23.08 -15.19 3.82
N LEU A 73 24.09 -15.88 3.29
CA LEU A 73 25.38 -15.98 3.95
C LEU A 73 26.53 -15.25 3.25
N ALA A 74 26.32 -14.85 2.00
CA ALA A 74 27.38 -14.18 1.22
C ALA A 74 27.51 -12.71 1.62
N PRO A 75 28.66 -12.33 2.20
CA PRO A 75 28.85 -10.90 2.47
C PRO A 75 29.03 -10.16 1.14
N ILE A 76 28.36 -9.03 0.97
CA ILE A 76 28.59 -8.25 -0.25
C ILE A 76 30.06 -7.88 -0.39
N CYS A 77 30.78 -7.76 0.73
CA CYS A 77 32.20 -7.40 0.69
C CYS A 77 33.11 -8.50 0.12
N THR A 78 32.57 -9.71 -0.08
CA THR A 78 33.30 -10.76 -0.80
C THR A 78 33.12 -10.70 -2.32
N LEU A 79 32.23 -9.82 -2.78
CA LEU A 79 31.73 -9.86 -4.15
C LEU A 79 32.31 -8.80 -5.10
N HIS A 80 33.42 -8.16 -4.70
CA HIS A 80 34.03 -7.19 -5.60
C HIS A 80 34.38 -7.88 -6.91
N HIS A 81 33.95 -7.29 -8.03
CA HIS A 81 34.15 -7.86 -9.36
C HIS A 81 33.52 -9.25 -9.58
N VAL A 82 32.45 -9.52 -8.85
CA VAL A 82 31.66 -10.73 -9.08
C VAL A 82 30.31 -10.34 -9.69
N ALA A 83 29.76 -11.20 -10.54
CA ALA A 83 28.44 -11.00 -11.14
C ALA A 83 27.40 -11.91 -10.52
N VAL A 84 26.28 -11.33 -10.07
CA VAL A 84 25.18 -12.06 -9.47
C VAL A 84 24.08 -12.21 -10.51
N THR A 85 23.49 -13.41 -10.57
CA THR A 85 22.29 -13.66 -11.37
C THR A 85 21.20 -14.18 -10.42
N THR A 86 20.06 -13.49 -10.41
CA THR A 86 18.93 -13.89 -9.60
C THR A 86 17.84 -14.44 -10.53
N VAL A 87 16.75 -14.90 -9.94
CA VAL A 87 15.65 -15.46 -10.71
C VAL A 87 15.14 -14.45 -11.75
N GLU A 88 15.15 -13.17 -11.42
CA GLU A 88 14.64 -12.18 -12.38
C GLU A 88 15.63 -11.92 -13.53
N GLY A 89 16.85 -12.43 -13.40
CA GLY A 89 17.86 -12.29 -14.43
C GLY A 89 17.75 -13.26 -15.59
N ILE A 90 16.95 -14.32 -15.44
CA ILE A 90 16.94 -15.39 -16.43
C ILE A 90 15.68 -15.47 -17.28
N GLY A 91 14.63 -14.77 -16.87
CA GLY A 91 13.33 -14.84 -17.53
C GLY A 91 12.22 -14.26 -16.68
N SER A 92 11.11 -13.90 -17.31
CA SER A 92 9.91 -13.41 -16.60
C SER A 92 8.67 -13.57 -17.46
N THR A 93 7.50 -13.53 -16.84
CA THR A 93 6.23 -13.69 -17.54
C THR A 93 5.90 -12.47 -18.40
N LYS A 94 6.65 -11.40 -18.19
CA LYS A 94 6.44 -10.17 -18.94
C LYS A 94 7.24 -10.19 -20.24
N THR A 95 8.29 -10.99 -20.26
CA THR A 95 9.15 -11.13 -21.43
C THR A 95 9.04 -12.56 -21.95
N ARG A 96 9.89 -13.45 -21.46
CA ARG A 96 9.82 -14.87 -21.78
C ARG A 96 10.40 -15.63 -20.59
N LEU A 97 9.73 -16.72 -20.20
CA LEU A 97 10.26 -17.60 -19.16
C LEU A 97 11.46 -18.36 -19.69
N HIS A 98 12.45 -18.56 -18.81
CA HIS A 98 13.54 -19.48 -19.14
C HIS A 98 12.98 -20.90 -19.14
N PRO A 99 13.51 -21.80 -20.00
CA PRO A 99 13.06 -23.19 -19.94
C PRO A 99 12.98 -23.79 -18.53
N VAL A 100 13.92 -23.45 -17.64
CA VAL A 100 13.90 -23.98 -16.27
C VAL A 100 12.61 -23.53 -15.57
N GLN A 101 12.26 -22.26 -15.74
CA GLN A 101 11.04 -21.68 -15.16
C GLN A 101 9.78 -22.28 -15.77
N GLU A 102 9.75 -22.38 -17.10
CA GLU A 102 8.59 -22.96 -17.78
C GLU A 102 8.32 -24.39 -17.32
N ARG A 103 9.37 -25.18 -17.21
CA ARG A 103 9.18 -26.61 -16.95
C ARG A 103 8.77 -26.89 -15.51
N ILE A 104 9.33 -26.16 -14.54
CA ILE A 104 8.90 -26.38 -13.16
C ILE A 104 7.43 -25.99 -12.95
N ALA A 105 7.02 -24.91 -13.58
CA ALA A 105 5.63 -24.46 -13.47
C ALA A 105 4.68 -25.45 -14.17
N LYS A 106 4.99 -25.81 -15.40
CA LYS A 106 4.08 -26.67 -16.16
C LYS A 106 4.02 -28.11 -15.62
N SER A 107 5.07 -28.53 -14.92
CA SER A 107 5.16 -29.88 -14.37
C SER A 107 4.54 -30.02 -12.98
N HIS A 108 3.91 -28.95 -12.50
CA HIS A 108 3.29 -28.91 -11.17
C HIS A 108 4.34 -29.02 -10.06
N GLY A 109 5.52 -28.46 -10.33
CA GLY A 109 6.62 -28.42 -9.35
C GLY A 109 6.58 -27.22 -8.42
N SER A 110 5.55 -26.38 -8.56
CA SER A 110 5.39 -25.21 -7.71
C SER A 110 4.00 -25.20 -7.08
N GLN A 111 3.94 -25.20 -5.75
CA GLN A 111 2.67 -25.15 -5.04
C GLN A 111 2.56 -23.77 -4.38
N CYS A 112 3.08 -23.61 -3.16
CA CYS A 112 3.10 -22.26 -2.57
C CYS A 112 4.02 -21.31 -3.30
N GLY A 113 5.05 -21.86 -3.94
CA GLY A 113 5.97 -21.11 -4.77
C GLY A 113 7.19 -20.50 -4.08
N PHE A 114 7.27 -20.60 -2.76
CA PHE A 114 8.30 -19.86 -2.02
C PHE A 114 9.70 -20.41 -2.26
N CYS A 115 9.80 -21.72 -2.45
CA CYS A 115 11.08 -22.37 -2.73
C CYS A 115 11.45 -22.33 -4.23
N THR A 116 10.50 -21.93 -5.06
CA THR A 116 10.67 -22.11 -6.52
C THR A 116 11.84 -21.31 -7.11
N PRO A 117 11.97 -20.00 -6.78
CA PRO A 117 13.16 -19.27 -7.30
C PRO A 117 14.50 -19.93 -6.94
N GLY A 118 14.68 -20.38 -5.70
CA GLY A 118 15.93 -21.04 -5.29
C GLY A 118 16.21 -22.31 -6.09
N ILE A 119 15.17 -23.11 -6.28
CA ILE A 119 15.29 -24.35 -7.06
C ILE A 119 15.59 -24.04 -8.54
N VAL A 120 14.90 -23.03 -9.07
CA VAL A 120 15.17 -22.56 -10.42
C VAL A 120 16.64 -22.19 -10.56
N MET A 121 17.17 -21.46 -9.58
CA MET A 121 18.55 -21.00 -9.68
C MET A 121 19.54 -22.16 -9.54
N SER A 122 19.21 -23.17 -8.72
CA SER A 122 20.06 -24.36 -8.64
C SER A 122 20.10 -25.13 -9.97
N MET A 123 18.95 -25.26 -10.62
CA MET A 123 18.88 -25.95 -11.91
C MET A 123 19.55 -25.12 -13.00
N TYR A 124 19.29 -23.81 -12.98
CA TYR A 124 19.90 -22.90 -13.93
C TYR A 124 21.42 -22.99 -13.87
N THR A 125 21.96 -22.95 -12.64
CA THR A 125 23.41 -23.04 -12.43
C THR A 125 23.97 -24.34 -13.00
N LEU A 126 23.28 -25.46 -12.78
CA LEU A 126 23.73 -26.73 -13.32
C LEU A 126 23.87 -26.66 -14.84
N LEU A 127 22.83 -26.15 -15.51
CA LEU A 127 22.82 -26.07 -16.98
C LEU A 127 23.87 -25.13 -17.53
N ARG A 128 24.21 -24.10 -16.76
CA ARG A 128 25.24 -23.15 -17.17
C ARG A 128 26.64 -23.77 -17.15
N ASN A 129 26.84 -24.75 -16.27
CA ASN A 129 28.09 -25.52 -16.19
C ASN A 129 28.08 -26.72 -17.12
N GLN A 130 26.92 -27.37 -17.22
CA GLN A 130 26.75 -28.59 -17.99
C GLN A 130 25.42 -28.56 -18.72
N PRO A 131 25.45 -28.16 -20.02
CA PRO A 131 24.23 -28.05 -20.81
C PRO A 131 23.62 -29.41 -21.17
N GLU A 132 24.41 -30.46 -20.98
CA GLU A 132 23.98 -31.83 -21.23
C GLU A 132 24.22 -32.68 -20.00
N PRO A 133 23.43 -32.45 -18.93
CA PRO A 133 23.69 -33.20 -17.71
C PRO A 133 23.06 -34.58 -17.76
N THR A 134 23.51 -35.45 -16.85
CA THR A 134 22.90 -36.77 -16.72
C THR A 134 21.74 -36.65 -15.76
N VAL A 135 20.85 -37.65 -15.80
CA VAL A 135 19.76 -37.74 -14.83
C VAL A 135 20.34 -37.71 -13.41
N GLU A 136 21.45 -38.39 -13.20
CA GLU A 136 22.10 -38.49 -11.90
C GLU A 136 22.58 -37.13 -11.40
N GLU A 137 23.18 -36.34 -12.29
CA GLU A 137 23.64 -34.98 -11.96
C GLU A 137 22.47 -34.07 -11.58
N ILE A 138 21.37 -34.19 -12.31
CA ILE A 138 20.15 -33.41 -12.02
C ILE A 138 19.58 -33.81 -10.66
N GLU A 139 19.43 -35.10 -10.44
CA GLU A 139 18.84 -35.60 -9.20
C GLU A 139 19.69 -35.25 -7.97
N ASP A 140 20.94 -34.87 -8.19
CA ASP A 140 21.88 -34.59 -7.10
C ASP A 140 22.22 -33.12 -6.95
N ALA A 141 21.54 -32.25 -7.71
CA ALA A 141 21.84 -30.80 -7.77
C ALA A 141 21.12 -29.97 -6.70
N PHE A 142 20.26 -30.63 -5.91
CA PHE A 142 19.33 -29.92 -5.04
C PHE A 142 19.43 -30.25 -3.55
N GLN A 143 20.58 -30.76 -3.11
CA GLN A 143 20.74 -31.09 -1.69
C GLN A 143 20.56 -29.86 -0.80
N GLY A 144 20.79 -28.68 -1.39
CA GLY A 144 20.67 -27.45 -0.64
C GLY A 144 19.33 -26.74 -0.73
N ASN A 145 18.36 -27.35 -1.41
CA ASN A 145 17.03 -26.72 -1.59
C ASN A 145 15.91 -27.54 -0.97
N LEU A 146 15.20 -26.93 -0.01
CA LEU A 146 14.04 -27.59 0.64
C LEU A 146 12.70 -27.08 0.10
N CYS A 147 11.78 -28.03 -0.09
CA CYS A 147 10.40 -27.74 -0.48
C CYS A 147 9.49 -28.48 0.48
N ARG A 148 8.58 -27.74 1.12
CA ARG A 148 7.64 -28.33 2.07
C ARG A 148 6.31 -28.78 1.46
N CYS A 149 6.04 -28.35 0.23
CA CYS A 149 4.72 -28.51 -0.36
C CYS A 149 4.58 -29.70 -1.31
N THR A 150 5.59 -29.92 -2.15
CA THR A 150 5.40 -30.75 -3.34
C THR A 150 5.73 -32.23 -3.19
N GLY A 151 6.54 -32.59 -2.20
CA GLY A 151 7.06 -33.96 -2.14
C GLY A 151 8.05 -34.26 -3.24
N TYR A 152 8.49 -33.21 -3.95
CA TYR A 152 9.66 -33.22 -4.85
C TYR A 152 9.51 -33.95 -6.19
N ARG A 153 8.76 -35.06 -6.19
CA ARG A 153 8.53 -35.86 -7.41
C ARG A 153 8.34 -35.01 -8.70
N PRO A 154 7.38 -34.05 -8.70
CA PRO A 154 7.14 -33.31 -9.95
C PRO A 154 8.31 -32.44 -10.38
N ILE A 155 9.06 -31.91 -9.42
CA ILE A 155 10.21 -31.05 -9.75
C ILE A 155 11.24 -31.88 -10.49
N LEU A 156 11.54 -33.07 -9.97
CA LEU A 156 12.51 -33.94 -10.61
C LEU A 156 12.02 -34.43 -11.98
N GLN A 157 10.73 -34.75 -12.06
CA GLN A 157 10.16 -35.21 -13.32
C GLN A 157 10.27 -34.13 -14.40
N GLY A 158 9.91 -32.90 -14.05
CA GLY A 158 10.03 -31.77 -14.96
C GLY A 158 11.46 -31.53 -15.40
N PHE A 159 12.40 -31.66 -14.47
CA PHE A 159 13.79 -31.35 -14.78
C PHE A 159 14.52 -32.49 -15.50
N ARG A 160 14.03 -33.71 -15.35
CA ARG A 160 14.67 -34.85 -16.01
C ARG A 160 14.65 -34.71 -17.54
N THR A 161 13.73 -33.89 -18.03
CA THR A 161 13.61 -33.59 -19.46
C THR A 161 14.86 -32.89 -20.01
N PHE A 162 15.71 -32.35 -19.14
CA PHE A 162 16.96 -31.69 -19.55
C PHE A 162 18.11 -32.68 -19.71
N ALA A 163 17.89 -33.92 -19.30
CA ALA A 163 18.97 -34.92 -19.16
C ALA A 163 19.33 -35.68 -20.42
N LYS A 164 20.26 -36.63 -20.22
CA LYS A 164 20.63 -37.71 -21.15
C LYS A 164 21.58 -37.23 -22.24
N LEU B 1 -0.33 -35.66 -16.70
CA LEU B 1 -0.48 -34.40 -15.90
C LEU B 1 0.09 -33.18 -16.61
N PHE B 2 1.14 -33.40 -17.41
CA PHE B 2 1.73 -32.36 -18.27
C PHE B 2 2.30 -32.96 -19.56
N ASN B 3 2.57 -32.10 -20.56
CA ASN B 3 3.00 -32.55 -21.88
C ASN B 3 4.37 -31.98 -22.28
N PRO B 4 5.46 -32.73 -22.00
CA PRO B 4 6.83 -32.26 -22.26
C PRO B 4 7.14 -32.00 -23.73
N GLU B 5 6.40 -32.63 -24.63
CA GLU B 5 6.55 -32.41 -26.06
C GLU B 5 6.30 -30.96 -26.46
N GLU B 6 5.62 -30.21 -25.59
CA GLU B 6 5.22 -28.82 -25.86
C GLU B 6 6.18 -27.79 -25.26
N PHE B 7 7.15 -28.25 -24.46
CA PHE B 7 8.14 -27.35 -23.85
C PHE B 7 9.03 -26.63 -24.86
N MET B 8 9.37 -25.38 -24.54
CA MET B 8 10.35 -24.62 -25.30
C MET B 8 11.73 -25.27 -25.16
N PRO B 9 12.42 -25.51 -26.30
CA PRO B 9 13.74 -26.12 -26.21
C PRO B 9 14.79 -25.20 -25.57
N LEU B 10 15.81 -25.80 -24.97
CA LEU B 10 16.91 -25.05 -24.36
C LEU B 10 17.93 -24.64 -25.43
N ASP B 11 18.25 -23.35 -25.47
CA ASP B 11 19.28 -22.83 -26.37
C ASP B 11 20.40 -22.23 -25.55
N PRO B 12 21.41 -23.04 -25.19
CA PRO B 12 22.50 -22.62 -24.30
C PRO B 12 23.40 -21.50 -24.85
N THR B 13 23.24 -21.14 -26.12
CA THR B 13 24.00 -20.01 -26.68
C THR B 13 23.29 -18.67 -26.46
N GLN B 14 22.05 -18.74 -25.97
CA GLN B 14 21.22 -17.54 -25.78
C GLN B 14 21.08 -17.12 -24.31
N GLU B 15 21.97 -17.63 -23.47
CA GLU B 15 21.97 -17.26 -22.05
C GLU B 15 22.49 -15.84 -21.86
N PRO B 16 22.06 -15.15 -20.78
CA PRO B 16 22.60 -13.84 -20.45
C PRO B 16 24.13 -13.83 -20.51
N ILE B 17 24.68 -12.83 -21.17
CA ILE B 17 26.13 -12.70 -21.32
C ILE B 17 26.80 -12.36 -19.99
N PHE B 18 28.01 -12.88 -19.78
CA PHE B 18 28.85 -12.44 -18.65
C PHE B 18 29.17 -10.97 -18.90
N PRO B 19 28.93 -10.10 -17.90
CA PRO B 19 29.01 -8.65 -18.14
C PRO B 19 30.34 -8.24 -18.78
N PRO B 20 30.31 -7.75 -20.04
CA PRO B 20 31.55 -7.40 -20.72
C PRO B 20 32.37 -6.34 -19.98
N GLU B 21 31.70 -5.43 -19.27
CA GLU B 21 32.38 -4.41 -18.50
C GLU B 21 33.19 -5.07 -17.37
N LEU B 22 32.61 -6.09 -16.76
CA LEU B 22 33.29 -6.83 -15.71
C LEU B 22 34.51 -7.54 -16.27
N LEU B 23 34.40 -8.04 -17.50
CA LEU B 23 35.51 -8.70 -18.15
C LEU B 23 36.69 -7.74 -18.41
N ARG B 24 36.37 -6.49 -18.76
CA ARG B 24 37.38 -5.45 -18.97
C ARG B 24 38.14 -5.10 -17.67
N LEU B 25 37.51 -5.38 -16.53
CA LEU B 25 38.11 -5.09 -15.23
C LEU B 25 39.05 -6.18 -14.73
N LYS B 26 39.06 -7.34 -15.39
CA LYS B 26 39.92 -8.47 -15.03
C LYS B 26 41.41 -8.14 -15.19
N ASP B 27 41.68 -7.13 -16.02
CA ASP B 27 43.06 -6.70 -16.30
C ASP B 27 43.61 -5.86 -15.15
N VAL B 28 42.75 -5.02 -14.56
CA VAL B 28 43.10 -4.21 -13.39
C VAL B 28 43.74 -5.08 -12.29
N PRO B 29 44.99 -4.76 -11.92
CA PRO B 29 45.70 -5.53 -10.91
C PRO B 29 44.99 -5.45 -9.55
N PRO B 30 44.91 -6.58 -8.82
CA PRO B 30 44.26 -6.59 -7.52
C PRO B 30 45.00 -5.71 -6.53
N LYS B 31 44.25 -4.98 -5.72
CA LYS B 31 44.83 -4.16 -4.66
C LYS B 31 44.02 -4.39 -3.40
N GLN B 32 44.67 -4.18 -2.26
CA GLN B 32 43.99 -4.25 -0.96
C GLN B 32 42.84 -3.25 -0.88
N LEU B 33 41.67 -3.72 -0.43
CA LEU B 33 40.51 -2.85 -0.25
C LEU B 33 40.10 -2.78 1.21
N ARG B 34 39.50 -1.65 1.57
CA ARG B 34 39.05 -1.40 2.94
C ARG B 34 37.59 -0.97 2.89
N PHE B 35 36.76 -1.65 3.66
CA PHE B 35 35.35 -1.28 3.78
C PHE B 35 35.08 -0.99 5.24
N GLU B 36 34.30 0.05 5.49
CA GLU B 36 34.05 0.53 6.84
C GLU B 36 32.56 0.56 7.11
N GLY B 37 32.16 -0.13 8.17
CA GLY B 37 30.75 -0.21 8.54
C GLY B 37 30.47 0.41 9.89
N GLU B 38 29.27 0.16 10.39
CA GLU B 38 28.83 0.67 11.67
C GLU B 38 29.67 0.12 12.82
N ARG B 39 30.12 -1.13 12.67
CA ARG B 39 30.79 -1.85 13.76
C ARG B 39 32.05 -2.56 13.30
N VAL B 40 32.17 -2.76 11.99
CA VAL B 40 33.21 -3.62 11.44
C VAL B 40 34.02 -2.93 10.35
N THR B 41 35.33 -3.13 10.37
CA THR B 41 36.23 -2.74 9.30
C THR B 41 36.68 -4.03 8.59
N TRP B 42 36.54 -4.05 7.26
CA TRP B 42 36.87 -5.24 6.47
C TRP B 42 38.00 -4.92 5.52
N ILE B 43 39.06 -5.73 5.57
CA ILE B 43 40.19 -5.57 4.67
C ILE B 43 40.27 -6.76 3.74
N GLN B 44 40.21 -6.49 2.44
CA GLN B 44 40.34 -7.50 1.42
C GLN B 44 41.81 -7.57 1.03
N ALA B 45 42.49 -8.61 1.51
CA ALA B 45 43.95 -8.74 1.29
C ALA B 45 44.24 -9.29 -0.11
N SER B 46 45.12 -8.61 -0.84
CA SER B 46 45.42 -9.01 -2.22
C SER B 46 46.61 -9.97 -2.32
N THR B 47 47.51 -9.91 -1.34
CA THR B 47 48.71 -10.75 -1.35
C THR B 47 48.91 -11.45 -0.02
N LEU B 48 49.65 -12.56 -0.04
CA LEU B 48 50.01 -13.27 1.19
C LEU B 48 50.77 -12.35 2.15
N LYS B 49 51.70 -11.56 1.60
CA LYS B 49 52.48 -10.61 2.38
C LYS B 49 51.58 -9.63 3.14
N GLU B 50 50.58 -9.08 2.43
CA GLU B 50 49.60 -8.19 3.04
C GLU B 50 48.87 -8.86 4.19
N LEU B 51 48.39 -10.08 3.96
CA LEU B 51 47.73 -10.85 5.01
C LEU B 51 48.57 -11.01 6.27
N LEU B 52 49.85 -11.33 6.08
CA LEU B 52 50.73 -11.59 7.22
C LEU B 52 51.09 -10.31 7.97
N ASP B 53 51.22 -9.20 7.23
CA ASP B 53 51.45 -7.88 7.81
C ASP B 53 50.23 -7.46 8.65
N LEU B 54 49.05 -7.55 8.06
CA LEU B 54 47.79 -7.20 8.72
C LEU B 54 47.59 -7.99 10.01
N LYS B 55 47.90 -9.28 9.95
CA LYS B 55 47.71 -10.17 11.08
C LYS B 55 48.74 -9.89 12.18
N ALA B 56 49.92 -9.42 11.78
CA ALA B 56 50.92 -9.01 12.74
C ALA B 56 50.55 -7.70 13.42
N GLN B 57 49.93 -6.79 12.66
CA GLN B 57 49.46 -5.50 13.18
C GLN B 57 48.21 -5.67 14.01
N HIS B 58 47.33 -6.60 13.59
CA HIS B 58 46.08 -6.86 14.27
C HIS B 58 45.87 -8.37 14.41
N PRO B 59 46.50 -8.99 15.43
CA PRO B 59 46.38 -10.44 15.65
C PRO B 59 44.95 -10.91 15.87
N GLU B 60 44.11 -10.03 16.43
CA GLU B 60 42.73 -10.37 16.76
C GLU B 60 41.78 -10.28 15.56
N ALA B 61 42.27 -9.74 14.44
CA ALA B 61 41.49 -9.66 13.21
C ALA B 61 41.02 -11.04 12.80
N LYS B 62 39.74 -11.15 12.43
CA LYS B 62 39.12 -12.42 12.08
C LYS B 62 39.17 -12.69 10.60
N LEU B 63 39.71 -13.85 10.22
CA LEU B 63 39.67 -14.27 8.82
C LEU B 63 38.26 -14.69 8.44
N VAL B 64 37.84 -14.30 7.24
CA VAL B 64 36.59 -14.76 6.64
C VAL B 64 36.86 -15.09 5.19
N VAL B 65 36.47 -16.29 4.78
CA VAL B 65 36.51 -16.65 3.38
C VAL B 65 35.08 -16.79 2.87
N GLY B 66 34.46 -17.94 3.13
CA GLY B 66 33.09 -18.21 2.72
C GLY B 66 32.01 -17.63 3.60
N ASN B 67 32.38 -17.29 4.84
CA ASN B 67 31.44 -16.75 5.84
C ASN B 67 30.33 -17.73 6.24
N THR B 68 30.46 -19.00 5.85
CA THR B 68 29.40 -19.98 6.16
C THR B 68 29.38 -20.38 7.64
N GLU B 69 30.46 -20.05 8.35
CA GLU B 69 30.52 -20.25 9.79
C GLU B 69 30.43 -18.90 10.49
N ILE B 70 31.24 -17.95 10.06
CA ILE B 70 31.21 -16.61 10.66
C ILE B 70 29.84 -15.93 10.58
N GLY B 71 29.13 -16.13 9.46
CA GLY B 71 27.78 -15.57 9.31
C GLY B 71 26.83 -16.12 10.36
N ILE B 72 27.06 -17.37 10.76
CA ILE B 72 26.27 -18.03 11.79
C ILE B 72 26.63 -17.48 13.17
N GLU B 73 27.94 -17.31 13.40
CA GLU B 73 28.43 -16.78 14.68
C GLU B 73 27.94 -15.37 14.93
N MET B 74 27.98 -14.54 13.90
CA MET B 74 27.54 -13.15 14.02
C MET B 74 26.02 -13.05 14.18
N LYS B 75 25.27 -13.83 13.41
CA LYS B 75 23.80 -13.72 13.47
C LYS B 75 23.18 -14.42 14.68
N PHE B 76 23.63 -15.63 14.97
CA PHE B 76 22.98 -16.50 15.96
C PHE B 76 23.68 -16.62 17.32
N LYS B 77 24.94 -16.22 17.37
CA LYS B 77 25.71 -16.29 18.61
C LYS B 77 26.13 -14.89 19.04
N ASN B 78 25.63 -13.89 18.30
CA ASN B 78 25.88 -12.47 18.54
C ASN B 78 27.36 -12.13 18.74
N GLN B 79 28.22 -12.88 18.06
CA GLN B 79 29.66 -12.58 18.04
C GLN B 79 29.92 -11.33 17.22
N LEU B 80 30.86 -10.51 17.66
CA LEU B 80 31.25 -9.34 16.90
C LEU B 80 32.76 -9.31 16.74
N PHE B 81 33.20 -9.21 15.49
CA PHE B 81 34.61 -9.10 15.16
C PHE B 81 34.81 -7.76 14.46
N PRO B 82 35.21 -6.72 15.22
CA PRO B 82 35.40 -5.37 14.70
C PRO B 82 36.36 -5.24 13.51
N MET B 83 37.29 -6.18 13.37
CA MET B 83 38.13 -6.24 12.19
C MET B 83 38.09 -7.62 11.55
N ILE B 84 37.77 -7.62 10.26
CA ILE B 84 37.77 -8.82 9.44
C ILE B 84 38.78 -8.66 8.33
N ILE B 85 39.51 -9.74 8.05
CA ILE B 85 40.37 -9.81 6.88
C ILE B 85 39.86 -10.95 5.99
N CYS B 86 39.58 -10.62 4.73
CA CYS B 86 39.22 -11.65 3.75
C CYS B 86 40.42 -11.94 2.86
N PRO B 87 41.01 -13.14 2.97
CA PRO B 87 42.16 -13.54 2.16
C PRO B 87 41.83 -14.30 0.87
N ALA B 88 40.56 -14.32 0.46
CA ALA B 88 40.10 -15.18 -0.64
C ALA B 88 40.81 -14.97 -1.98
N TRP B 89 41.30 -13.75 -2.21
CA TRP B 89 41.96 -13.41 -3.47
C TRP B 89 43.39 -13.93 -3.59
N ILE B 90 43.98 -14.30 -2.46
CA ILE B 90 45.42 -14.62 -2.39
C ILE B 90 45.71 -15.95 -3.09
N PRO B 91 46.57 -15.93 -4.14
CA PRO B 91 46.86 -17.11 -4.95
C PRO B 91 47.33 -18.32 -4.15
N GLU B 92 48.19 -18.12 -3.16
CA GLU B 92 48.73 -19.21 -2.35
C GLU B 92 47.64 -19.96 -1.56
N LEU B 93 46.57 -19.24 -1.21
CA LEU B 93 45.47 -19.82 -0.44
C LEU B 93 44.48 -20.54 -1.34
N ASN B 94 44.72 -20.51 -2.66
CA ASN B 94 43.83 -21.16 -3.62
C ASN B 94 44.51 -22.21 -4.50
N ALA B 95 45.81 -22.43 -4.26
CA ALA B 95 46.57 -23.31 -5.14
C ALA B 95 46.28 -24.78 -4.87
N VAL B 96 46.13 -25.54 -5.95
CA VAL B 96 45.98 -26.99 -5.92
C VAL B 96 47.26 -27.60 -6.48
N GLU B 97 48.04 -28.23 -5.60
CA GLU B 97 49.37 -28.71 -5.97
C GLU B 97 49.49 -30.22 -5.78
N HIS B 98 49.96 -30.91 -6.82
CA HIS B 98 50.18 -32.36 -6.75
C HIS B 98 51.64 -32.61 -6.46
N GLY B 99 51.90 -33.32 -5.35
CA GLY B 99 53.27 -33.58 -4.90
C GLY B 99 53.55 -35.06 -4.76
N PRO B 100 54.79 -35.41 -4.34
CA PRO B 100 55.15 -36.83 -4.17
C PRO B 100 54.32 -37.55 -3.10
N GLU B 101 53.91 -36.82 -2.06
CA GLU B 101 53.25 -37.42 -0.89
C GLU B 101 51.73 -37.32 -0.87
N GLY B 102 51.19 -36.38 -1.66
CA GLY B 102 49.75 -36.20 -1.70
C GLY B 102 49.34 -34.96 -2.46
N ILE B 103 48.07 -34.57 -2.29
CA ILE B 103 47.53 -33.41 -2.99
C ILE B 103 47.32 -32.27 -2.01
N SER B 104 47.92 -31.13 -2.32
CA SER B 104 47.84 -29.95 -1.47
C SER B 104 46.77 -28.99 -1.98
N PHE B 105 45.93 -28.52 -1.06
CA PHE B 105 44.91 -27.52 -1.33
C PHE B 105 45.17 -26.28 -0.49
N GLY B 106 45.18 -25.11 -1.13
CA GLY B 106 45.21 -23.86 -0.39
C GLY B 106 44.00 -23.80 0.53
N ALA B 107 44.15 -23.14 1.67
CA ALA B 107 43.12 -23.14 2.73
C ALA B 107 41.81 -22.50 2.30
N ALA B 108 41.87 -21.62 1.29
CA ALA B 108 40.65 -20.95 0.79
C ALA B 108 39.90 -21.75 -0.29
N CYS B 109 40.50 -22.84 -0.78
CA CYS B 109 39.83 -23.70 -1.76
C CYS B 109 38.45 -24.14 -1.27
N ALA B 110 37.44 -23.90 -2.09
CA ALA B 110 36.08 -24.33 -1.78
C ALA B 110 36.00 -25.85 -1.75
N LEU B 111 35.11 -26.39 -0.92
CA LEU B 111 34.93 -27.83 -0.83
C LEU B 111 34.53 -28.44 -2.17
N SER B 112 33.80 -27.68 -3.00
CA SER B 112 33.49 -28.14 -4.35
C SER B 112 34.75 -28.41 -5.16
N SER B 113 35.77 -27.57 -4.97
CA SER B 113 37.05 -27.71 -5.68
C SER B 113 37.82 -28.90 -5.16
N VAL B 114 37.83 -29.06 -3.85
CA VAL B 114 38.40 -30.26 -3.24
C VAL B 114 37.74 -31.53 -3.79
N GLU B 115 36.41 -31.55 -3.81
CA GLU B 115 35.65 -32.71 -4.26
C GLU B 115 35.97 -33.02 -5.72
N LYS B 116 35.99 -32.01 -6.57
CA LYS B 116 36.28 -32.21 -7.99
C LYS B 116 37.67 -32.80 -8.21
N THR B 117 38.66 -32.21 -7.54
CA THR B 117 40.06 -32.63 -7.68
C THR B 117 40.23 -34.06 -7.19
N LEU B 118 39.63 -34.38 -6.04
CA LEU B 118 39.73 -35.72 -5.47
C LEU B 118 39.00 -36.78 -6.30
N LEU B 119 37.84 -36.43 -6.84
CA LEU B 119 37.11 -37.33 -7.75
C LEU B 119 37.96 -37.66 -8.98
N GLU B 120 38.63 -36.66 -9.53
CA GLU B 120 39.55 -36.88 -10.66
C GLU B 120 40.70 -37.79 -10.29
N ALA B 121 41.28 -37.57 -9.11
CA ALA B 121 42.41 -38.35 -8.64
C ALA B 121 42.01 -39.81 -8.45
N VAL B 122 40.84 -40.04 -7.87
CA VAL B 122 40.30 -41.39 -7.64
C VAL B 122 40.03 -42.11 -8.97
N ALA B 123 39.52 -41.36 -9.95
CA ALA B 123 39.20 -41.93 -11.27
C ALA B 123 40.45 -42.35 -12.04
N LYS B 124 41.56 -41.66 -11.84
CA LYS B 124 42.77 -41.94 -12.64
C LYS B 124 43.81 -42.82 -11.95
N LEU B 125 43.96 -42.67 -10.64
CA LEU B 125 45.03 -43.34 -9.89
C LEU B 125 44.61 -44.73 -9.40
N PRO B 126 45.60 -45.60 -9.10
CA PRO B 126 45.20 -46.91 -8.59
C PRO B 126 44.53 -46.81 -7.23
N THR B 127 43.61 -47.74 -6.99
CA THR B 127 42.84 -47.82 -5.74
C THR B 127 43.72 -47.74 -4.49
N GLN B 128 44.86 -48.42 -4.51
CA GLN B 128 45.74 -48.46 -3.34
C GLN B 128 46.32 -47.11 -2.92
N LYS B 129 46.27 -46.13 -3.82
CA LYS B 129 46.82 -44.80 -3.57
C LYS B 129 45.76 -43.81 -3.08
N THR B 130 44.49 -44.15 -3.26
CA THR B 130 43.41 -43.18 -3.07
C THR B 130 42.50 -43.48 -1.87
N GLU B 131 42.99 -44.26 -0.92
CA GLU B 131 42.18 -44.66 0.24
C GLU B 131 41.75 -43.46 1.08
N VAL B 132 42.67 -42.53 1.33
CA VAL B 132 42.32 -41.35 2.12
C VAL B 132 41.40 -40.41 1.32
N PHE B 133 41.71 -40.20 0.04
CA PHE B 133 40.86 -39.39 -0.84
C PHE B 133 39.42 -39.86 -0.83
N ARG B 134 39.24 -41.18 -0.93
CA ARG B 134 37.92 -41.82 -0.96
C ARG B 134 37.17 -41.56 0.37
N GLY B 135 37.90 -41.61 1.48
CA GLY B 135 37.36 -41.24 2.79
C GLY B 135 36.86 -39.80 2.84
N VAL B 136 37.65 -38.87 2.29
CA VAL B 136 37.22 -37.47 2.24
C VAL B 136 35.94 -37.33 1.41
N LEU B 137 35.92 -38.00 0.26
CA LEU B 137 34.77 -37.96 -0.66
C LEU B 137 33.51 -38.54 -0.04
N GLU B 138 33.64 -39.63 0.70
CA GLU B 138 32.50 -40.21 1.40
C GLU B 138 31.91 -39.20 2.39
N GLN B 139 32.78 -38.45 3.06
CA GLN B 139 32.31 -37.49 4.05
C GLN B 139 31.66 -36.30 3.38
N LEU B 140 32.08 -36.02 2.15
CA LEU B 140 31.48 -34.92 1.37
C LEU B 140 30.17 -35.32 0.68
N ARG B 141 29.84 -36.61 0.69
CA ARG B 141 28.53 -37.06 0.20
C ARG B 141 27.50 -36.79 1.29
N TRP B 142 26.38 -36.18 0.90
CA TRP B 142 25.29 -35.85 1.83
C TRP B 142 25.80 -34.95 2.93
N PHE B 143 26.53 -33.93 2.51
CA PHE B 143 27.25 -33.01 3.38
C PHE B 143 26.52 -31.67 3.39
N ALA B 144 26.36 -31.07 2.21
CA ALA B 144 25.58 -29.85 2.11
C ALA B 144 25.26 -29.62 0.66
N GLY B 145 24.43 -28.62 0.38
CA GLY B 145 24.07 -28.29 -0.98
C GLY B 145 25.26 -27.82 -1.79
N LYS B 146 25.08 -27.81 -3.10
CA LYS B 146 26.07 -27.27 -4.02
C LYS B 146 26.38 -25.82 -3.68
N GLN B 147 25.37 -25.08 -3.20
CA GLN B 147 25.52 -23.66 -2.81
C GLN B 147 26.51 -23.48 -1.69
N VAL B 148 26.48 -24.39 -0.72
CA VAL B 148 27.35 -24.29 0.41
C VAL B 148 28.74 -24.72 0.01
N LYS B 149 28.82 -25.85 -0.70
CA LYS B 149 30.14 -26.40 -1.03
C LYS B 149 30.92 -25.50 -2.00
N SER B 150 30.22 -24.68 -2.77
CA SER B 150 30.88 -23.76 -3.70
C SER B 150 31.60 -22.59 -3.03
N VAL B 151 31.22 -22.26 -1.79
CA VAL B 151 31.86 -21.14 -1.09
C VAL B 151 32.56 -21.52 0.23
N ALA B 152 32.12 -22.63 0.84
CA ALA B 152 32.74 -23.14 2.06
C ALA B 152 34.17 -23.59 1.81
N SER B 153 35.14 -22.95 2.46
CA SER B 153 36.54 -23.30 2.25
C SER B 153 36.92 -24.52 3.08
N LEU B 154 37.92 -25.24 2.59
CA LEU B 154 38.52 -26.37 3.31
C LEU B 154 39.11 -25.92 4.64
N GLY B 155 39.95 -24.88 4.59
CA GLY B 155 40.56 -24.30 5.79
C GLY B 155 39.55 -23.85 6.81
N GLY B 156 38.47 -23.23 6.34
CA GLY B 156 37.39 -22.79 7.23
C GLY B 156 36.78 -23.93 8.03
N ASN B 157 36.52 -25.06 7.40
CA ASN B 157 35.98 -26.21 8.13
C ASN B 157 36.96 -26.68 9.20
N ILE B 158 38.25 -26.78 8.82
CA ILE B 158 39.28 -27.23 9.75
C ILE B 158 39.39 -26.35 10.98
N ILE B 159 39.57 -25.05 10.75
CA ILE B 159 39.81 -24.09 11.84
C ILE B 159 38.55 -23.76 12.67
N THR B 160 37.38 -23.86 12.04
CA THR B 160 36.13 -23.80 12.79
C THR B 160 36.18 -24.79 13.97
N ALA B 161 36.70 -25.99 13.71
CA ALA B 161 36.96 -26.99 14.75
C ALA B 161 35.71 -27.38 15.51
N SER B 162 34.61 -27.58 14.77
CA SER B 162 33.40 -28.05 15.40
C SER B 162 33.62 -29.47 15.93
N PRO B 163 33.10 -29.79 17.12
CA PRO B 163 33.16 -31.18 17.59
C PRO B 163 32.63 -32.16 16.54
N ILE B 164 31.71 -31.71 15.69
CA ILE B 164 31.08 -32.61 14.72
C ILE B 164 31.51 -32.39 13.26
N SER B 165 32.63 -31.69 13.06
CA SER B 165 33.23 -31.61 11.73
C SER B 165 33.37 -33.02 11.18
N ASP B 166 32.89 -33.23 9.96
CA ASP B 166 33.02 -34.54 9.30
C ASP B 166 34.40 -34.71 8.67
N LEU B 167 35.12 -33.60 8.52
CA LEU B 167 36.41 -33.62 7.84
C LEU B 167 37.59 -33.79 8.80
N ASN B 168 37.57 -33.06 9.92
CA ASN B 168 38.67 -33.18 10.88
C ASN B 168 39.01 -34.61 11.35
N PRO B 169 37.99 -35.47 11.60
CA PRO B 169 38.35 -36.87 11.94
C PRO B 169 39.12 -37.60 10.84
N VAL B 170 38.81 -37.31 9.57
CA VAL B 170 39.51 -37.91 8.44
C VAL B 170 40.94 -37.36 8.32
N PHE B 171 41.08 -36.04 8.51
CA PHE B 171 42.40 -35.41 8.45
C PHE B 171 43.30 -35.85 9.60
N MET B 172 42.70 -36.05 10.77
CA MET B 172 43.46 -36.51 11.93
C MET B 172 43.91 -37.97 11.74
N ALA B 173 42.98 -38.83 11.34
CA ALA B 173 43.29 -40.26 11.17
C ALA B 173 44.36 -40.51 10.11
N SER B 174 44.41 -39.63 9.11
CA SER B 174 45.36 -39.75 8.01
C SER B 174 46.65 -38.94 8.19
N GLY B 175 46.77 -38.18 9.28
CA GLY B 175 47.92 -37.31 9.48
C GLY B 175 48.10 -36.28 8.38
N THR B 176 46.98 -35.78 7.88
CA THR B 176 46.99 -34.72 6.87
C THR B 176 47.86 -33.54 7.33
N LYS B 177 48.72 -33.08 6.42
CA LYS B 177 49.73 -32.08 6.77
C LYS B 177 49.19 -30.65 6.63
N LEU B 178 49.36 -29.87 7.70
CA LEU B 178 48.94 -28.48 7.73
C LEU B 178 50.12 -27.54 7.75
N THR B 179 50.22 -26.72 6.70
CA THR B 179 51.21 -25.64 6.61
C THR B 179 50.62 -24.34 7.16
N ILE B 180 51.31 -23.81 8.17
CA ILE B 180 50.79 -22.72 8.96
C ILE B 180 51.82 -21.60 8.98
N VAL B 181 51.39 -20.37 8.71
CA VAL B 181 52.32 -19.22 8.60
C VAL B 181 51.88 -17.98 9.38
N SER B 182 52.86 -17.15 9.73
CA SER B 182 52.62 -15.78 10.21
C SER B 182 53.82 -14.97 9.72
N ARG B 183 53.82 -13.66 9.99
CA ARG B 183 54.98 -12.84 9.64
C ARG B 183 56.22 -13.40 10.33
N GLY B 184 57.13 -13.94 9.53
CA GLY B 184 58.39 -14.47 10.04
C GLY B 184 58.35 -15.88 10.59
N THR B 185 57.25 -16.60 10.36
CA THR B 185 57.15 -18.01 10.76
C THR B 185 56.52 -18.86 9.67
N ARG B 186 56.94 -20.12 9.60
CA ARG B 186 56.39 -21.10 8.68
C ARG B 186 56.68 -22.49 9.20
N ARG B 187 55.63 -23.27 9.41
CA ARG B 187 55.76 -24.62 9.95
C ARG B 187 54.72 -25.55 9.33
N THR B 188 55.09 -26.81 9.16
CA THR B 188 54.18 -27.84 8.66
C THR B 188 54.06 -28.95 9.69
N VAL B 189 52.83 -29.28 10.05
CA VAL B 189 52.58 -30.33 11.04
C VAL B 189 51.52 -31.31 10.52
N PRO B 190 51.71 -32.63 10.77
CA PRO B 190 50.60 -33.54 10.50
C PRO B 190 49.53 -33.34 11.56
N MET B 191 48.26 -33.32 11.16
CA MET B 191 47.20 -33.19 12.14
C MET B 191 47.20 -34.42 13.04
N ASP B 192 47.19 -34.20 14.35
CA ASP B 192 47.00 -35.28 15.31
C ASP B 192 46.10 -34.83 16.46
N HIS B 193 46.00 -35.64 17.51
CA HIS B 193 45.13 -35.33 18.64
C HIS B 193 45.40 -33.97 19.31
N THR B 194 46.66 -33.54 19.27
CA THR B 194 47.08 -32.30 19.95
C THR B 194 46.61 -31.04 19.24
N PHE B 195 46.16 -31.17 17.98
CA PHE B 195 45.81 -30.00 17.18
C PHE B 195 44.54 -29.29 17.68
N PHE B 196 43.68 -30.04 18.38
CA PHE B 196 42.46 -29.48 18.94
C PHE B 196 42.52 -29.62 20.46
N PRO B 197 43.08 -28.59 21.15
CA PRO B 197 43.29 -28.69 22.59
C PRO B 197 42.02 -28.58 23.42
N SER B 198 41.03 -27.86 22.91
CA SER B 198 39.77 -27.63 23.63
C SER B 198 38.70 -27.16 22.67
N TYR B 199 37.51 -26.91 23.21
CA TYR B 199 36.32 -26.55 22.43
C TYR B 199 36.56 -25.39 21.46
N ARG B 200 36.37 -25.68 20.18
CA ARG B 200 36.47 -24.70 19.08
C ARG B 200 37.86 -24.06 18.95
N LYS B 201 38.87 -24.67 19.57
CA LYS B 201 40.24 -24.14 19.51
C LYS B 201 41.16 -25.06 18.72
N THR B 202 42.15 -24.47 18.05
CA THR B 202 43.20 -25.23 17.39
C THR B 202 44.57 -24.80 17.93
N LEU B 203 45.60 -25.58 17.60
CA LEU B 203 46.96 -25.25 18.03
C LEU B 203 47.61 -24.28 17.04
N LEU B 204 46.97 -23.12 16.86
CA LEU B 204 47.55 -22.01 16.11
C LEU B 204 47.75 -20.82 17.04
N GLY B 205 48.83 -20.08 16.82
CA GLY B 205 49.04 -18.80 17.49
C GLY B 205 48.04 -17.76 17.00
N PRO B 206 47.83 -16.69 17.78
CA PRO B 206 46.81 -15.68 17.45
C PRO B 206 47.02 -15.03 16.07
N GLU B 207 48.27 -14.96 15.63
CA GLU B 207 48.59 -14.35 14.35
C GLU B 207 48.56 -15.33 13.20
N GLU B 208 48.70 -16.62 13.52
CA GLU B 208 48.90 -17.64 12.50
C GLU B 208 47.69 -17.87 11.61
N ILE B 209 47.95 -18.13 10.35
CA ILE B 209 46.89 -18.52 9.41
C ILE B 209 47.25 -19.87 8.77
N LEU B 210 46.22 -20.67 8.49
CA LEU B 210 46.39 -21.92 7.78
C LEU B 210 46.55 -21.62 6.30
N LEU B 211 47.69 -22.01 5.74
CA LEU B 211 48.00 -21.71 4.34
C LEU B 211 47.52 -22.81 3.37
N SER B 212 47.87 -24.05 3.67
CA SER B 212 47.60 -25.17 2.78
C SER B 212 47.48 -26.47 3.56
N ILE B 213 46.82 -27.43 2.92
CA ILE B 213 46.46 -28.71 3.52
C ILE B 213 46.81 -29.80 2.53
N GLU B 214 47.71 -30.70 2.92
CA GLU B 214 48.11 -31.78 2.04
C GLU B 214 47.47 -33.10 2.46
N ILE B 215 46.52 -33.55 1.65
CA ILE B 215 45.84 -34.82 1.88
C ILE B 215 46.69 -35.92 1.25
N PRO B 216 47.14 -36.90 2.06
CA PRO B 216 48.14 -37.86 1.60
C PRO B 216 47.63 -38.97 0.70
N TYR B 217 48.50 -39.43 -0.20
CA TYR B 217 48.27 -40.71 -0.86
C TYR B 217 48.36 -41.80 0.20
N SER B 218 47.58 -42.86 0.02
CA SER B 218 47.69 -44.02 0.88
C SER B 218 48.82 -44.88 0.31
N ARG B 219 49.44 -45.68 1.17
CA ARG B 219 50.58 -46.50 0.79
C ARG B 219 50.16 -47.94 0.58
N GLU B 220 51.09 -48.79 0.14
CA GLU B 220 50.84 -50.22 0.15
C GLU B 220 50.54 -50.66 1.57
N ASP B 221 49.66 -51.65 1.71
CA ASP B 221 49.29 -52.22 3.02
C ASP B 221 48.56 -51.23 3.93
N GLU B 222 47.99 -50.18 3.34
CA GLU B 222 47.32 -49.11 4.10
C GLU B 222 45.89 -48.92 3.61
N PHE B 223 44.94 -48.95 4.55
CA PHE B 223 43.53 -48.85 4.20
C PHE B 223 42.83 -47.80 5.04
N PHE B 224 41.77 -47.23 4.48
CA PHE B 224 41.07 -46.12 5.12
C PHE B 224 39.57 -46.24 4.92
N SER B 225 38.81 -45.88 5.95
CA SER B 225 37.35 -45.74 5.83
C SER B 225 36.91 -44.50 6.60
N ALA B 226 35.79 -43.92 6.18
CA ALA B 226 35.16 -42.83 6.91
C ALA B 226 33.66 -43.11 7.03
N PHE B 227 33.08 -42.77 8.18
CA PHE B 227 31.64 -43.00 8.41
C PHE B 227 31.06 -41.83 9.16
N LYS B 228 29.75 -41.65 9.04
CA LYS B 228 29.08 -40.60 9.78
C LYS B 228 27.62 -40.94 10.05
N GLN B 229 27.20 -40.58 11.26
CA GLN B 229 25.81 -40.58 11.68
C GLN B 229 24.91 -39.84 10.71
N ALA B 230 23.72 -40.40 10.49
CA ALA B 230 22.72 -39.94 9.52
C ALA B 230 21.64 -39.03 10.15
N SER B 231 21.85 -38.65 11.40
CA SER B 231 21.02 -37.66 12.09
C SER B 231 21.90 -36.61 12.76
N ARG B 232 21.37 -35.41 12.94
CA ARG B 232 22.09 -34.37 13.66
C ARG B 232 21.02 -33.61 14.41
N ARG B 233 21.22 -33.45 15.71
CA ARG B 233 20.13 -33.01 16.58
C ARG B 233 20.48 -31.77 17.39
N GLU B 234 21.77 -31.51 17.56
CA GLU B 234 22.26 -30.31 18.23
C GLU B 234 23.16 -29.55 17.26
N ASP B 235 23.32 -28.26 17.51
CA ASP B 235 24.05 -27.36 16.61
C ASP B 235 25.48 -27.85 16.30
N ASP B 236 26.22 -28.26 17.32
CA ASP B 236 27.61 -28.64 17.07
C ASP B 236 28.19 -29.74 17.97
N ILE B 237 27.31 -30.61 18.47
CA ILE B 237 27.73 -31.75 19.27
C ILE B 237 26.92 -33.02 18.95
N ALA B 238 27.47 -34.16 19.37
CA ALA B 238 26.73 -35.43 19.44
C ALA B 238 26.24 -36.01 18.11
N LYS B 239 27.03 -35.77 17.07
CA LYS B 239 26.85 -36.47 15.81
C LYS B 239 28.13 -37.27 15.56
N VAL B 240 28.04 -38.59 15.65
CA VAL B 240 29.22 -39.43 15.49
C VAL B 240 29.73 -39.39 14.04
N THR B 241 31.01 -39.15 13.90
CA THR B 241 31.62 -39.06 12.58
C THR B 241 33.07 -39.47 12.75
N CYS B 242 33.62 -40.21 11.79
CA CYS B 242 34.93 -40.78 12.01
C CYS B 242 35.78 -41.00 10.78
N GLY B 243 37.09 -41.03 11.02
CA GLY B 243 38.06 -41.53 10.05
C GLY B 243 38.83 -42.66 10.71
N MET B 244 39.13 -43.68 9.91
CA MET B 244 39.83 -44.86 10.41
C MET B 244 40.89 -45.30 9.44
N ARG B 245 42.10 -45.50 9.95
CA ARG B 245 43.23 -45.91 9.13
C ARG B 245 44.01 -47.03 9.80
N VAL B 246 44.40 -48.01 8.99
CA VAL B 246 45.33 -49.04 9.43
C VAL B 246 46.46 -49.19 8.41
N LEU B 247 47.69 -49.29 8.91
CA LEU B 247 48.86 -49.65 8.11
C LEU B 247 49.37 -50.98 8.64
N PHE B 248 49.56 -51.95 7.75
CA PHE B 248 50.07 -53.25 8.15
C PHE B 248 51.55 -53.37 7.84
N GLN B 249 52.22 -54.34 8.48
CA GLN B 249 53.58 -54.69 8.09
C GLN B 249 53.52 -55.20 6.64
N PRO B 250 54.60 -54.97 5.85
CA PRO B 250 54.56 -55.29 4.42
C PRO B 250 53.99 -56.67 4.12
N GLY B 251 52.92 -56.67 3.31
CA GLY B 251 52.27 -57.89 2.83
C GLY B 251 51.60 -58.75 3.89
N SER B 252 51.34 -58.17 5.06
CA SER B 252 50.81 -58.93 6.20
C SER B 252 49.42 -58.46 6.66
N MET B 253 48.89 -59.14 7.68
CA MET B 253 47.68 -58.71 8.39
C MET B 253 48.08 -58.26 9.80
N GLN B 254 49.35 -57.92 9.97
CA GLN B 254 49.88 -57.50 11.26
C GLN B 254 49.93 -55.98 11.36
N VAL B 255 49.19 -55.45 12.32
CA VAL B 255 49.07 -54.00 12.52
C VAL B 255 50.42 -53.32 12.79
N LYS B 256 50.77 -52.35 11.94
CA LYS B 256 51.91 -51.47 12.19
C LYS B 256 51.46 -50.13 12.76
N GLU B 257 50.41 -49.55 12.18
CA GLU B 257 49.79 -48.31 12.66
C GLU B 257 48.28 -48.46 12.65
N LEU B 258 47.62 -47.81 13.61
CA LEU B 258 46.15 -47.79 13.66
C LEU B 258 45.69 -46.47 14.25
N ALA B 259 44.74 -45.83 13.56
CA ALA B 259 44.22 -44.55 14.00
C ALA B 259 42.72 -44.55 13.84
N LEU B 260 42.02 -44.33 14.96
CA LEU B 260 40.57 -44.25 14.97
C LEU B 260 40.22 -42.90 15.59
N CYS B 261 39.72 -41.97 14.77
CA CYS B 261 39.44 -40.63 15.24
C CYS B 261 37.96 -40.31 15.05
N TYR B 262 37.39 -39.69 16.07
CA TYR B 262 35.94 -39.47 16.12
C TYR B 262 35.57 -38.04 16.44
N GLY B 263 34.55 -37.55 15.76
CA GLY B 263 33.84 -36.35 16.17
C GLY B 263 32.56 -36.79 16.86
N GLY B 264 31.91 -35.86 17.54
CA GLY B 264 30.60 -36.11 18.14
C GLY B 264 30.61 -36.93 19.41
N MET B 265 31.81 -37.16 19.97
CA MET B 265 31.97 -37.98 21.18
C MET B 265 32.54 -37.19 22.36
N ALA B 266 32.75 -35.90 22.15
CA ALA B 266 33.40 -35.00 23.09
C ALA B 266 33.27 -33.58 22.52
N ASP B 267 33.87 -32.61 23.19
CA ASP B 267 33.74 -31.22 22.73
C ASP B 267 34.82 -30.84 21.70
N ARG B 268 35.44 -31.86 21.11
CA ARG B 268 36.43 -31.67 20.05
C ARG B 268 36.63 -33.00 19.33
N THR B 269 37.29 -32.97 18.18
CA THR B 269 37.72 -34.19 17.52
C THR B 269 38.77 -34.89 18.38
N ILE B 270 38.58 -36.19 18.61
CA ILE B 270 39.48 -36.99 19.45
C ILE B 270 39.94 -38.27 18.78
N SER B 271 41.06 -38.79 19.28
CA SER B 271 41.61 -40.04 18.81
C SER B 271 41.56 -41.09 19.92
N ALA B 272 41.13 -42.31 19.58
CA ALA B 272 41.05 -43.41 20.54
C ALA B 272 42.43 -44.06 20.69
N LEU B 273 43.38 -43.28 21.18
CA LEU B 273 44.80 -43.64 21.17
C LEU B 273 45.17 -44.78 22.12
N LYS B 274 44.56 -44.80 23.30
CA LYS B 274 44.79 -45.90 24.25
C LYS B 274 44.36 -47.23 23.62
N THR B 275 43.19 -47.22 22.98
CA THR B 275 42.68 -48.39 22.28
C THR B 275 43.56 -48.85 21.11
N THR B 276 43.97 -47.91 20.25
CA THR B 276 44.73 -48.29 19.06
C THR B 276 46.18 -48.71 19.37
N GLN B 277 46.78 -48.07 20.39
CA GLN B 277 48.14 -48.40 20.83
C GLN B 277 48.24 -49.88 21.24
N LYS B 278 47.19 -50.38 21.89
CA LYS B 278 47.14 -51.79 22.33
C LYS B 278 47.12 -52.80 21.17
N GLN B 279 46.83 -52.33 19.96
CA GLN B 279 46.69 -53.25 18.83
C GLN B 279 47.92 -53.36 17.96
N LEU B 280 48.95 -52.56 18.26
CA LEU B 280 50.19 -52.61 17.48
C LEU B 280 50.82 -54.00 17.58
N SER B 281 51.19 -54.53 16.41
CA SER B 281 51.74 -55.89 16.25
C SER B 281 50.72 -57.03 16.33
N LYS B 282 49.46 -56.70 16.67
CA LYS B 282 48.37 -57.68 16.63
C LYS B 282 47.93 -58.00 15.20
N PHE B 283 47.28 -59.14 15.02
CA PHE B 283 46.78 -59.54 13.71
C PHE B 283 45.32 -59.15 13.55
N TRP B 284 44.91 -58.93 12.31
CA TRP B 284 43.57 -58.45 11.99
C TRP B 284 42.57 -59.60 12.01
N ASN B 285 42.06 -59.90 13.20
CA ASN B 285 41.18 -61.05 13.42
C ASN B 285 40.08 -60.77 14.43
N GLU B 286 39.30 -61.80 14.74
CA GLU B 286 38.15 -61.67 15.65
C GLU B 286 38.56 -61.17 17.05
N LYS B 287 39.74 -61.57 17.51
CA LYS B 287 40.24 -61.10 18.80
C LYS B 287 40.51 -59.60 18.78
N LEU B 288 41.07 -59.12 17.68
CA LEU B 288 41.31 -57.68 17.51
C LEU B 288 39.98 -56.93 17.49
N LEU B 289 39.00 -57.45 16.76
CA LEU B 289 37.66 -56.86 16.74
C LEU B 289 37.10 -56.74 18.17
N GLN B 290 37.20 -57.83 18.93
CA GLN B 290 36.77 -57.83 20.34
C GLN B 290 37.50 -56.79 21.20
N ASP B 291 38.84 -56.79 21.14
CA ASP B 291 39.65 -55.88 21.95
C ASP B 291 39.43 -54.41 21.58
N VAL B 292 39.37 -54.11 20.28
CA VAL B 292 39.10 -52.73 19.84
C VAL B 292 37.73 -52.27 20.34
N CYS B 293 36.71 -53.10 20.16
CA CYS B 293 35.36 -52.75 20.64
C CYS B 293 35.32 -52.54 22.15
N ALA B 294 36.01 -53.41 22.91
CA ALA B 294 36.14 -53.22 24.35
C ALA B 294 36.82 -51.89 24.72
N GLY B 295 37.87 -51.56 23.96
CA GLY B 295 38.60 -50.33 24.17
C GLY B 295 37.77 -49.10 23.89
N LEU B 296 37.08 -49.12 22.74
CA LEU B 296 36.23 -48.00 22.33
C LEU B 296 35.11 -47.75 23.32
N ALA B 297 34.50 -48.82 23.79
CA ALA B 297 33.40 -48.73 24.75
C ALA B 297 33.85 -48.03 26.04
N GLU B 298 35.11 -48.28 26.42
CA GLU B 298 35.68 -47.67 27.62
C GLU B 298 36.25 -46.26 27.37
N GLU B 299 37.13 -46.16 26.39
CA GLU B 299 37.85 -44.92 26.13
C GLU B 299 36.92 -43.76 25.75
N LEU B 300 35.88 -44.07 24.99
CA LEU B 300 34.95 -43.06 24.50
C LEU B 300 33.64 -43.06 25.31
N SER B 301 33.68 -43.66 26.50
CA SER B 301 32.50 -43.78 27.36
C SER B 301 31.86 -42.42 27.63
N LEU B 302 30.52 -42.39 27.58
CA LEU B 302 29.77 -41.16 27.83
C LEU B 302 28.95 -41.27 29.11
N SER B 303 28.95 -40.20 29.91
CA SER B 303 28.08 -40.12 31.08
C SER B 303 26.62 -40.07 30.67
N PRO B 304 25.69 -40.57 31.53
CA PRO B 304 24.27 -40.49 31.24
C PRO B 304 23.82 -39.08 30.90
N ASP B 305 24.50 -38.09 31.49
CA ASP B 305 24.15 -36.68 31.33
C ASP B 305 25.06 -35.96 30.33
N ALA B 306 25.77 -36.71 29.50
CA ALA B 306 26.66 -36.08 28.51
C ALA B 306 25.88 -35.14 27.59
N PRO B 307 26.48 -33.98 27.25
CA PRO B 307 25.81 -33.06 26.34
C PRO B 307 25.41 -33.76 25.03
N GLY B 308 24.18 -33.55 24.60
CA GLY B 308 23.72 -34.13 23.34
C GLY B 308 22.90 -35.40 23.46
N GLY B 309 23.04 -36.10 24.59
CA GLY B 309 22.28 -37.34 24.82
C GLY B 309 22.55 -38.40 23.77
N MET B 310 21.52 -39.18 23.41
CA MET B 310 21.67 -40.31 22.49
C MET B 310 22.87 -41.15 22.88
N ILE B 311 23.00 -41.40 24.18
CA ILE B 311 24.19 -42.03 24.74
C ILE B 311 24.42 -43.45 24.23
N GLU B 312 23.39 -44.29 24.30
CA GLU B 312 23.48 -45.67 23.82
C GLU B 312 23.79 -45.72 22.33
N PHE B 313 23.05 -44.93 21.56
CA PHE B 313 23.20 -44.87 20.10
C PHE B 313 24.61 -44.49 19.69
N ARG B 314 25.16 -43.46 20.34
CA ARG B 314 26.47 -42.99 19.99
C ARG B 314 27.53 -44.05 20.29
N ARG B 315 27.43 -44.69 21.47
CA ARG B 315 28.34 -45.79 21.78
C ARG B 315 28.22 -46.89 20.72
N THR B 316 26.99 -47.28 20.41
CA THR B 316 26.75 -48.33 19.42
C THR B 316 27.35 -47.97 18.05
N LEU B 317 27.23 -46.70 17.65
CA LEU B 317 27.82 -46.27 16.38
C LEU B 317 29.33 -46.35 16.40
N THR B 318 29.97 -45.96 17.49
CA THR B 318 31.44 -46.03 17.52
C THR B 318 31.91 -47.46 17.25
N LEU B 319 31.23 -48.44 17.83
CA LEU B 319 31.59 -49.84 17.61
C LEU B 319 31.14 -50.35 16.25
N SER B 320 29.93 -49.98 15.85
CA SER B 320 29.37 -50.42 14.56
C SER B 320 30.18 -49.92 13.37
N PHE B 321 30.61 -48.67 13.44
CA PHE B 321 31.51 -48.11 12.43
C PHE B 321 32.83 -48.86 12.40
N PHE B 322 33.39 -49.18 13.58
CA PHE B 322 34.63 -49.93 13.55
C PHE B 322 34.41 -51.30 12.92
N PHE B 323 33.28 -51.95 13.26
CA PHE B 323 32.93 -53.23 12.66
C PHE B 323 32.93 -53.16 11.13
N LYS B 324 32.32 -52.10 10.58
CA LYS B 324 32.30 -51.90 9.13
C LYS B 324 33.71 -51.74 8.59
N PHE B 325 34.54 -50.97 9.30
CA PHE B 325 35.95 -50.82 8.93
C PHE B 325 36.67 -52.17 8.96
N TYR B 326 36.44 -52.92 10.04
CA TYR B 326 37.07 -54.24 10.23
C TYR B 326 36.78 -55.17 9.05
N LEU B 327 35.49 -55.24 8.66
CA LEU B 327 35.08 -56.10 7.55
C LEU B 327 35.60 -55.60 6.20
N THR B 328 35.60 -54.28 6.00
CA THR B 328 36.07 -53.67 4.77
C THR B 328 37.57 -53.94 4.56
N VAL B 329 38.33 -53.85 5.64
CA VAL B 329 39.77 -54.14 5.60
C VAL B 329 40.02 -55.61 5.28
N LEU B 330 39.20 -56.50 5.84
CA LEU B 330 39.29 -57.92 5.50
C LEU B 330 39.03 -58.19 4.01
N LYS B 331 38.07 -57.46 3.44
CA LYS B 331 37.76 -57.59 2.01
C LYS B 331 38.93 -57.09 1.17
N LYS B 332 39.53 -55.98 1.59
CA LYS B 332 40.68 -55.38 0.91
C LYS B 332 41.95 -56.22 1.05
N LEU B 333 42.12 -56.86 2.21
CA LEU B 333 43.25 -57.75 2.46
C LEU B 333 43.21 -58.98 1.56
N GLY B 334 41.98 -59.42 1.25
CA GLY B 334 41.77 -60.58 0.39
C GLY B 334 40.45 -61.26 0.68
N ASP C 1 -14.79 -25.89 -20.26
CA ASP C 1 -15.01 -26.54 -18.93
C ASP C 1 -13.72 -27.24 -18.52
N THR C 2 -13.01 -26.69 -17.53
CA THR C 2 -11.72 -27.23 -17.14
C THR C 2 -11.81 -28.12 -15.89
N VAL C 3 -13.00 -28.26 -15.34
CA VAL C 3 -13.18 -29.08 -14.14
C VAL C 3 -12.83 -30.53 -14.47
N GLY C 4 -11.89 -31.09 -13.71
CA GLY C 4 -11.37 -32.42 -14.01
C GLY C 4 -10.12 -32.45 -14.86
N ARG C 5 -9.68 -31.28 -15.32
CA ARG C 5 -8.45 -31.14 -16.11
C ARG C 5 -7.24 -30.77 -15.26
N PRO C 6 -6.04 -31.27 -15.61
CA PRO C 6 -4.84 -30.94 -14.83
C PRO C 6 -4.28 -29.53 -15.09
N LEU C 7 -5.08 -28.50 -14.83
CA LEU C 7 -4.65 -27.11 -15.02
C LEU C 7 -3.54 -26.76 -14.02
N PRO C 8 -2.38 -26.28 -14.49
CA PRO C 8 -1.39 -25.85 -13.50
C PRO C 8 -1.93 -24.74 -12.60
N HIS C 9 -1.45 -24.74 -11.35
CA HIS C 9 -1.68 -23.66 -10.40
C HIS C 9 -1.57 -22.31 -11.11
N LEU C 10 -2.58 -21.47 -10.95
CA LEU C 10 -2.65 -20.21 -11.71
C LEU C 10 -1.42 -19.30 -11.55
N ALA C 11 -0.77 -19.35 -10.39
CA ALA C 11 0.38 -18.47 -10.12
C ALA C 11 1.72 -19.14 -10.33
N ALA C 12 1.72 -20.37 -10.82
CA ALA C 12 2.95 -21.18 -10.91
C ALA C 12 4.04 -20.46 -11.73
N ALA C 13 3.66 -19.88 -12.86
CA ALA C 13 4.64 -19.22 -13.73
C ALA C 13 5.27 -18.01 -13.02
N MET C 14 4.44 -17.22 -12.34
CA MET C 14 4.92 -16.08 -11.56
C MET C 14 5.76 -16.50 -10.37
N GLN C 15 5.44 -17.67 -9.82
CA GLN C 15 6.23 -18.21 -8.72
C GLN C 15 7.62 -18.63 -9.21
N ALA C 16 7.67 -19.24 -10.38
CA ALA C 16 8.93 -19.67 -10.99
C ALA C 16 9.79 -18.49 -11.44
N SER C 17 9.15 -17.35 -11.71
CA SER C 17 9.89 -16.18 -12.18
C SER C 17 10.23 -15.20 -11.06
N GLY C 18 9.75 -15.48 -9.85
CA GLY C 18 10.01 -14.56 -8.73
C GLY C 18 9.17 -13.29 -8.76
N GLU C 19 8.14 -13.30 -9.60
CA GLU C 19 7.22 -12.17 -9.73
C GLU C 19 6.04 -12.24 -8.75
N ALA C 20 5.67 -13.45 -8.34
CA ALA C 20 4.62 -13.60 -7.33
C ALA C 20 5.03 -12.86 -6.05
N VAL C 21 4.12 -12.04 -5.53
CA VAL C 21 4.44 -11.22 -4.36
C VAL C 21 3.94 -11.89 -3.06
N TYR C 22 4.90 -12.14 -2.15
CA TYR C 22 4.58 -12.58 -0.79
C TYR C 22 4.66 -11.36 0.13
N CYS C 23 4.16 -11.51 1.35
CA CYS C 23 4.02 -10.37 2.25
C CYS C 23 5.26 -9.48 2.31
N ASP C 24 6.43 -10.06 2.57
CA ASP C 24 7.63 -9.24 2.73
C ASP C 24 8.17 -8.69 1.41
N ASP C 25 7.65 -9.18 0.28
CA ASP C 25 8.04 -8.66 -1.03
C ASP C 25 7.34 -7.35 -1.36
N ILE C 26 6.25 -7.05 -0.64
CA ILE C 26 5.58 -5.78 -0.82
C ILE C 26 6.55 -4.64 -0.54
N PRO C 27 6.59 -3.62 -1.43
CA PRO C 27 7.52 -2.52 -1.16
C PRO C 27 7.26 -1.83 0.17
N ARG C 28 8.32 -1.29 0.75
CA ARG C 28 8.26 -0.56 2.00
C ARG C 28 7.83 0.88 1.75
N TYR C 29 6.99 1.42 2.61
CA TYR C 29 6.78 2.87 2.65
C TYR C 29 8.07 3.58 3.07
N GLU C 30 8.24 4.81 2.60
CA GLU C 30 9.42 5.63 2.92
C GLU C 30 9.72 5.68 4.43
N ASN C 31 8.66 5.67 5.25
CA ASN C 31 8.74 5.83 6.70
C ASN C 31 8.47 4.54 7.47
N GLU C 32 8.52 3.41 6.78
CA GLU C 32 8.15 2.12 7.35
C GLU C 32 9.23 1.60 8.28
N LEU C 33 8.80 1.18 9.48
CA LEU C 33 9.69 0.65 10.50
C LEU C 33 9.62 -0.88 10.60
N PHE C 34 10.49 -1.44 11.41
CA PHE C 34 10.60 -2.90 11.56
C PHE C 34 10.53 -3.32 13.01
N LEU C 35 9.82 -4.42 13.27
CA LEU C 35 9.64 -4.91 14.63
C LEU C 35 10.38 -6.23 14.82
N ARG C 36 10.99 -6.39 15.99
CA ARG C 36 11.55 -7.68 16.38
C ARG C 36 11.03 -8.02 17.77
N LEU C 37 10.46 -9.23 17.90
CA LEU C 37 9.95 -9.68 19.20
C LEU C 37 11.08 -9.95 20.19
N VAL C 38 10.78 -9.64 21.46
CA VAL C 38 11.67 -9.99 22.57
C VAL C 38 10.94 -11.06 23.38
N THR C 39 11.58 -12.22 23.54
CA THR C 39 10.93 -13.39 24.14
C THR C 39 11.67 -13.95 25.34
N SER C 40 10.94 -14.70 26.15
CA SER C 40 11.49 -15.36 27.32
C SER C 40 12.56 -16.40 27.02
N THR C 41 13.58 -16.42 27.88
CA THR C 41 14.60 -17.47 27.81
C THR C 41 14.38 -18.52 28.90
N ARG C 42 13.29 -18.35 29.67
CA ARG C 42 12.96 -19.25 30.78
C ARG C 42 11.62 -19.92 30.55
N ALA C 43 11.53 -21.19 30.96
CA ALA C 43 10.28 -21.93 30.81
C ALA C 43 9.16 -21.40 31.71
N HIS C 44 9.52 -20.97 32.93
CA HIS C 44 8.52 -20.49 33.87
C HIS C 44 9.22 -19.64 34.92
N ALA C 45 8.85 -18.37 34.99
CA ALA C 45 9.56 -17.42 35.84
C ALA C 45 8.81 -16.10 35.99
N LYS C 46 9.07 -15.41 37.08
CA LYS C 46 8.59 -14.04 37.23
C LYS C 46 9.56 -13.13 36.47
N ILE C 47 9.01 -12.11 35.82
CA ILE C 47 9.85 -11.09 35.18
C ILE C 47 10.15 -10.01 36.22
N LYS C 48 11.43 -9.84 36.53
CA LYS C 48 11.87 -8.90 37.57
C LYS C 48 12.38 -7.56 37.03
N SER C 49 12.87 -7.57 35.80
CA SER C 49 13.27 -6.35 35.12
C SER C 49 13.47 -6.57 33.63
N ILE C 50 13.20 -5.53 32.85
CA ILE C 50 13.52 -5.51 31.43
C ILE C 50 14.31 -4.24 31.20
N ASP C 51 15.55 -4.41 30.78
CA ASP C 51 16.50 -3.31 30.66
C ASP C 51 16.75 -3.05 29.18
N VAL C 52 16.36 -1.86 28.72
CA VAL C 52 16.50 -1.48 27.31
C VAL C 52 17.59 -0.43 27.09
N SER C 53 18.40 -0.19 28.11
CA SER C 53 19.43 0.86 28.05
C SER C 53 20.47 0.63 26.94
N GLU C 54 20.85 -0.62 26.70
CA GLU C 54 21.79 -0.93 25.63
C GLU C 54 21.09 -0.93 24.27
N ALA C 55 19.86 -1.41 24.24
CA ALA C 55 19.06 -1.39 23.01
C ALA C 55 18.89 0.05 22.48
N GLN C 56 18.71 1.00 23.39
CA GLN C 56 18.52 2.42 23.05
C GLN C 56 19.72 3.06 22.37
N LYS C 57 20.88 2.42 22.49
CA LYS C 57 22.13 2.92 21.92
C LYS C 57 22.38 2.39 20.51
N VAL C 58 21.53 1.46 20.07
CA VAL C 58 21.67 0.92 18.73
C VAL C 58 21.15 1.97 17.73
N PRO C 59 21.97 2.29 16.71
CA PRO C 59 21.54 3.20 15.67
C PRO C 59 20.20 2.76 15.09
N GLY C 60 19.30 3.72 14.89
CA GLY C 60 18.00 3.46 14.29
C GLY C 60 16.95 2.94 15.26
N PHE C 61 17.32 2.75 16.51
CA PHE C 61 16.36 2.36 17.53
C PHE C 61 15.24 3.39 17.65
N VAL C 62 13.99 2.91 17.70
CA VAL C 62 12.84 3.80 17.83
C VAL C 62 12.21 3.68 19.21
N CYS C 63 11.77 2.48 19.57
CA CYS C 63 11.15 2.26 20.89
C CYS C 63 11.12 0.80 21.28
N PHE C 64 10.94 0.55 22.57
CA PHE C 64 10.59 -0.77 23.06
C PHE C 64 9.14 -0.76 23.48
N LEU C 65 8.39 -1.75 23.01
CA LEU C 65 6.99 -1.93 23.37
C LEU C 65 6.84 -3.08 24.36
N SER C 66 5.95 -2.87 25.32
CA SER C 66 5.57 -3.87 26.32
C SER C 66 4.08 -3.74 26.61
N ALA C 67 3.59 -4.55 27.55
CA ALA C 67 2.16 -4.58 27.90
C ALA C 67 1.61 -3.20 28.24
N ASP C 68 2.41 -2.37 28.91
CA ASP C 68 1.99 -1.03 29.32
C ASP C 68 1.57 -0.11 28.16
N ASP C 69 2.09 -0.39 26.96
CA ASP C 69 1.84 0.42 25.77
C ASP C 69 0.51 0.12 25.07
N ILE C 70 -0.10 -1.02 25.43
CA ILE C 70 -1.35 -1.45 24.81
C ILE C 70 -2.53 -0.57 25.23
N PRO C 71 -3.24 0.03 24.25
CA PRO C 71 -4.36 0.93 24.53
C PRO C 71 -5.67 0.24 24.86
N GLY C 72 -5.85 -0.99 24.38
CA GLY C 72 -7.11 -1.69 24.56
C GLY C 72 -7.00 -2.85 25.55
N SER C 73 -6.61 -4.01 25.06
CA SER C 73 -6.59 -5.20 25.90
C SER C 73 -5.32 -6.00 25.71
N ASN C 74 -4.76 -6.49 26.80
CA ASN C 74 -3.61 -7.39 26.72
C ASN C 74 -4.05 -8.84 26.78
N GLU C 75 -5.36 -9.08 26.68
CA GLU C 75 -5.93 -10.44 26.74
C GLU C 75 -6.25 -10.90 25.32
N THR C 76 -5.65 -12.02 24.91
CA THR C 76 -5.77 -12.48 23.53
C THR C 76 -5.78 -14.01 23.45
N GLY C 77 -5.79 -14.54 22.23
CA GLY C 77 -5.80 -15.97 22.00
C GLY C 77 -7.21 -16.49 21.79
N LEU C 78 -7.32 -17.64 21.12
CA LEU C 78 -8.63 -18.17 20.77
C LEU C 78 -9.56 -18.29 21.98
N PHE C 79 -9.01 -18.67 23.14
CA PHE C 79 -9.79 -18.78 24.38
C PHE C 79 -9.43 -17.73 25.43
N ASN C 80 -8.85 -16.62 24.98
CA ASN C 80 -8.63 -15.44 25.85
C ASN C 80 -7.79 -15.75 27.07
N ASP C 81 -6.88 -16.71 26.92
CA ASP C 81 -6.06 -17.17 28.02
C ASP C 81 -4.58 -16.85 27.76
N GLU C 82 -4.35 -15.95 26.80
CA GLU C 82 -2.99 -15.50 26.48
C GLU C 82 -2.80 -13.99 26.70
N THR C 83 -1.55 -13.58 26.79
CA THR C 83 -1.20 -12.18 26.75
C THR C 83 -0.67 -11.83 25.37
N VAL C 84 -0.85 -10.57 24.97
CA VAL C 84 -0.15 -10.07 23.79
C VAL C 84 1.31 -9.97 24.19
N PHE C 85 1.58 -9.30 25.30
CA PHE C 85 2.92 -9.20 25.88
C PHE C 85 2.83 -9.63 27.33
N ALA C 86 3.68 -10.57 27.71
CA ALA C 86 3.75 -11.07 29.08
C ALA C 86 4.07 -9.91 30.03
N LYS C 87 3.40 -9.84 31.17
CA LYS C 87 3.64 -8.70 32.05
C LYS C 87 4.45 -9.01 33.32
N ASP C 88 3.99 -9.99 34.09
CA ASP C 88 4.60 -10.31 35.38
C ASP C 88 5.31 -11.66 35.35
N THR C 89 4.78 -12.57 34.54
CA THR C 89 5.22 -13.97 34.52
C THR C 89 5.38 -14.46 33.09
N VAL C 90 6.45 -15.21 32.85
CA VAL C 90 6.62 -15.92 31.57
C VAL C 90 6.33 -17.40 31.82
N THR C 91 5.72 -18.06 30.83
CA THR C 91 5.27 -19.45 31.01
C THR C 91 5.75 -20.38 29.92
N CYS C 92 6.68 -19.91 29.08
CA CYS C 92 7.45 -20.79 28.20
C CYS C 92 8.66 -20.07 27.67
N VAL C 93 9.69 -20.84 27.29
CA VAL C 93 10.77 -20.29 26.47
C VAL C 93 10.10 -19.84 25.16
N GLY C 94 10.35 -18.61 24.73
CA GLY C 94 9.70 -18.09 23.52
C GLY C 94 8.44 -17.29 23.81
N HIS C 95 8.03 -17.21 25.07
CA HIS C 95 6.89 -16.38 25.45
C HIS C 95 7.21 -14.91 25.16
N ILE C 96 6.35 -14.27 24.38
CA ILE C 96 6.60 -12.89 23.95
C ILE C 96 6.43 -11.92 25.12
N ILE C 97 7.51 -11.20 25.41
CA ILE C 97 7.55 -10.20 26.48
C ILE C 97 7.35 -8.78 25.97
N GLY C 98 7.83 -8.51 24.76
CA GLY C 98 7.72 -7.19 24.18
C GLY C 98 8.31 -7.18 22.79
N ALA C 99 8.64 -6.00 22.31
CA ALA C 99 9.17 -5.85 20.97
C ALA C 99 9.98 -4.58 20.82
N VAL C 100 11.05 -4.67 20.03
CA VAL C 100 11.83 -3.51 19.62
C VAL C 100 11.32 -3.05 18.25
N VAL C 101 11.24 -1.73 18.09
CA VAL C 101 10.95 -1.14 16.78
C VAL C 101 12.18 -0.35 16.37
N ALA C 102 12.62 -0.53 15.13
CA ALA C 102 13.78 0.22 14.62
C ALA C 102 13.65 0.52 13.13
N ASP C 103 14.61 1.26 12.58
CA ASP C 103 14.49 1.73 11.19
C ASP C 103 14.86 0.69 10.11
N THR C 104 15.53 -0.39 10.51
CA THR C 104 15.86 -1.49 9.59
C THR C 104 15.71 -2.81 10.34
N PRO C 105 15.49 -3.94 9.61
CA PRO C 105 15.40 -5.22 10.33
C PRO C 105 16.72 -5.61 11.03
N GLU C 106 17.85 -5.24 10.42
CA GLU C 106 19.17 -5.46 11.00
C GLU C 106 19.30 -4.74 12.35
N HIS C 107 18.83 -3.50 12.38
CA HIS C 107 18.87 -2.70 13.61
C HIS C 107 17.91 -3.24 14.67
N ALA C 108 16.72 -3.67 14.25
CA ALA C 108 15.77 -4.28 15.20
C ALA C 108 16.37 -5.54 15.82
N GLU C 109 17.00 -6.35 15.00
CA GLU C 109 17.65 -7.57 15.46
C GLU C 109 18.73 -7.26 16.49
N ARG C 110 19.62 -6.33 16.14
CA ARG C 110 20.72 -5.91 17.00
C ARG C 110 20.22 -5.42 18.35
N ALA C 111 19.18 -4.58 18.31
CA ALA C 111 18.61 -4.02 19.54
C ALA C 111 17.95 -5.08 20.41
N ALA C 112 17.16 -5.96 19.80
CA ALA C 112 16.46 -6.98 20.58
C ALA C 112 17.45 -7.88 21.34
N HIS C 113 18.57 -8.16 20.70
CA HIS C 113 19.59 -9.03 21.30
C HIS C 113 20.14 -8.50 22.60
N VAL C 114 20.20 -7.18 22.74
CA VAL C 114 20.83 -6.57 23.92
C VAL C 114 19.82 -6.07 24.95
N VAL C 115 18.54 -6.36 24.70
CA VAL C 115 17.53 -6.21 25.73
C VAL C 115 17.76 -7.29 26.79
N LYS C 116 17.93 -6.86 28.04
CA LYS C 116 18.28 -7.74 29.15
C LYS C 116 17.10 -7.97 30.07
N VAL C 117 16.75 -9.23 30.28
CA VAL C 117 15.65 -9.57 31.16
C VAL C 117 16.20 -10.30 32.38
N THR C 118 15.68 -9.95 33.55
CA THR C 118 16.00 -10.61 34.80
C THR C 118 14.79 -11.38 35.29
N TYR C 119 15.02 -12.62 35.71
CA TYR C 119 13.96 -13.55 36.08
C TYR C 119 14.11 -14.12 37.48
N GLU C 120 12.99 -14.57 38.03
CA GLU C 120 12.98 -15.44 39.19
C GLU C 120 12.25 -16.72 38.82
N ASP C 121 12.98 -17.82 38.73
CA ASP C 121 12.41 -19.11 38.28
C ASP C 121 11.27 -19.63 39.14
N LEU C 122 10.29 -20.24 38.48
CA LEU C 122 9.19 -20.92 39.13
C LEU C 122 9.17 -22.37 38.67
N PRO C 123 8.61 -23.29 39.47
CA PRO C 123 8.59 -24.70 39.04
C PRO C 123 7.94 -24.87 37.67
N ALA C 124 8.61 -25.59 36.79
CA ALA C 124 8.16 -25.76 35.41
C ALA C 124 7.69 -27.18 35.15
N ILE C 125 6.74 -27.31 34.22
CA ILE C 125 6.22 -28.59 33.80
C ILE C 125 6.42 -28.64 32.29
N ILE C 126 7.22 -29.60 31.83
CA ILE C 126 7.61 -29.67 30.42
C ILE C 126 7.03 -30.89 29.72
N THR C 127 7.19 -32.06 30.34
CA THR C 127 6.83 -33.31 29.69
C THR C 127 5.39 -33.68 29.99
N ILE C 128 4.83 -34.57 29.18
CA ILE C 128 3.50 -35.09 29.41
C ILE C 128 3.46 -35.80 30.77
N GLU C 129 4.48 -36.61 31.04
CA GLU C 129 4.58 -37.28 32.34
C GLU C 129 4.60 -36.26 33.50
N ASP C 130 5.40 -35.21 33.34
CA ASP C 130 5.42 -34.04 34.26
C ASP C 130 3.97 -33.57 34.52
N ALA C 131 3.23 -33.38 33.43
CA ALA C 131 1.87 -32.83 33.52
C ALA C 131 0.91 -33.78 34.23
N ILE C 132 0.98 -35.07 33.88
CA ILE C 132 0.13 -36.09 34.50
C ILE C 132 0.42 -36.20 36.00
N LYS C 133 1.70 -36.28 36.35
CA LYS C 133 2.12 -36.32 37.76
C LYS C 133 1.63 -35.10 38.55
N ASN C 134 1.55 -33.94 37.90
CA ASN C 134 1.16 -32.70 38.57
C ASN C 134 -0.29 -32.32 38.36
N ASN C 135 -1.06 -33.18 37.71
CA ASN C 135 -2.46 -32.91 37.38
C ASN C 135 -2.62 -31.57 36.64
N SER C 136 -1.75 -31.34 35.66
CA SER C 136 -1.72 -30.06 34.96
C SER C 136 -2.38 -30.22 33.61
N PHE C 137 -3.69 -29.95 33.58
CA PHE C 137 -4.51 -30.16 32.38
C PHE C 137 -5.36 -28.94 32.06
N TYR C 138 -5.70 -28.77 30.79
CA TYR C 138 -6.74 -27.83 30.38
C TYR C 138 -8.05 -28.58 30.31
N GLY C 139 -9.02 -28.14 31.10
CA GLY C 139 -10.36 -28.72 31.06
C GLY C 139 -10.42 -30.14 31.54
N SER C 140 -11.55 -30.79 31.27
CA SER C 140 -11.79 -32.14 31.77
C SER C 140 -11.52 -33.20 30.70
N GLU C 141 -11.67 -34.46 31.08
CA GLU C 141 -11.43 -35.57 30.18
C GLU C 141 -12.45 -35.59 29.04
N LEU C 142 -11.98 -35.78 27.82
CA LEU C 142 -12.86 -36.05 26.67
C LEU C 142 -12.99 -37.55 26.49
N LYS C 143 -14.16 -37.99 26.07
CA LYS C 143 -14.41 -39.43 25.96
C LYS C 143 -15.42 -39.78 24.88
N ILE C 144 -15.14 -40.86 24.17
CA ILE C 144 -16.12 -41.55 23.34
C ILE C 144 -16.09 -43.02 23.74
N GLU C 145 -17.27 -43.56 24.05
CA GLU C 145 -17.38 -44.96 24.45
C GLU C 145 -18.59 -45.60 23.77
N LYS C 146 -18.40 -46.82 23.28
CA LYS C 146 -19.45 -47.61 22.64
C LYS C 146 -19.31 -49.06 23.07
N GLY C 147 -20.44 -49.69 23.35
CA GLY C 147 -20.44 -51.09 23.70
C GLY C 147 -20.11 -51.34 25.16
N ASP C 148 -19.58 -52.53 25.41
CA ASP C 148 -19.36 -53.04 26.75
C ASP C 148 -17.94 -53.57 26.83
N LEU C 149 -17.05 -52.72 27.37
CA LEU C 149 -15.62 -53.03 27.43
C LEU C 149 -15.30 -54.25 28.28
N LYS C 150 -15.88 -54.30 29.48
CA LYS C 150 -15.73 -55.44 30.37
C LYS C 150 -16.10 -56.76 29.67
N LYS C 151 -17.24 -56.78 28.99
CA LYS C 151 -17.69 -57.95 28.21
C LYS C 151 -16.72 -58.29 27.09
N GLY C 152 -16.33 -57.27 26.32
CA GLY C 152 -15.41 -57.47 25.21
C GLY C 152 -14.08 -58.05 25.64
N PHE C 153 -13.52 -57.54 26.74
CA PHE C 153 -12.25 -58.07 27.23
C PHE C 153 -12.39 -59.48 27.76
N SER C 154 -13.58 -59.82 28.27
CA SER C 154 -13.89 -61.19 28.72
C SER C 154 -13.94 -62.19 27.57
N GLU C 155 -14.45 -61.75 26.42
CA GLU C 155 -14.60 -62.59 25.23
C GLU C 155 -13.29 -62.77 24.45
N ALA C 156 -12.32 -61.88 24.69
CA ALA C 156 -11.06 -61.90 23.96
C ALA C 156 -10.21 -63.14 24.26
N ASP C 157 -9.50 -63.64 23.26
CA ASP C 157 -8.53 -64.73 23.43
C ASP C 157 -7.23 -64.15 23.97
N ASN C 158 -6.87 -62.98 23.45
CA ASN C 158 -5.60 -62.32 23.78
C ASN C 158 -5.84 -60.87 24.16
N VAL C 159 -4.97 -60.36 25.04
CA VAL C 159 -4.96 -58.95 25.42
C VAL C 159 -3.53 -58.45 25.33
N VAL C 160 -3.38 -57.27 24.75
CA VAL C 160 -2.10 -56.59 24.67
C VAL C 160 -2.31 -55.19 25.25
N SER C 161 -1.40 -54.78 26.14
CA SER C 161 -1.44 -53.42 26.66
C SER C 161 -0.07 -52.79 26.48
N GLY C 162 -0.03 -51.47 26.37
CA GLY C 162 1.23 -50.79 26.19
C GLY C 162 1.14 -49.28 26.27
N GLU C 163 2.27 -48.65 25.99
CA GLU C 163 2.37 -47.20 25.99
C GLU C 163 3.13 -46.79 24.73
N LEU C 164 2.76 -45.64 24.18
CA LEU C 164 3.37 -45.18 22.94
C LEU C 164 3.46 -43.67 22.92
N TYR C 165 4.54 -43.15 22.33
CA TYR C 165 4.69 -41.70 22.22
C TYR C 165 4.96 -41.31 20.79
N ILE C 166 4.32 -40.22 20.38
CA ILE C 166 4.58 -39.62 19.07
C ILE C 166 5.04 -38.18 19.26
N GLY C 167 6.21 -37.85 18.74
CA GLY C 167 6.76 -36.50 18.86
C GLY C 167 5.99 -35.51 18.01
N GLY C 168 6.14 -34.23 18.34
CA GLY C 168 5.49 -33.15 17.58
C GLY C 168 6.17 -32.85 16.26
N GLN C 169 5.96 -31.65 15.75
CA GLN C 169 6.42 -31.34 14.39
C GLN C 169 6.38 -29.84 14.17
N ASP C 170 7.41 -29.31 13.53
CA ASP C 170 7.43 -27.89 13.18
C ASP C 170 6.88 -27.73 11.76
N HIS C 171 6.04 -26.73 11.55
CA HIS C 171 5.39 -26.57 10.24
C HIS C 171 6.39 -26.44 9.10
N PHE C 172 7.45 -25.67 9.35
CA PHE C 172 8.46 -25.39 8.33
C PHE C 172 7.88 -24.98 6.98
N TYR C 173 6.83 -24.15 7.00
CA TYR C 173 6.41 -23.40 5.80
C TYR C 173 7.66 -22.64 5.34
N LEU C 174 7.92 -22.64 4.04
CA LEU C 174 9.17 -21.99 3.61
C LEU C 174 9.15 -20.47 3.87
N GLU C 175 7.95 -19.87 3.78
CA GLU C 175 7.76 -18.48 4.24
C GLU C 175 7.32 -18.49 5.70
N THR C 176 8.11 -17.87 6.58
CA THR C 176 7.76 -17.78 8.00
C THR C 176 6.65 -16.75 8.20
N HIS C 177 6.22 -16.55 9.45
CA HIS C 177 5.18 -15.58 9.75
C HIS C 177 5.59 -14.16 9.41
N CYS C 178 4.65 -13.38 8.90
CA CYS C 178 4.92 -11.97 8.62
C CYS C 178 3.67 -11.15 8.49
N THR C 179 3.77 -9.91 8.95
CA THR C 179 2.71 -8.93 8.87
C THR C 179 3.28 -7.56 8.54
N ILE C 180 2.59 -6.83 7.68
CA ILE C 180 2.74 -5.38 7.51
C ILE C 180 1.46 -4.71 8.05
N ALA C 181 1.60 -3.70 8.91
CA ALA C 181 0.44 -2.93 9.40
C ALA C 181 0.63 -1.48 9.01
N ILE C 182 -0.38 -0.93 8.35
CA ILE C 182 -0.38 0.44 7.88
C ILE C 182 -1.44 1.19 8.68
N PRO C 183 -1.02 2.07 9.61
CA PRO C 183 -2.01 2.88 10.33
C PRO C 183 -2.42 4.08 9.46
N LYS C 184 -3.71 4.32 9.33
CA LYS C 184 -4.15 5.40 8.43
C LYS C 184 -4.13 6.77 9.12
N GLY C 185 -4.36 6.77 10.43
CA GLY C 185 -4.28 8.00 11.23
C GLY C 185 -5.62 8.69 11.37
N GLU C 186 -6.66 8.03 10.85
CA GLU C 186 -8.06 8.46 10.96
C GLU C 186 -8.87 7.38 11.66
N GLU C 187 -9.56 7.75 12.73
CA GLU C 187 -10.60 6.91 13.30
C GLU C 187 -10.13 5.51 13.72
N GLY C 188 -8.82 5.36 13.91
CA GLY C 188 -8.24 4.08 14.31
C GLY C 188 -8.07 3.09 13.16
N GLU C 189 -8.29 3.56 11.93
CA GLU C 189 -8.21 2.70 10.75
C GLU C 189 -6.81 2.13 10.59
N MET C 190 -6.75 0.84 10.27
CA MET C 190 -5.50 0.17 9.99
C MET C 190 -5.72 -0.88 8.92
N GLU C 191 -4.77 -0.96 7.99
CA GLU C 191 -4.82 -1.93 6.88
C GLU C 191 -3.59 -2.81 7.03
N LEU C 192 -3.83 -4.12 7.08
CA LEU C 192 -2.76 -5.09 7.33
C LEU C 192 -2.67 -6.09 6.18
N PHE C 193 -1.43 -6.39 5.79
CA PHE C 193 -1.08 -7.40 4.79
C PHE C 193 -0.43 -8.51 5.59
N VAL C 194 -1.04 -9.70 5.57
CA VAL C 194 -0.68 -10.75 6.53
C VAL C 194 -0.54 -12.13 5.85
N SER C 195 0.51 -12.86 6.24
CA SER C 195 0.63 -14.27 5.87
C SER C 195 -0.18 -15.09 6.87
N THR C 196 -1.48 -15.18 6.65
CA THR C 196 -2.36 -15.93 7.57
C THR C 196 -3.46 -16.70 6.83
N GLN C 197 -3.87 -17.83 7.44
CA GLN C 197 -5.04 -18.60 7.00
C GLN C 197 -6.34 -18.03 7.62
N ASN C 198 -6.20 -17.05 8.50
CA ASN C 198 -7.31 -16.60 9.34
C ASN C 198 -7.37 -15.07 9.42
N ALA C 199 -7.78 -14.45 8.32
CA ALA C 199 -7.98 -13.02 8.27
C ALA C 199 -9.00 -12.52 9.32
N MET C 200 -10.05 -13.29 9.54
CA MET C 200 -11.09 -12.90 10.51
C MET C 200 -10.53 -12.75 11.93
N LYS C 201 -9.80 -13.76 12.41
CA LYS C 201 -9.28 -13.67 13.77
C LYS C 201 -8.15 -12.66 13.85
N THR C 202 -7.40 -12.51 12.77
CA THR C 202 -6.38 -11.47 12.72
C THR C 202 -7.04 -10.11 12.96
N GLN C 203 -8.12 -9.86 12.23
CA GLN C 203 -8.85 -8.61 12.28
C GLN C 203 -9.42 -8.36 13.69
N SER C 204 -10.06 -9.39 14.24
CA SER C 204 -10.71 -9.23 15.53
C SER C 204 -9.69 -9.10 16.66
N PHE C 205 -8.57 -9.85 16.59
CA PHE C 205 -7.55 -9.77 17.63
C PHE C 205 -6.84 -8.41 17.59
N VAL C 206 -6.56 -7.89 16.40
CA VAL C 206 -5.95 -6.57 16.29
C VAL C 206 -6.90 -5.50 16.86
N ALA C 207 -8.17 -5.60 16.48
CA ALA C 207 -9.19 -4.67 16.97
C ALA C 207 -9.29 -4.70 18.50
N LYS C 208 -9.29 -5.90 19.07
CA LYS C 208 -9.40 -6.05 20.53
C LYS C 208 -8.20 -5.46 21.27
N MET C 209 -7.00 -5.67 20.74
CA MET C 209 -5.79 -5.12 21.36
C MET C 209 -5.84 -3.59 21.31
N LEU C 210 -6.27 -3.04 20.17
CA LEU C 210 -6.31 -1.58 19.99
C LEU C 210 -7.47 -0.93 20.74
N GLY C 211 -8.49 -1.73 21.05
CA GLY C 211 -9.74 -1.24 21.62
C GLY C 211 -10.58 -0.41 20.64
N VAL C 212 -10.58 -0.81 19.37
CA VAL C 212 -11.39 -0.15 18.33
C VAL C 212 -12.36 -1.16 17.73
N PRO C 213 -13.46 -0.69 17.14
CA PRO C 213 -14.40 -1.59 16.47
C PRO C 213 -13.74 -2.37 15.33
N VAL C 214 -14.23 -3.59 15.10
CA VAL C 214 -13.66 -4.48 14.07
C VAL C 214 -13.73 -3.84 12.67
N ASN C 215 -14.79 -3.06 12.43
CA ASN C 215 -14.95 -2.36 11.13
C ASN C 215 -13.82 -1.38 10.76
N ARG C 216 -12.92 -1.07 11.70
CA ARG C 216 -11.81 -0.14 11.44
C ARG C 216 -10.59 -0.87 10.87
N ILE C 217 -10.60 -2.19 10.97
CA ILE C 217 -9.44 -3.01 10.65
C ILE C 217 -9.69 -3.78 9.37
N LEU C 218 -8.76 -3.63 8.43
CA LEU C 218 -8.86 -4.31 7.15
C LEU C 218 -7.68 -5.25 7.04
N VAL C 219 -7.96 -6.54 6.86
CA VAL C 219 -6.88 -7.52 6.72
C VAL C 219 -6.93 -8.10 5.32
N ARG C 220 -5.77 -8.11 4.68
CA ARG C 220 -5.61 -8.56 3.30
C ARG C 220 -4.58 -9.68 3.20
N VAL C 221 -4.95 -10.74 2.50
CA VAL C 221 -4.09 -11.90 2.29
C VAL C 221 -4.05 -12.27 0.82
N LYS C 222 -2.92 -11.98 0.15
CA LYS C 222 -2.80 -12.40 -1.24
C LYS C 222 -2.45 -13.88 -1.32
N ARG C 223 -1.40 -14.27 -0.61
CA ARG C 223 -0.95 -15.66 -0.56
C ARG C 223 0.02 -15.86 0.60
N MET C 224 0.17 -17.13 0.98
CA MET C 224 1.18 -17.58 1.92
C MET C 224 2.15 -18.52 1.23
N GLY C 225 3.42 -18.43 1.60
CA GLY C 225 4.41 -19.43 1.23
C GLY C 225 4.31 -20.61 2.17
N GLY C 226 3.14 -21.26 2.17
CA GLY C 226 2.86 -22.38 3.09
C GLY C 226 2.21 -21.90 4.37
N GLY C 227 1.33 -22.75 4.90
CA GLY C 227 0.61 -22.51 6.13
C GLY C 227 0.55 -23.77 6.96
N PHE C 228 -0.03 -24.84 6.40
CA PHE C 228 -0.06 -26.19 7.02
C PHE C 228 -0.69 -26.21 8.41
N GLY C 229 -1.53 -25.20 8.69
CA GLY C 229 -2.22 -25.10 9.98
C GLY C 229 -1.52 -24.16 10.94
N GLY C 230 -0.23 -23.91 10.70
CA GLY C 230 0.56 -23.08 11.59
C GLY C 230 0.23 -21.62 11.49
N LYS C 231 -0.59 -21.28 10.50
CA LYS C 231 -1.06 -19.91 10.30
C LYS C 231 -2.57 -19.80 10.46
N GLU C 232 -3.17 -20.83 11.06
CA GLU C 232 -4.60 -20.82 11.35
C GLU C 232 -4.90 -19.90 12.51
N THR C 233 -4.03 -19.89 13.52
CA THR C 233 -4.21 -18.98 14.65
C THR C 233 -2.95 -18.24 15.05
N ARG C 234 -1.81 -18.93 15.02
CA ARG C 234 -0.60 -18.40 15.68
C ARG C 234 0.05 -17.22 14.97
N SER C 235 -0.43 -16.92 13.76
CA SER C 235 0.00 -15.74 13.02
C SER C 235 -0.32 -14.47 13.79
N THR C 236 -1.32 -14.52 14.67
CA THR C 236 -1.73 -13.32 15.40
C THR C 236 -0.67 -12.87 16.40
N LEU C 237 0.20 -13.78 16.82
CA LEU C 237 1.34 -13.39 17.69
C LEU C 237 2.17 -12.27 17.08
N VAL C 238 2.47 -12.41 15.79
CA VAL C 238 3.18 -11.37 15.04
C VAL C 238 2.25 -10.20 14.66
N SER C 239 1.07 -10.51 14.13
CA SER C 239 0.16 -9.45 13.66
C SER C 239 -0.20 -8.44 14.73
N VAL C 240 -0.52 -8.94 15.93
CA VAL C 240 -0.98 -8.03 16.98
C VAL C 240 0.17 -7.12 17.46
N ALA C 241 1.36 -7.69 17.58
CA ALA C 241 2.55 -6.93 17.96
C ALA C 241 2.87 -5.84 16.92
N VAL C 242 2.83 -6.21 15.64
CA VAL C 242 3.10 -5.21 14.59
C VAL C 242 2.02 -4.12 14.55
N ALA C 243 0.77 -4.52 14.74
CA ALA C 243 -0.34 -3.54 14.86
C ALA C 243 -0.09 -2.55 15.99
N LEU C 244 0.35 -3.03 17.16
CA LEU C 244 0.67 -2.13 18.27
C LEU C 244 1.74 -1.12 17.86
N ALA C 245 2.80 -1.61 17.20
CA ALA C 245 3.88 -0.72 16.76
C ALA C 245 3.38 0.36 15.80
N ALA C 246 2.54 -0.05 14.86
CA ALA C 246 1.93 0.89 13.93
C ALA C 246 1.07 1.92 14.66
N TYR C 247 0.24 1.45 15.58
CA TYR C 247 -0.61 2.35 16.37
C TYR C 247 0.26 3.35 17.14
N LYS C 248 1.27 2.85 17.83
CA LYS C 248 2.08 3.66 18.74
C LYS C 248 2.92 4.70 18.02
N THR C 249 3.54 4.30 16.91
CA THR C 249 4.46 5.16 16.19
C THR C 249 3.74 6.05 15.16
N GLY C 250 2.60 5.58 14.67
CA GLY C 250 1.90 6.21 13.56
C GLY C 250 2.56 5.95 12.20
N HIS C 251 3.58 5.08 12.20
CA HIS C 251 4.27 4.68 10.97
C HIS C 251 3.80 3.29 10.53
N PRO C 252 3.89 3.02 9.22
CA PRO C 252 3.81 1.63 8.78
C PRO C 252 4.91 0.82 9.48
N VAL C 253 4.60 -0.41 9.87
CA VAL C 253 5.57 -1.30 10.50
C VAL C 253 5.43 -2.70 9.92
N ARG C 254 6.55 -3.41 9.79
CA ARG C 254 6.47 -4.83 9.42
C ARG C 254 7.39 -5.70 10.27
N CYS C 255 7.10 -6.99 10.24
CA CYS C 255 7.97 -8.00 10.85
C CYS C 255 7.82 -9.26 10.03
N MET C 256 8.94 -9.85 9.65
CA MET C 256 8.99 -11.24 9.17
C MET C 256 9.92 -12.02 10.11
N LEU C 257 9.47 -13.16 10.60
CA LEU C 257 10.29 -13.93 11.54
C LEU C 257 11.46 -14.60 10.85
N ASP C 258 12.62 -14.60 11.52
CA ASP C 258 13.66 -15.53 11.13
C ASP C 258 13.22 -16.94 11.52
N ARG C 259 13.79 -17.93 10.86
CA ARG C 259 13.41 -19.32 11.13
C ARG C 259 13.52 -19.69 12.61
N ASN C 260 14.60 -19.25 13.27
CA ASN C 260 14.82 -19.67 14.67
C ASN C 260 13.74 -19.12 15.59
N GLU C 261 13.29 -17.90 15.30
CA GLU C 261 12.18 -17.26 16.03
C GLU C 261 10.90 -18.02 15.82
N ASP C 262 10.66 -18.36 14.56
CA ASP C 262 9.43 -18.98 14.15
C ASP C 262 9.30 -20.33 14.82
N MET C 263 10.35 -21.15 14.74
CA MET C 263 10.31 -22.48 15.36
C MET C 263 10.13 -22.43 16.87
N LEU C 264 10.71 -21.41 17.50
CA LEU C 264 10.61 -21.31 18.95
C LEU C 264 9.24 -20.85 19.43
N ILE C 265 8.70 -19.84 18.77
CA ILE C 265 7.58 -19.05 19.29
C ILE C 265 6.20 -19.57 18.87
N THR C 266 6.09 -20.05 17.63
CA THR C 266 4.76 -20.16 16.99
C THR C 266 3.97 -21.46 17.19
N GLY C 267 4.56 -22.44 17.86
CA GLY C 267 3.89 -23.71 18.13
C GLY C 267 3.98 -24.68 16.97
N GLY C 268 3.78 -25.97 17.27
CA GLY C 268 3.76 -26.99 16.22
C GLY C 268 2.67 -28.00 16.45
N ARG C 269 2.87 -29.18 15.88
CA ARG C 269 1.99 -30.30 16.09
C ARG C 269 2.08 -30.73 17.55
N HIS C 270 0.96 -31.22 18.08
CA HIS C 270 0.95 -31.76 19.45
C HIS C 270 1.60 -33.13 19.55
N PRO C 271 2.62 -33.25 20.40
CA PRO C 271 3.10 -34.58 20.82
C PRO C 271 1.94 -35.28 21.50
N PHE C 272 1.87 -36.61 21.37
CA PHE C 272 0.82 -37.40 22.03
C PHE C 272 1.49 -38.53 22.79
N LEU C 273 0.96 -38.84 23.97
CA LEU C 273 1.27 -40.07 24.69
C LEU C 273 -0.03 -40.86 24.76
N ALA C 274 0.06 -42.14 24.47
CA ALA C 274 -1.11 -43.02 24.57
C ALA C 274 -0.80 -44.19 25.50
N ARG C 275 -1.79 -44.54 26.31
CA ARG C 275 -1.75 -45.81 27.04
C ARG C 275 -2.95 -46.59 26.53
N TYR C 276 -2.70 -47.81 26.06
CA TYR C 276 -3.71 -48.57 25.34
C TYR C 276 -3.76 -50.03 25.76
N LYS C 277 -4.94 -50.62 25.57
CA LYS C 277 -5.19 -52.04 25.82
C LYS C 277 -6.18 -52.53 24.77
N VAL C 278 -5.79 -53.59 24.05
CA VAL C 278 -6.63 -54.16 23.00
C VAL C 278 -6.86 -55.65 23.24
N GLY C 279 -8.13 -56.06 23.14
CA GLY C 279 -8.51 -57.47 23.27
C GLY C 279 -8.95 -57.99 21.91
N PHE C 280 -8.48 -59.17 21.57
CA PHE C 280 -8.70 -59.73 20.25
C PHE C 280 -8.74 -61.24 20.25
N MET C 281 -9.26 -61.82 19.17
CA MET C 281 -9.35 -63.25 19.00
C MET C 281 -8.09 -63.81 18.32
N LYS C 282 -7.89 -65.13 18.39
CA LYS C 282 -6.72 -65.76 17.78
C LYS C 282 -6.68 -65.54 16.27
N THR C 283 -7.84 -65.17 15.72
CA THR C 283 -8.02 -64.89 14.31
C THR C 283 -7.56 -63.46 13.96
N GLY C 284 -7.37 -62.64 15.00
CA GLY C 284 -6.92 -61.26 14.79
C GLY C 284 -8.07 -60.28 14.83
N THR C 285 -9.30 -60.77 14.94
CA THR C 285 -10.48 -59.91 15.03
C THR C 285 -10.48 -59.15 16.36
N ILE C 286 -10.68 -57.84 16.30
CA ILE C 286 -10.72 -56.99 17.49
C ILE C 286 -12.09 -57.04 18.16
N VAL C 287 -12.09 -57.26 19.48
CA VAL C 287 -13.32 -57.29 20.27
C VAL C 287 -13.39 -56.19 21.36
N ALA C 288 -12.25 -55.59 21.70
CA ALA C 288 -12.23 -54.55 22.74
C ALA C 288 -11.01 -53.64 22.61
N LEU C 289 -11.23 -52.34 22.78
CA LEU C 289 -10.14 -51.37 22.74
C LEU C 289 -10.34 -50.24 23.74
N GLU C 290 -9.31 -49.99 24.54
CA GLU C 290 -9.28 -48.86 25.45
C GLU C 290 -8.01 -48.07 25.17
N VAL C 291 -8.17 -46.78 24.87
CA VAL C 291 -7.01 -45.91 24.64
C VAL C 291 -7.17 -44.60 25.38
N ASP C 292 -6.20 -44.30 26.25
CA ASP C 292 -6.12 -42.99 26.91
C ASP C 292 -5.07 -42.15 26.22
N HIS C 293 -5.49 -41.01 25.66
CA HIS C 293 -4.64 -40.11 24.89
C HIS C 293 -4.32 -38.90 25.77
N TYR C 294 -3.07 -38.44 25.68
CA TYR C 294 -2.64 -37.20 26.33
C TYR C 294 -1.87 -36.38 25.30
N SER C 295 -2.27 -35.13 25.07
CA SER C 295 -1.53 -34.25 24.17
C SER C 295 -0.70 -33.26 24.95
N ASN C 296 0.44 -32.85 24.40
CA ASN C 296 1.21 -31.80 25.02
C ASN C 296 0.78 -30.50 24.39
N ALA C 297 -0.04 -29.76 25.11
CA ALA C 297 -0.70 -28.53 24.57
C ALA C 297 0.11 -27.23 24.69
N GLY C 298 1.08 -27.21 25.60
CA GLY C 298 1.83 -25.99 25.82
C GLY C 298 1.07 -25.01 26.68
N ASN C 299 1.40 -23.74 26.55
CA ASN C 299 1.06 -22.75 27.54
C ASN C 299 -0.23 -21.95 27.29
N SER C 300 -1.03 -22.39 26.33
CA SER C 300 -2.42 -21.90 26.21
C SER C 300 -3.28 -22.96 25.53
N ARG C 301 -4.60 -22.76 25.56
CA ARG C 301 -5.51 -23.72 24.96
C ARG C 301 -5.37 -23.76 23.44
N ASP C 302 -5.52 -22.60 22.79
CA ASP C 302 -5.53 -22.51 21.33
C ASP C 302 -6.48 -23.58 20.80
N LEU C 303 -6.03 -24.39 19.83
CA LEU C 303 -6.92 -25.36 19.17
C LEU C 303 -6.82 -26.78 19.78
N SER C 304 -6.19 -26.86 20.95
CA SER C 304 -5.88 -28.15 21.59
C SER C 304 -7.12 -29.02 21.83
N HIS C 305 -8.22 -28.39 22.25
CA HIS C 305 -9.43 -29.18 22.52
C HIS C 305 -9.96 -29.84 21.25
N SER C 306 -10.14 -29.05 20.20
CA SER C 306 -10.70 -29.58 18.95
C SER C 306 -9.77 -30.59 18.30
N ILE C 307 -8.47 -30.41 18.50
CA ILE C 307 -7.48 -31.37 18.02
C ILE C 307 -7.70 -32.73 18.70
N MET C 308 -7.92 -32.72 20.01
CA MET C 308 -8.18 -33.97 20.75
C MET C 308 -9.51 -34.61 20.34
N GLU C 309 -10.51 -33.78 20.05
CA GLU C 309 -11.77 -34.29 19.53
C GLU C 309 -11.52 -35.04 18.21
N ARG C 310 -10.78 -34.41 17.29
CA ARG C 310 -10.46 -35.08 16.03
C ARG C 310 -9.69 -36.38 16.29
N ALA C 311 -8.74 -36.35 17.22
CA ALA C 311 -8.00 -37.56 17.60
C ALA C 311 -8.99 -38.65 18.00
N LEU C 312 -9.89 -38.34 18.93
CA LEU C 312 -10.85 -39.34 19.37
C LEU C 312 -11.72 -39.83 18.23
N PHE C 313 -12.07 -38.94 17.28
CA PHE C 313 -12.89 -39.35 16.13
C PHE C 313 -12.17 -40.28 15.16
N HIS C 314 -10.85 -40.39 15.31
CA HIS C 314 -10.05 -41.16 14.37
C HIS C 314 -9.31 -42.34 14.99
N MET C 315 -9.60 -42.64 16.26
CA MET C 315 -8.91 -43.75 16.95
C MET C 315 -9.28 -45.12 16.39
N ASP C 316 -10.32 -45.16 15.55
CA ASP C 316 -10.76 -46.40 14.89
C ASP C 316 -10.01 -46.71 13.60
N ASN C 317 -9.32 -45.71 13.07
CA ASN C 317 -8.92 -45.68 11.67
C ASN C 317 -10.01 -46.26 10.76
N CYS C 318 -9.72 -47.41 10.16
CA CYS C 318 -10.67 -48.03 9.22
C CYS C 318 -11.27 -49.33 9.75
N TYR C 319 -11.23 -49.50 11.07
CA TYR C 319 -11.56 -50.79 11.67
C TYR C 319 -12.79 -50.78 12.55
N LYS C 320 -13.63 -51.80 12.38
CA LYS C 320 -14.84 -51.95 13.18
C LYS C 320 -14.47 -52.59 14.51
N ILE C 321 -14.79 -51.91 15.61
CA ILE C 321 -14.46 -52.34 16.97
C ILE C 321 -15.73 -52.23 17.84
N PRO C 322 -16.35 -53.37 18.18
CA PRO C 322 -17.66 -53.33 18.85
C PRO C 322 -17.65 -52.72 20.25
N ASN C 323 -16.54 -52.88 20.97
CA ASN C 323 -16.43 -52.38 22.34
C ASN C 323 -15.20 -51.51 22.43
N ILE C 324 -15.42 -50.23 22.71
CA ILE C 324 -14.37 -49.23 22.54
C ILE C 324 -14.53 -48.06 23.50
N ARG C 325 -13.42 -47.65 24.09
CA ARG C 325 -13.41 -46.45 24.90
C ARG C 325 -12.15 -45.65 24.62
N GLY C 326 -12.33 -44.43 24.13
CA GLY C 326 -11.19 -43.53 23.93
C GLY C 326 -11.34 -42.33 24.82
N THR C 327 -10.28 -41.97 25.53
CA THR C 327 -10.30 -40.74 26.31
C THR C 327 -9.16 -39.83 25.89
N GLY C 328 -9.32 -38.55 26.19
CA GLY C 328 -8.26 -37.58 25.92
C GLY C 328 -8.12 -36.51 26.98
N ARG C 329 -6.89 -36.16 27.27
CA ARG C 329 -6.61 -35.06 28.19
C ARG C 329 -5.57 -34.15 27.57
N LEU C 330 -5.74 -32.85 27.78
CA LEU C 330 -4.84 -31.83 27.24
C LEU C 330 -3.88 -31.41 28.34
N CYS C 331 -2.58 -31.68 28.15
CA CYS C 331 -1.59 -31.34 29.15
C CYS C 331 -1.18 -29.88 29.06
N LYS C 332 -1.28 -29.20 30.20
CA LYS C 332 -0.92 -27.79 30.33
C LYS C 332 0.54 -27.73 30.77
N THR C 333 1.39 -27.21 29.88
CA THR C 333 2.84 -27.26 30.08
C THR C 333 3.52 -25.94 29.73
N ASN C 334 4.73 -25.78 30.26
CA ASN C 334 5.54 -24.59 29.99
C ASN C 334 6.35 -24.70 28.72
N LEU C 335 5.62 -24.82 27.61
CA LEU C 335 6.16 -24.87 26.27
C LEU C 335 5.30 -23.98 25.38
N SER C 336 5.85 -23.53 24.26
CA SER C 336 5.05 -22.73 23.33
C SER C 336 3.76 -23.47 22.97
N SER C 337 2.67 -22.72 22.89
CA SER C 337 1.37 -23.32 22.68
C SER C 337 1.32 -24.04 21.34
N ASN C 338 0.97 -25.32 21.39
CA ASN C 338 0.80 -26.10 20.16
C ASN C 338 -0.53 -25.87 19.48
N THR C 339 -0.60 -26.17 18.19
CA THR C 339 -1.70 -25.64 17.37
C THR C 339 -2.09 -26.64 16.28
N ALA C 340 -2.85 -26.16 15.30
CA ALA C 340 -3.19 -26.92 14.11
C ALA C 340 -1.95 -27.27 13.30
N PHE C 341 -1.87 -28.52 12.86
CA PHE C 341 -0.86 -28.94 11.87
C PHE C 341 -1.57 -30.02 11.04
N ARG C 342 -1.58 -29.82 9.72
CA ARG C 342 -2.15 -30.73 8.72
C ARG C 342 -2.50 -32.10 9.27
N GLY C 343 -3.80 -32.34 9.48
CA GLY C 343 -4.26 -33.58 10.10
C GLY C 343 -4.94 -33.36 11.44
N PHE C 344 -4.44 -32.39 12.23
CA PHE C 344 -5.22 -31.82 13.33
C PHE C 344 -5.62 -32.89 14.33
N GLY C 345 -4.63 -33.63 14.83
CA GLY C 345 -4.87 -34.67 15.83
C GLY C 345 -5.19 -36.02 15.24
N GLY C 346 -5.62 -36.03 13.97
CA GLY C 346 -5.91 -37.26 13.25
C GLY C 346 -4.70 -38.20 13.11
N PRO C 347 -3.59 -37.68 12.55
CA PRO C 347 -2.39 -38.53 12.37
C PRO C 347 -1.91 -39.20 13.67
N GLN C 348 -2.00 -38.49 14.79
CA GLN C 348 -1.57 -39.07 16.06
C GLN C 348 -2.45 -40.24 16.47
N ALA C 349 -3.77 -40.02 16.42
CA ALA C 349 -4.72 -41.08 16.80
C ALA C 349 -4.65 -42.27 15.84
N LEU C 350 -4.46 -41.98 14.55
CA LEU C 350 -4.37 -43.01 13.52
C LEU C 350 -3.10 -43.83 13.69
N PHE C 351 -2.01 -43.14 14.07
CA PHE C 351 -0.73 -43.81 14.33
C PHE C 351 -0.86 -44.77 15.53
N ILE C 352 -1.53 -44.30 16.58
CA ILE C 352 -1.75 -45.12 17.79
C ILE C 352 -2.55 -46.37 17.42
N ALA C 353 -3.59 -46.16 16.62
CA ALA C 353 -4.40 -47.27 16.09
C ALA C 353 -3.56 -48.29 15.34
N GLU C 354 -2.77 -47.84 14.36
CA GLU C 354 -1.97 -48.76 13.55
C GLU C 354 -0.89 -49.46 14.36
N ASN C 355 -0.43 -48.82 15.43
CA ASN C 355 0.52 -49.47 16.32
C ASN C 355 -0.06 -50.69 17.04
N TRP C 356 -1.21 -50.55 17.71
CA TRP C 356 -1.79 -51.75 18.34
C TRP C 356 -2.25 -52.77 17.27
N MET C 357 -2.72 -52.31 16.11
CA MET C 357 -3.07 -53.24 15.01
C MET C 357 -1.85 -54.04 14.58
N SER C 358 -0.69 -53.39 14.51
CA SER C 358 0.55 -54.07 14.15
C SER C 358 0.88 -55.15 15.18
N GLU C 359 0.63 -54.83 16.45
CA GLU C 359 0.87 -55.77 17.56
C GLU C 359 -0.12 -56.95 17.59
N VAL C 360 -1.36 -56.70 17.17
CA VAL C 360 -2.35 -57.78 17.04
C VAL C 360 -1.88 -58.82 16.01
N ALA C 361 -1.46 -58.34 14.84
CA ALA C 361 -0.98 -59.23 13.79
C ALA C 361 0.22 -60.06 14.26
N VAL C 362 1.18 -59.40 14.92
CA VAL C 362 2.37 -60.10 15.41
C VAL C 362 1.99 -61.14 16.44
N THR C 363 1.10 -60.77 17.36
CA THR C 363 0.70 -61.67 18.46
C THR C 363 -0.02 -62.90 17.91
N CYS C 364 -0.83 -62.70 16.88
CA CYS C 364 -1.59 -63.78 16.28
C CYS C 364 -0.76 -64.65 15.34
N GLY C 365 0.43 -64.15 14.98
CA GLY C 365 1.28 -64.83 13.99
C GLY C 365 0.62 -64.89 12.63
N LEU C 366 -0.05 -63.81 12.26
CA LEU C 366 -0.80 -63.74 11.00
C LEU C 366 -0.26 -62.59 10.15
N PRO C 367 -0.34 -62.70 8.81
CA PRO C 367 0.10 -61.62 7.93
C PRO C 367 -0.71 -60.35 8.24
N ALA C 368 0.00 -59.23 8.34
CA ALA C 368 -0.60 -57.97 8.77
C ALA C 368 -1.75 -57.52 7.89
N GLU C 369 -1.62 -57.71 6.57
CA GLU C 369 -2.66 -57.28 5.61
C GLU C 369 -3.94 -58.07 5.80
N GLU C 370 -3.82 -59.34 6.18
CA GLU C 370 -5.00 -60.17 6.45
C GLU C 370 -5.76 -59.71 7.70
N VAL C 371 -5.02 -59.35 8.74
CA VAL C 371 -5.62 -58.90 9.99
C VAL C 371 -6.30 -57.55 9.81
N ARG C 372 -5.63 -56.65 9.08
CA ARG C 372 -6.23 -55.36 8.72
C ARG C 372 -7.52 -55.54 7.91
N TRP C 373 -7.45 -56.35 6.86
CA TRP C 373 -8.61 -56.59 6.00
C TRP C 373 -9.80 -57.17 6.80
N LYS C 374 -9.52 -58.19 7.62
CA LYS C 374 -10.54 -58.86 8.45
C LYS C 374 -11.30 -57.90 9.35
N ASN C 375 -10.61 -56.86 9.79
CA ASN C 375 -11.15 -55.93 10.77
C ASN C 375 -11.74 -54.67 10.15
N MET C 376 -11.64 -54.56 8.84
CA MET C 376 -12.09 -53.37 8.13
C MET C 376 -13.60 -53.18 8.22
N TYR C 377 -14.02 -51.93 8.37
CA TYR C 377 -15.43 -51.59 8.24
C TYR C 377 -15.96 -52.08 6.88
N LYS C 378 -17.28 -52.23 6.80
CA LYS C 378 -17.95 -52.46 5.53
C LYS C 378 -18.85 -51.28 5.24
N GLU C 379 -19.23 -51.15 3.96
CA GLU C 379 -20.20 -50.16 3.53
C GLU C 379 -21.40 -50.15 4.47
N GLY C 380 -21.73 -48.97 5.00
CA GLY C 380 -22.91 -48.84 5.85
C GLY C 380 -22.71 -49.09 7.34
N ASP C 381 -21.51 -49.52 7.74
CA ASP C 381 -21.21 -49.63 9.17
C ASP C 381 -21.24 -48.26 9.86
N LEU C 382 -21.52 -48.28 11.16
CA LEU C 382 -21.40 -47.10 12.02
C LEU C 382 -20.02 -47.07 12.66
N THR C 383 -19.46 -45.88 12.80
CA THR C 383 -18.21 -45.71 13.53
C THR C 383 -18.50 -45.80 15.03
N HIS C 384 -17.44 -45.66 15.84
CA HIS C 384 -17.58 -45.64 17.30
C HIS C 384 -18.34 -44.42 17.81
N PHE C 385 -18.43 -43.38 16.98
CA PHE C 385 -19.26 -42.23 17.27
C PHE C 385 -20.60 -42.27 16.51
N ASN C 386 -20.94 -43.47 16.03
CA ASN C 386 -22.27 -43.76 15.48
C ASN C 386 -22.61 -43.04 14.16
N GLN C 387 -21.59 -42.63 13.42
CA GLN C 387 -21.82 -42.14 12.07
C GLN C 387 -21.70 -43.24 11.03
N ARG C 388 -22.69 -43.28 10.14
CA ARG C 388 -22.73 -44.23 9.05
C ARG C 388 -21.67 -43.93 7.98
N LEU C 389 -20.96 -44.97 7.57
CA LEU C 389 -19.98 -44.86 6.50
C LEU C 389 -20.65 -45.16 5.18
N GLU C 390 -21.01 -44.09 4.46
CA GLU C 390 -21.67 -44.21 3.16
C GLU C 390 -20.66 -43.90 2.06
N GLY C 391 -20.56 -44.80 1.09
CA GLY C 391 -19.57 -44.65 0.03
C GLY C 391 -18.18 -44.95 0.57
N PHE C 392 -18.08 -46.05 1.30
CA PHE C 392 -16.85 -46.44 2.00
C PHE C 392 -15.92 -47.14 1.00
N SER C 393 -14.93 -46.41 0.48
CA SER C 393 -14.18 -46.88 -0.68
C SER C 393 -12.86 -47.56 -0.32
N VAL C 394 -12.58 -47.70 0.98
CA VAL C 394 -11.31 -48.32 1.40
C VAL C 394 -11.08 -49.70 0.73
N PRO C 395 -12.10 -50.58 0.72
CA PRO C 395 -11.86 -51.89 0.07
C PRO C 395 -11.35 -51.79 -1.38
N ARG C 396 -11.97 -50.93 -2.19
CA ARG C 396 -11.50 -50.65 -3.56
C ARG C 396 -10.07 -50.11 -3.59
N CYS C 397 -9.79 -49.08 -2.79
CA CYS C 397 -8.42 -48.55 -2.70
C CYS C 397 -7.42 -49.63 -2.32
N TRP C 398 -7.83 -50.48 -1.37
CA TRP C 398 -6.98 -51.55 -0.84
C TRP C 398 -6.65 -52.56 -1.92
N ASP C 399 -7.70 -53.07 -2.57
CA ASP C 399 -7.54 -54.06 -3.64
C ASP C 399 -6.72 -53.49 -4.78
N GLU C 400 -7.01 -52.26 -5.19
CA GLU C 400 -6.29 -51.66 -6.31
C GLU C 400 -4.82 -51.43 -5.95
N CYS C 401 -4.57 -51.00 -4.72
CA CYS C 401 -3.20 -50.77 -4.27
C CYS C 401 -2.40 -52.07 -4.16
N LEU C 402 -3.01 -53.10 -3.60
CA LEU C 402 -2.36 -54.43 -3.54
C LEU C 402 -1.94 -54.89 -4.92
N LYS C 403 -2.81 -54.68 -5.90
CA LYS C 403 -2.58 -55.14 -7.27
C LYS C 403 -1.51 -54.31 -7.96
N SER C 404 -1.67 -52.99 -7.95
CA SER C 404 -0.75 -52.12 -8.68
C SER C 404 0.64 -52.05 -8.04
N SER C 405 0.69 -52.24 -6.72
CA SER C 405 1.97 -52.27 -5.99
C SER C 405 2.64 -53.63 -6.09
N GLN C 406 1.93 -54.61 -6.64
CA GLN C 406 2.42 -56.00 -6.70
C GLN C 406 2.87 -56.47 -5.30
N TYR C 407 2.04 -56.17 -4.30
CA TYR C 407 2.37 -56.38 -2.90
C TYR C 407 2.83 -57.80 -2.58
N TYR C 408 2.04 -58.78 -3.01
CA TYR C 408 2.34 -60.17 -2.65
C TYR C 408 3.65 -60.69 -3.23
N ALA C 409 3.92 -60.37 -4.50
CA ALA C 409 5.21 -60.72 -5.12
C ALA C 409 6.37 -60.02 -4.42
N ARG C 410 6.19 -58.74 -4.11
CA ARG C 410 7.22 -57.99 -3.42
C ARG C 410 7.46 -58.45 -1.98
N LYS C 411 6.40 -58.92 -1.33
CA LYS C 411 6.51 -59.53 0.00
C LYS C 411 7.49 -60.71 -0.04
N SER C 412 7.37 -61.55 -1.07
CA SER C 412 8.28 -62.68 -1.23
C SER C 412 9.72 -62.24 -1.47
N GLU C 413 9.90 -61.14 -2.20
CA GLU C 413 11.24 -60.61 -2.47
C GLU C 413 11.86 -60.04 -1.21
N VAL C 414 11.04 -59.40 -0.37
CA VAL C 414 11.49 -58.86 0.92
C VAL C 414 11.98 -59.99 1.82
N ASP C 415 11.20 -61.06 1.91
CA ASP C 415 11.58 -62.24 2.67
C ASP C 415 12.89 -62.83 2.16
N LYS C 416 13.04 -62.91 0.83
CA LYS C 416 14.25 -63.44 0.20
C LYS C 416 15.45 -62.56 0.55
N PHE C 417 15.27 -61.25 0.43
CA PHE C 417 16.30 -60.31 0.86
C PHE C 417 16.74 -60.55 2.30
N ASN C 418 15.78 -60.72 3.20
CA ASN C 418 16.10 -60.85 4.62
C ASN C 418 16.79 -62.16 4.94
N LYS C 419 16.46 -63.19 4.17
CA LYS C 419 17.14 -64.49 4.24
C LYS C 419 18.60 -64.41 3.83
N GLU C 420 18.90 -63.53 2.87
CA GLU C 420 20.23 -63.44 2.27
C GLU C 420 21.14 -62.36 2.89
N ASN C 421 20.57 -61.49 3.71
CA ASN C 421 21.33 -60.36 4.30
C ASN C 421 21.30 -60.34 5.81
N CYS C 422 22.47 -60.18 6.42
CA CYS C 422 22.59 -60.23 7.88
C CYS C 422 22.49 -58.86 8.55
N TRP C 423 23.06 -57.85 7.90
CA TRP C 423 23.22 -56.54 8.53
C TRP C 423 22.42 -55.44 7.84
N LYS C 424 21.57 -55.86 6.90
CA LYS C 424 20.58 -54.98 6.27
C LYS C 424 19.29 -55.80 6.14
N LYS C 425 18.15 -55.13 6.28
CA LYS C 425 16.86 -55.81 6.19
C LYS C 425 15.85 -54.92 5.49
N ARG C 426 14.91 -55.56 4.80
CA ARG C 426 13.80 -54.85 4.16
C ARG C 426 12.50 -55.04 4.91
N GLY C 427 11.58 -54.11 4.72
CA GLY C 427 10.26 -54.19 5.29
C GLY C 427 9.25 -53.64 4.31
N LEU C 428 8.02 -54.12 4.42
CA LEU C 428 6.96 -53.77 3.51
C LEU C 428 5.66 -53.75 4.28
N CYS C 429 4.91 -52.66 4.15
CA CYS C 429 3.66 -52.53 4.85
C CYS C 429 2.63 -51.76 4.03
N ILE C 430 1.38 -52.22 4.14
CA ILE C 430 0.25 -51.55 3.52
C ILE C 430 -0.77 -51.13 4.58
N ILE C 431 -1.15 -49.86 4.54
CA ILE C 431 -1.95 -49.20 5.57
C ILE C 431 -3.10 -48.44 4.89
N PRO C 432 -4.32 -48.52 5.45
CA PRO C 432 -5.44 -47.69 4.97
C PRO C 432 -5.59 -46.43 5.81
N THR C 433 -6.39 -45.48 5.34
CA THR C 433 -6.81 -44.37 6.19
C THR C 433 -8.19 -43.88 5.81
N LYS C 434 -8.88 -43.32 6.80
CA LYS C 434 -10.06 -42.47 6.54
C LYS C 434 -9.90 -41.19 7.34
N PHE C 435 -10.41 -40.10 6.79
CA PHE C 435 -10.28 -38.80 7.43
C PHE C 435 -11.61 -38.06 7.28
N GLY C 436 -12.20 -37.70 8.41
CA GLY C 436 -13.49 -37.01 8.43
C GLY C 436 -13.43 -35.60 7.90
N ILE C 437 -14.39 -35.25 7.04
CA ILE C 437 -14.38 -33.94 6.39
C ILE C 437 -15.44 -32.98 6.95
N SER C 438 -14.95 -31.98 7.68
CA SER C 438 -15.72 -30.84 8.23
C SER C 438 -14.97 -30.34 9.44
N PHE C 439 -15.14 -29.06 9.78
CA PHE C 439 -14.66 -28.57 11.07
C PHE C 439 -15.43 -29.27 12.17
N THR C 440 -14.71 -29.71 13.20
CA THR C 440 -15.32 -30.36 14.37
C THR C 440 -16.29 -29.42 15.11
N VAL C 441 -16.10 -28.12 14.94
CA VAL C 441 -17.00 -27.09 15.48
C VAL C 441 -18.01 -26.74 14.40
N PRO C 442 -19.30 -27.09 14.62
CA PRO C 442 -20.28 -26.89 13.54
C PRO C 442 -20.29 -25.47 12.96
N PHE C 443 -20.23 -24.43 13.80
CA PHE C 443 -20.39 -23.06 13.27
C PHE C 443 -19.30 -22.62 12.29
N LEU C 444 -18.17 -23.33 12.26
CA LEU C 444 -17.10 -22.98 11.33
C LEU C 444 -17.41 -23.46 9.90
N ASN C 445 -18.39 -24.34 9.76
CA ASN C 445 -18.74 -24.88 8.44
C ASN C 445 -19.71 -23.96 7.70
N GLN C 446 -19.19 -22.78 7.38
CA GLN C 446 -19.91 -21.74 6.65
C GLN C 446 -18.90 -21.03 5.76
N ALA C 447 -19.38 -20.56 4.61
CA ALA C 447 -18.50 -19.97 3.61
C ALA C 447 -19.21 -18.93 2.79
N GLY C 448 -18.52 -17.82 2.55
CA GLY C 448 -19.03 -16.73 1.73
C GLY C 448 -18.21 -16.47 0.48
N ALA C 449 -18.88 -15.92 -0.53
CA ALA C 449 -18.22 -15.41 -1.74
C ALA C 449 -18.87 -14.10 -2.15
N LEU C 450 -18.14 -13.33 -2.95
CA LEU C 450 -18.65 -12.10 -3.53
C LEU C 450 -18.14 -12.05 -4.95
N ILE C 451 -19.05 -11.94 -5.91
CA ILE C 451 -18.65 -11.94 -7.32
C ILE C 451 -19.17 -10.69 -8.00
N HIS C 452 -18.29 -10.07 -8.78
CA HIS C 452 -18.66 -8.92 -9.61
C HIS C 452 -18.37 -9.27 -11.05
N VAL C 453 -19.29 -8.94 -11.94
CA VAL C 453 -19.00 -9.00 -13.37
C VAL C 453 -18.94 -7.56 -13.84
N TYR C 454 -17.78 -7.15 -14.36
CA TYR C 454 -17.59 -5.78 -14.87
C TYR C 454 -18.16 -5.65 -16.29
N THR C 455 -18.25 -4.41 -16.76
CA THR C 455 -18.96 -4.19 -18.03
C THR C 455 -18.22 -4.69 -19.29
N ASP C 456 -16.95 -5.07 -19.14
CA ASP C 456 -16.23 -5.74 -20.22
C ASP C 456 -16.43 -7.27 -20.20
N GLY C 457 -17.28 -7.74 -19.27
CA GLY C 457 -17.55 -9.16 -19.08
C GLY C 457 -16.54 -9.89 -18.21
N SER C 458 -15.46 -9.20 -17.81
CA SER C 458 -14.48 -9.85 -16.92
C SER C 458 -15.06 -9.97 -15.51
N VAL C 459 -14.69 -11.05 -14.82
CA VAL C 459 -15.31 -11.43 -13.57
C VAL C 459 -14.25 -11.40 -12.47
N LEU C 460 -14.56 -10.74 -11.36
CA LEU C 460 -13.69 -10.76 -10.19
C LEU C 460 -14.39 -11.58 -9.12
N VAL C 461 -13.74 -12.65 -8.70
CA VAL C 461 -14.25 -13.51 -7.63
C VAL C 461 -13.45 -13.25 -6.35
N SER C 462 -14.19 -13.08 -5.24
CA SER C 462 -13.63 -13.04 -3.91
C SER C 462 -14.33 -14.10 -3.08
N HIS C 463 -13.57 -14.81 -2.26
CA HIS C 463 -14.20 -15.79 -1.36
C HIS C 463 -13.41 -15.78 -0.06
N GLY C 464 -13.93 -16.46 0.96
CA GLY C 464 -13.35 -16.38 2.31
C GLY C 464 -12.04 -17.17 2.44
N GLY C 465 -11.74 -18.02 1.47
CA GLY C 465 -10.53 -18.86 1.54
C GLY C 465 -9.26 -18.16 1.11
N THR C 466 -8.14 -18.65 1.63
CA THR C 466 -6.82 -18.12 1.32
C THR C 466 -6.00 -19.15 0.56
N GLU C 467 -5.07 -18.64 -0.25
CA GLU C 467 -4.15 -19.47 -1.02
C GLU C 467 -2.84 -19.64 -0.27
N MET C 468 -2.47 -20.89 0.00
CA MET C 468 -1.20 -21.19 0.67
C MET C 468 -0.40 -22.23 -0.09
N GLY C 469 -0.75 -22.43 -1.36
CA GLY C 469 0.00 -23.33 -2.25
C GLY C 469 -0.86 -24.48 -2.71
N GLN C 470 -2.01 -24.64 -2.04
CA GLN C 470 -2.89 -25.79 -2.29
C GLN C 470 -3.73 -25.66 -3.55
N GLY C 471 -3.69 -24.49 -4.19
CA GLY C 471 -4.42 -24.31 -5.46
C GLY C 471 -5.91 -24.06 -5.25
N LEU C 472 -6.26 -23.46 -4.12
CA LEU C 472 -7.66 -23.12 -3.86
C LEU C 472 -8.19 -22.11 -4.87
N HIS C 473 -7.46 -21.01 -5.11
CA HIS C 473 -7.95 -20.03 -6.10
C HIS C 473 -8.08 -20.65 -7.50
N THR C 474 -7.10 -21.43 -7.89
CA THR C 474 -7.18 -22.20 -9.13
C THR C 474 -8.49 -22.99 -9.26
N LYS C 475 -8.76 -23.83 -8.26
CA LYS C 475 -10.01 -24.62 -8.23
C LYS C 475 -11.26 -23.74 -8.26
N MET C 476 -11.22 -22.61 -7.57
CA MET C 476 -12.38 -21.71 -7.54
C MET C 476 -12.62 -21.09 -8.91
N VAL C 477 -11.52 -20.81 -9.63
CA VAL C 477 -11.63 -20.26 -10.98
C VAL C 477 -12.19 -21.33 -11.92
N GLN C 478 -11.73 -22.57 -11.76
CA GLN C 478 -12.27 -23.69 -12.55
C GLN C 478 -13.75 -23.86 -12.30
N VAL C 479 -14.16 -23.76 -11.03
CA VAL C 479 -15.59 -23.91 -10.65
C VAL C 479 -16.44 -22.79 -11.26
N ALA C 480 -16.00 -21.56 -11.07
CA ALA C 480 -16.73 -20.39 -11.59
C ALA C 480 -16.89 -20.46 -13.11
N SER C 481 -15.80 -20.83 -13.78
CA SER C 481 -15.82 -20.99 -15.23
C SER C 481 -16.82 -22.05 -15.68
N LYS C 482 -16.81 -23.21 -15.01
CA LYS C 482 -17.80 -24.25 -15.37
C LYS C 482 -19.21 -23.74 -15.12
N ALA C 483 -19.40 -23.13 -13.95
CA ALA C 483 -20.73 -22.69 -13.52
C ALA C 483 -21.29 -21.63 -14.48
N LEU C 484 -20.45 -20.68 -14.85
CA LEU C 484 -20.91 -19.56 -15.69
C LEU C 484 -20.86 -19.89 -17.18
N LYS C 485 -20.23 -21.01 -17.52
CA LYS C 485 -20.01 -21.42 -18.92
C LYS C 485 -19.21 -20.38 -19.73
N ILE C 486 -18.17 -19.87 -19.10
CA ILE C 486 -17.22 -18.93 -19.73
C ILE C 486 -15.80 -19.43 -19.50
N PRO C 487 -14.84 -18.99 -20.35
CA PRO C 487 -13.45 -19.46 -20.19
C PRO C 487 -12.80 -18.95 -18.91
N ILE C 488 -11.85 -19.72 -18.37
CA ILE C 488 -11.14 -19.33 -17.14
C ILE C 488 -10.41 -18.00 -17.32
N SER C 489 -10.10 -17.66 -18.57
CA SER C 489 -9.37 -16.43 -18.89
C SER C 489 -10.18 -15.18 -18.56
N LYS C 490 -11.49 -15.34 -18.40
CA LYS C 490 -12.38 -14.20 -18.09
C LYS C 490 -12.57 -13.99 -16.60
N ILE C 491 -12.00 -14.88 -15.79
CA ILE C 491 -12.18 -14.83 -14.34
C ILE C 491 -10.85 -14.56 -13.63
N TYR C 492 -10.91 -13.77 -12.55
CA TYR C 492 -9.71 -13.49 -11.78
C TYR C 492 -10.02 -13.51 -10.28
N ILE C 493 -9.08 -14.00 -9.48
CA ILE C 493 -9.11 -13.82 -8.03
C ILE C 493 -7.81 -13.11 -7.66
N SER C 494 -7.93 -11.96 -6.98
CA SER C 494 -6.77 -11.17 -6.62
C SER C 494 -6.24 -11.51 -5.22
N GLU C 495 -7.15 -11.64 -4.27
CA GLU C 495 -6.77 -11.81 -2.86
C GLU C 495 -7.96 -12.17 -2.00
N THR C 496 -7.68 -12.40 -0.72
CA THR C 496 -8.68 -12.62 0.30
C THR C 496 -8.67 -11.40 1.21
N SER C 497 -9.85 -10.85 1.51
CA SER C 497 -9.89 -9.60 2.27
C SER C 497 -11.14 -9.50 3.14
N THR C 498 -10.98 -8.92 4.33
CA THR C 498 -12.09 -8.86 5.28
C THR C 498 -13.19 -7.86 4.88
N ASN C 499 -12.89 -7.02 3.90
CA ASN C 499 -13.88 -6.02 3.46
C ASN C 499 -14.69 -6.47 2.25
N THR C 500 -14.40 -7.67 1.75
CA THR C 500 -15.20 -8.26 0.67
C THR C 500 -16.04 -9.43 1.19
N VAL C 501 -15.42 -10.31 1.95
CA VAL C 501 -16.14 -11.40 2.62
C VAL C 501 -15.80 -11.39 4.10
N PRO C 502 -16.77 -11.03 4.95
CA PRO C 502 -16.53 -10.90 6.39
C PRO C 502 -16.74 -12.22 7.13
N ASN C 503 -16.24 -12.29 8.37
CA ASN C 503 -16.58 -13.40 9.27
C ASN C 503 -16.21 -14.78 8.73
N SER C 504 -15.11 -14.85 7.98
CA SER C 504 -14.68 -16.10 7.38
C SER C 504 -14.06 -17.03 8.44
N SER C 505 -14.35 -18.32 8.29
CA SER C 505 -13.62 -19.34 9.02
C SER C 505 -12.17 -19.38 8.53
N PRO C 506 -11.25 -19.89 9.36
CA PRO C 506 -9.88 -20.02 8.85
C PRO C 506 -9.87 -21.00 7.69
N THR C 507 -8.90 -20.87 6.78
CA THR C 507 -8.77 -21.78 5.67
C THR C 507 -8.11 -23.05 6.20
N ALA C 508 -8.95 -24.02 6.53
CA ALA C 508 -8.49 -25.18 7.30
C ALA C 508 -9.47 -26.34 7.17
N ALA C 509 -9.13 -27.44 7.83
CA ALA C 509 -9.95 -28.65 7.88
C ALA C 509 -10.15 -29.31 6.52
N SER C 510 -9.32 -28.94 5.54
CA SER C 510 -9.41 -29.53 4.20
C SER C 510 -10.72 -29.24 3.46
N VAL C 511 -11.56 -28.36 3.99
CA VAL C 511 -12.92 -28.20 3.47
C VAL C 511 -13.11 -27.01 2.55
N SER C 512 -12.03 -26.28 2.28
CA SER C 512 -12.17 -24.96 1.62
C SER C 512 -12.72 -25.11 0.20
N THR C 513 -12.25 -26.10 -0.53
CA THR C 513 -12.77 -26.34 -1.88
C THR C 513 -14.26 -26.62 -1.82
N ASP C 514 -14.65 -27.47 -0.89
CA ASP C 514 -16.04 -27.86 -0.72
C ASP C 514 -16.90 -26.62 -0.42
N ILE C 515 -16.50 -25.85 0.59
CA ILE C 515 -17.41 -24.81 1.10
C ILE C 515 -17.36 -23.52 0.28
N TYR C 516 -16.16 -23.07 -0.08
CA TYR C 516 -16.07 -21.92 -0.99
C TYR C 516 -16.52 -22.27 -2.40
N GLY C 517 -16.30 -23.51 -2.83
CA GLY C 517 -16.82 -23.96 -4.12
C GLY C 517 -18.33 -23.77 -4.20
N GLN C 518 -19.02 -24.20 -3.15
CA GLN C 518 -20.46 -24.03 -3.09
C GLN C 518 -20.87 -22.57 -3.05
N ALA C 519 -20.19 -21.76 -2.26
CA ALA C 519 -20.51 -20.35 -2.18
C ALA C 519 -20.30 -19.66 -3.53
N VAL C 520 -19.16 -19.93 -4.15
CA VAL C 520 -18.86 -19.43 -5.51
C VAL C 520 -19.92 -19.91 -6.51
N TYR C 521 -20.26 -21.21 -6.46
CA TYR C 521 -21.30 -21.77 -7.32
C TYR C 521 -22.62 -21.02 -7.20
N GLU C 522 -23.07 -20.79 -5.97
CA GLU C 522 -24.33 -20.10 -5.72
C GLU C 522 -24.31 -18.65 -6.21
N ALA C 523 -23.19 -17.96 -6.00
CA ALA C 523 -23.06 -16.62 -6.52
C ALA C 523 -23.17 -16.64 -8.04
N CYS C 524 -22.56 -17.66 -8.66
CA CYS C 524 -22.63 -17.81 -10.11
C CYS C 524 -24.06 -18.06 -10.57
N GLN C 525 -24.81 -18.89 -9.84
CA GLN C 525 -26.21 -19.15 -10.18
C GLN C 525 -27.03 -17.88 -10.14
N THR C 526 -26.76 -17.02 -9.17
CA THR C 526 -27.49 -15.76 -9.06
C THR C 526 -27.23 -14.88 -10.29
N ILE C 527 -25.96 -14.77 -10.69
CA ILE C 527 -25.58 -14.03 -11.89
C ILE C 527 -26.30 -14.60 -13.12
N LEU C 528 -26.30 -15.93 -13.25
CA LEU C 528 -26.95 -16.57 -14.39
C LEU C 528 -28.43 -16.28 -14.43
N LYS C 529 -29.08 -16.32 -13.26
CA LYS C 529 -30.51 -16.00 -13.16
C LYS C 529 -30.79 -14.57 -13.61
N ARG C 530 -29.89 -13.66 -13.26
CA ARG C 530 -30.07 -12.26 -13.65
C ARG C 530 -29.81 -12.02 -15.13
N LEU C 531 -28.89 -12.78 -15.71
CA LEU C 531 -28.58 -12.64 -17.14
C LEU C 531 -29.54 -13.38 -18.04
N GLU C 532 -30.30 -14.32 -17.48
CA GLU C 532 -31.14 -15.21 -18.28
C GLU C 532 -32.09 -14.47 -19.25
N PRO C 533 -32.81 -13.42 -18.78
CA PRO C 533 -33.68 -12.70 -19.71
C PRO C 533 -32.93 -12.11 -20.92
N PHE C 534 -31.66 -11.76 -20.73
CA PHE C 534 -30.85 -11.15 -21.79
C PHE C 534 -30.33 -12.20 -22.77
N LYS C 535 -30.00 -13.36 -22.23
CA LYS C 535 -29.64 -14.52 -23.05
C LYS C 535 -30.85 -14.91 -23.87
N LYS C 536 -32.03 -14.90 -23.26
CA LYS C 536 -33.27 -15.27 -23.95
C LYS C 536 -33.56 -14.35 -25.14
N LYS C 537 -33.32 -13.06 -24.97
CA LYS C 537 -33.57 -12.08 -26.03
C LYS C 537 -32.51 -12.14 -27.11
N ASN C 538 -31.31 -12.60 -26.75
CA ASN C 538 -30.17 -12.61 -27.66
C ASN C 538 -29.38 -13.93 -27.55
N PRO C 539 -30.02 -15.08 -27.90
CA PRO C 539 -29.41 -16.38 -27.59
C PRO C 539 -28.14 -16.69 -28.35
N ASP C 540 -27.90 -16.00 -29.46
CA ASP C 540 -26.67 -16.18 -30.24
C ASP C 540 -25.64 -15.07 -30.00
N GLY C 541 -25.97 -14.16 -29.10
CA GLY C 541 -25.03 -13.12 -28.68
C GLY C 541 -23.94 -13.68 -27.77
N SER C 542 -22.98 -12.83 -27.45
CA SER C 542 -21.87 -13.23 -26.59
C SER C 542 -22.14 -12.96 -25.12
N TRP C 543 -21.33 -13.56 -24.26
CA TRP C 543 -21.30 -13.23 -22.84
C TRP C 543 -21.20 -11.71 -22.66
N GLU C 544 -20.30 -11.09 -23.40
CA GLU C 544 -20.10 -9.65 -23.31
C GLU C 544 -21.34 -8.86 -23.70
N ASP C 545 -22.07 -9.35 -24.70
CA ASP C 545 -23.33 -8.72 -25.10
C ASP C 545 -24.35 -8.80 -23.97
N TRP C 546 -24.46 -9.97 -23.34
CA TRP C 546 -25.49 -10.15 -22.30
C TRP C 546 -25.18 -9.29 -21.09
N VAL C 547 -23.90 -9.23 -20.73
CA VAL C 547 -23.45 -8.42 -19.60
C VAL C 547 -23.73 -6.93 -19.81
N MET C 548 -23.37 -6.41 -20.98
CA MET C 548 -23.64 -5.02 -21.31
C MET C 548 -25.14 -4.70 -21.34
N ALA C 549 -25.95 -5.60 -21.89
CA ALA C 549 -27.40 -5.40 -21.91
C ALA C 549 -27.99 -5.34 -20.50
N ALA C 550 -27.52 -6.22 -19.63
CA ALA C 550 -27.94 -6.23 -18.24
C ALA C 550 -27.56 -4.90 -17.58
N TYR C 551 -26.31 -4.48 -17.75
CA TYR C 551 -25.84 -3.22 -17.20
C TYR C 551 -26.75 -2.06 -17.65
N GLN C 552 -26.98 -1.98 -18.95
CA GLN C 552 -27.80 -0.89 -19.51
C GLN C 552 -29.29 -0.96 -19.12
N ASP C 553 -29.75 -2.14 -18.69
CA ASP C 553 -31.09 -2.27 -18.14
C ASP C 553 -31.10 -2.14 -16.60
N ARG C 554 -29.95 -1.78 -16.03
CA ARG C 554 -29.84 -1.54 -14.59
C ARG C 554 -30.20 -2.78 -13.78
N VAL C 555 -29.67 -3.91 -14.24
CA VAL C 555 -29.66 -5.16 -13.46
C VAL C 555 -28.30 -5.26 -12.78
N SER C 556 -28.29 -5.53 -11.47
CA SER C 556 -27.04 -5.62 -10.72
C SER C 556 -26.19 -6.82 -11.14
N LEU C 557 -24.91 -6.58 -11.39
CA LEU C 557 -23.98 -7.66 -11.76
C LEU C 557 -23.02 -7.98 -10.60
N SER C 558 -23.54 -7.82 -9.38
CA SER C 558 -22.78 -8.10 -8.19
C SER C 558 -23.63 -8.89 -7.21
N THR C 559 -23.07 -9.98 -6.71
CA THR C 559 -23.83 -10.77 -5.76
C THR C 559 -22.93 -11.46 -4.75
N THR C 560 -23.50 -11.71 -3.59
CA THR C 560 -22.88 -12.65 -2.64
C THR C 560 -23.34 -14.06 -2.95
N GLY C 561 -22.59 -15.02 -2.41
CA GLY C 561 -23.01 -16.42 -2.32
C GLY C 561 -22.62 -16.93 -0.94
N PHE C 562 -23.35 -17.94 -0.46
CA PHE C 562 -23.11 -18.44 0.88
C PHE C 562 -23.44 -19.93 0.93
N TYR C 563 -22.68 -20.66 1.75
CA TYR C 563 -22.95 -22.09 1.96
C TYR C 563 -22.79 -22.43 3.44
N ARG C 564 -23.69 -23.30 3.93
CA ARG C 564 -23.74 -23.77 5.32
C ARG C 564 -23.82 -25.29 5.18
N THR C 565 -22.81 -26.04 5.64
CA THR C 565 -22.83 -27.50 5.50
C THR C 565 -24.00 -28.09 6.29
N PRO C 566 -24.86 -28.86 5.62
CA PRO C 566 -26.06 -29.34 6.32
C PRO C 566 -25.84 -30.55 7.22
N ASN C 567 -26.73 -30.70 8.19
CA ASN C 567 -26.87 -31.92 9.01
C ASN C 567 -25.64 -32.27 9.85
N LEU C 568 -24.92 -31.24 10.30
CA LEU C 568 -23.79 -31.45 11.20
C LEU C 568 -24.14 -31.11 12.63
N GLY C 569 -23.63 -31.91 13.55
CA GLY C 569 -23.76 -31.60 14.97
C GLY C 569 -23.69 -32.84 15.83
N TYR C 570 -22.47 -33.24 16.15
CA TYR C 570 -22.26 -34.40 17.01
C TYR C 570 -22.42 -33.99 18.47
N SER C 571 -23.08 -34.85 19.24
CA SER C 571 -23.23 -34.66 20.68
C SER C 571 -22.44 -35.72 21.44
N PHE C 572 -21.50 -35.27 22.29
CA PHE C 572 -20.78 -36.19 23.20
C PHE C 572 -21.69 -36.75 24.30
N GLU C 573 -22.86 -36.13 24.49
CA GLU C 573 -23.83 -36.58 25.52
C GLU C 573 -24.67 -37.75 25.06
N THR C 574 -24.96 -37.78 23.76
CA THR C 574 -25.83 -38.81 23.19
C THR C 574 -25.04 -39.75 22.28
N ASN C 575 -23.77 -39.41 22.03
CA ASN C 575 -22.93 -40.11 21.06
C ASN C 575 -23.66 -40.33 19.74
N SER C 576 -24.18 -39.23 19.19
CA SER C 576 -24.97 -39.28 17.96
C SER C 576 -24.95 -37.91 17.27
N GLY C 577 -25.41 -37.89 16.02
CA GLY C 577 -25.35 -36.69 15.19
C GLY C 577 -24.06 -36.71 14.41
N ASN C 578 -24.11 -36.21 13.16
CA ASN C 578 -22.93 -36.24 12.28
C ASN C 578 -21.81 -35.32 12.74
N ALA C 579 -20.63 -35.89 12.92
CA ALA C 579 -19.43 -35.11 13.19
C ALA C 579 -18.89 -34.57 11.85
N PHE C 580 -19.03 -35.36 10.80
CA PHE C 580 -18.47 -35.03 9.49
C PHE C 580 -19.50 -35.11 8.38
N HIS C 581 -19.21 -34.45 7.26
CA HIS C 581 -20.09 -34.51 6.11
C HIS C 581 -19.93 -35.81 5.33
N TYR C 582 -18.67 -36.25 5.22
CA TYR C 582 -18.29 -37.51 4.59
C TYR C 582 -16.84 -37.74 4.98
N PHE C 583 -16.26 -38.83 4.48
CA PHE C 583 -14.86 -39.18 4.76
C PHE C 583 -14.06 -39.29 3.45
N THR C 584 -12.79 -38.90 3.48
CA THR C 584 -11.85 -39.14 2.38
C THR C 584 -11.03 -40.37 2.73
N TYR C 585 -10.75 -41.20 1.74
CA TYR C 585 -10.14 -42.51 1.97
C TYR C 585 -8.92 -42.70 1.12
N GLY C 586 -7.99 -43.53 1.59
CA GLY C 586 -6.86 -43.91 0.77
C GLY C 586 -6.06 -45.05 1.38
N VAL C 587 -5.16 -45.60 0.58
CA VAL C 587 -4.30 -46.71 1.00
C VAL C 587 -2.90 -46.51 0.45
N ALA C 588 -1.89 -46.81 1.27
CA ALA C 588 -0.50 -46.70 0.84
C ALA C 588 0.30 -47.94 1.21
N CYS C 589 1.11 -48.39 0.27
CA CYS C 589 2.04 -49.48 0.51
C CYS C 589 3.43 -48.93 0.38
N SER C 590 4.27 -49.11 1.40
CA SER C 590 5.67 -48.67 1.30
C SER C 590 6.67 -49.77 1.62
N GLU C 591 7.81 -49.71 0.94
CA GLU C 591 8.93 -50.63 1.15
C GLU C 591 10.18 -49.83 1.51
N VAL C 592 10.92 -50.34 2.50
CA VAL C 592 12.14 -49.72 2.96
C VAL C 592 13.26 -50.77 3.08
N GLU C 593 14.50 -50.28 3.12
CA GLU C 593 15.63 -51.13 3.48
C GLU C 593 16.40 -50.39 4.57
N ILE C 594 16.62 -51.05 5.70
CA ILE C 594 17.34 -50.43 6.82
C ILE C 594 18.78 -50.95 6.87
N ASP C 595 19.67 -50.08 7.34
CA ASP C 595 21.03 -50.50 7.66
C ASP C 595 21.01 -50.80 9.14
N CYS C 596 21.13 -52.09 9.49
CA CYS C 596 20.96 -52.51 10.88
C CYS C 596 22.15 -52.08 11.75
N LEU C 597 23.27 -51.77 11.09
CA LEU C 597 24.46 -51.28 11.80
C LEU C 597 24.47 -49.79 12.07
N THR C 598 23.64 -49.02 11.35
CA THR C 598 23.71 -47.56 11.49
C THR C 598 22.37 -46.90 11.81
N GLY C 599 21.28 -47.59 11.49
CA GLY C 599 19.93 -47.04 11.66
C GLY C 599 19.46 -46.19 10.50
N ASP C 600 20.33 -45.96 9.51
CA ASP C 600 19.91 -45.25 8.30
C ASP C 600 19.01 -46.18 7.50
N HIS C 601 18.25 -45.62 6.57
CA HIS C 601 17.40 -46.47 5.73
C HIS C 601 17.15 -45.81 4.37
N LYS C 602 16.70 -46.62 3.43
CA LYS C 602 16.27 -46.15 2.13
C LYS C 602 14.77 -46.36 2.00
N ASN C 603 14.09 -45.35 1.46
CA ASN C 603 12.70 -45.50 1.04
C ASN C 603 12.72 -46.00 -0.40
N LEU C 604 12.41 -47.28 -0.57
CA LEU C 604 12.58 -47.92 -1.88
C LEU C 604 11.43 -47.63 -2.82
N ARG C 605 10.20 -47.78 -2.33
CA ARG C 605 9.03 -47.71 -3.20
C ARG C 605 7.79 -47.43 -2.39
N THR C 606 6.96 -46.53 -2.91
CA THR C 606 5.67 -46.25 -2.28
C THR C 606 4.61 -46.22 -3.38
N ASP C 607 3.47 -46.87 -3.11
CA ASP C 607 2.31 -46.82 -4.00
C ASP C 607 1.12 -46.33 -3.22
N ILE C 608 0.43 -45.32 -3.76
CA ILE C 608 -0.75 -44.78 -3.10
C ILE C 608 -1.97 -44.85 -4.01
N VAL C 609 -3.11 -45.23 -3.45
CA VAL C 609 -4.39 -45.09 -4.14
C VAL C 609 -5.28 -44.23 -3.23
N MET C 610 -5.67 -43.06 -3.73
CA MET C 610 -6.45 -42.10 -2.95
C MET C 610 -7.84 -41.90 -3.57
N ASP C 611 -8.87 -41.97 -2.73
CA ASP C 611 -10.23 -41.62 -3.15
C ASP C 611 -10.48 -40.15 -2.88
N VAL C 612 -10.38 -39.35 -3.94
CA VAL C 612 -10.71 -37.93 -3.87
C VAL C 612 -11.99 -37.62 -4.68
N GLY C 613 -12.87 -38.60 -4.81
CA GLY C 613 -14.09 -38.41 -5.61
C GLY C 613 -13.72 -38.10 -7.05
N SER C 614 -14.57 -37.34 -7.72
CA SER C 614 -14.27 -36.87 -9.07
C SER C 614 -13.43 -35.60 -8.94
N SER C 615 -12.12 -35.72 -9.14
CA SER C 615 -11.21 -34.60 -8.87
C SER C 615 -11.54 -33.36 -9.71
N LEU C 616 -11.50 -32.18 -9.10
CA LEU C 616 -11.66 -30.93 -9.86
C LEU C 616 -10.43 -30.67 -10.71
N ASN C 617 -9.31 -31.25 -10.28
CA ASN C 617 -8.02 -30.99 -10.91
C ASN C 617 -7.04 -32.05 -10.43
N PRO C 618 -6.87 -33.11 -11.24
CA PRO C 618 -6.00 -34.24 -10.86
C PRO C 618 -4.56 -33.86 -10.59
N ALA C 619 -4.06 -32.83 -11.27
CA ALA C 619 -2.67 -32.40 -11.08
C ALA C 619 -2.52 -31.83 -9.68
N ILE C 620 -3.44 -30.94 -9.31
CA ILE C 620 -3.41 -30.35 -7.97
C ILE C 620 -3.63 -31.42 -6.89
N ASP C 621 -4.57 -32.33 -7.13
CA ASP C 621 -4.89 -33.35 -6.12
C ASP C 621 -3.78 -34.38 -5.95
N ILE C 622 -3.15 -34.78 -7.04
CA ILE C 622 -1.99 -35.69 -6.94
C ILE C 622 -0.87 -34.96 -6.17
N GLY C 623 -0.71 -33.67 -6.45
CA GLY C 623 0.26 -32.83 -5.73
C GLY C 623 -0.01 -32.77 -4.24
N GLN C 624 -1.29 -32.71 -3.89
CA GLN C 624 -1.70 -32.68 -2.48
C GLN C 624 -1.41 -34.01 -1.80
N VAL C 625 -1.70 -35.10 -2.51
CA VAL C 625 -1.40 -36.42 -1.97
C VAL C 625 0.11 -36.58 -1.76
N GLU C 626 0.91 -36.25 -2.76
CA GLU C 626 2.36 -36.38 -2.64
C GLU C 626 2.93 -35.51 -1.52
N GLY C 627 2.49 -34.26 -1.45
CA GLY C 627 3.05 -33.33 -0.46
C GLY C 627 2.64 -33.73 0.94
N ALA C 628 1.38 -34.12 1.11
CA ALA C 628 0.89 -34.57 2.41
C ALA C 628 1.64 -35.82 2.82
N PHE C 629 1.78 -36.77 1.89
CA PHE C 629 2.48 -38.02 2.21
C PHE C 629 3.91 -37.76 2.72
N VAL C 630 4.62 -36.87 2.02
CA VAL C 630 6.01 -36.57 2.39
C VAL C 630 6.08 -35.83 3.73
N GLN C 631 5.12 -34.95 4.02
CA GLN C 631 5.08 -34.37 5.38
C GLN C 631 4.85 -35.44 6.45
N GLY C 632 4.06 -36.47 6.14
CA GLY C 632 3.79 -37.58 7.06
C GLY C 632 5.05 -38.43 7.22
N LEU C 633 5.69 -38.74 6.09
CA LEU C 633 7.01 -39.36 6.08
C LEU C 633 7.96 -38.64 7.04
N GLY C 634 8.00 -37.31 6.96
CA GLY C 634 8.81 -36.50 7.86
C GLY C 634 8.42 -36.69 9.32
N LEU C 635 7.14 -36.50 9.62
CA LEU C 635 6.65 -36.67 10.97
C LEU C 635 7.08 -37.98 11.60
N PHE C 636 6.93 -39.07 10.84
CA PHE C 636 7.08 -40.41 11.41
C PHE C 636 8.52 -40.95 11.38
N THR C 637 9.40 -40.32 10.59
CA THR C 637 10.72 -40.93 10.36
C THR C 637 11.96 -40.01 10.38
N LEU C 638 11.76 -38.69 10.26
CA LEU C 638 12.89 -37.76 10.13
C LEU C 638 12.90 -36.61 11.13
N GLU C 639 11.71 -36.05 11.36
CA GLU C 639 11.59 -34.77 12.03
C GLU C 639 11.52 -34.95 13.53
N GLU C 640 12.49 -34.37 14.23
CA GLU C 640 12.57 -34.53 15.67
C GLU C 640 12.88 -33.22 16.36
N LEU C 641 11.96 -32.76 17.20
CA LEU C 641 12.22 -31.57 18.00
C LEU C 641 12.82 -32.03 19.31
N HIS C 642 13.79 -31.27 19.79
CA HIS C 642 14.54 -31.65 20.98
C HIS C 642 14.70 -30.43 21.88
N TYR C 643 14.48 -30.63 23.17
CA TYR C 643 14.45 -29.58 24.18
C TYR C 643 15.50 -29.90 25.25
N SER C 644 16.04 -28.86 25.86
CA SER C 644 16.86 -29.04 27.05
C SER C 644 15.97 -29.50 28.21
N PRO C 645 16.58 -30.07 29.28
CA PRO C 645 15.79 -30.40 30.47
C PRO C 645 15.05 -29.19 31.04
N GLU C 646 15.61 -28.00 30.83
CA GLU C 646 15.01 -26.73 31.26
C GLU C 646 13.89 -26.26 30.33
N GLY C 647 13.64 -27.00 29.25
CA GLY C 647 12.50 -26.71 28.36
C GLY C 647 12.80 -25.77 27.21
N SER C 648 14.07 -25.64 26.85
CA SER C 648 14.48 -24.73 25.77
C SER C 648 14.76 -25.51 24.49
N LEU C 649 14.06 -25.13 23.42
CA LEU C 649 14.22 -25.81 22.13
C LEU C 649 15.65 -25.71 21.62
N HIS C 650 16.24 -26.86 21.27
CA HIS C 650 17.59 -26.93 20.68
C HIS C 650 17.53 -26.90 19.17
N THR C 651 16.46 -27.45 18.61
CA THR C 651 16.38 -27.66 17.17
C THR C 651 15.63 -26.47 16.58
N ARG C 652 16.37 -25.48 16.08
CA ARG C 652 15.77 -24.20 15.66
C ARG C 652 16.08 -23.80 14.21
N GLY C 653 16.46 -24.76 13.40
CA GLY C 653 16.68 -24.49 11.98
C GLY C 653 16.99 -25.77 11.24
N PRO C 654 17.16 -25.67 9.92
CA PRO C 654 17.35 -26.83 9.04
C PRO C 654 18.61 -27.65 9.33
N SER C 655 19.61 -27.08 10.02
CA SER C 655 20.81 -27.85 10.35
C SER C 655 20.53 -28.91 11.42
N THR C 656 19.54 -28.64 12.27
CA THR C 656 19.23 -29.50 13.44
C THR C 656 17.83 -30.08 13.38
N TYR C 657 17.05 -29.65 12.40
CA TYR C 657 15.68 -30.15 12.22
C TYR C 657 15.55 -30.52 10.75
N LYS C 658 15.34 -31.81 10.52
CA LYS C 658 15.51 -32.37 9.19
C LYS C 658 14.16 -32.67 8.57
N ILE C 659 13.68 -31.76 7.71
CA ILE C 659 12.49 -32.10 6.92
C ILE C 659 12.91 -32.93 5.70
N PRO C 660 11.97 -33.67 5.08
CA PRO C 660 12.37 -34.43 3.90
C PRO C 660 13.04 -33.56 2.84
N ALA C 661 14.11 -34.10 2.27
CA ALA C 661 14.87 -33.43 1.22
C ALA C 661 14.59 -34.12 -0.11
N PHE C 662 15.11 -33.59 -1.21
CA PHE C 662 14.96 -34.23 -2.52
C PHE C 662 15.29 -35.72 -2.46
N GLY C 663 16.39 -36.04 -1.78
CA GLY C 663 16.87 -37.43 -1.71
C GLY C 663 16.20 -38.30 -0.67
N SER C 664 15.20 -37.74 0.01
CA SER C 664 14.45 -38.48 1.03
C SER C 664 13.27 -39.27 0.52
N ILE C 665 12.76 -38.89 -0.65
CA ILE C 665 11.51 -39.47 -1.15
C ILE C 665 11.70 -40.91 -1.69
N PRO C 666 10.62 -41.71 -1.71
CA PRO C 666 10.73 -43.07 -2.24
C PRO C 666 11.27 -43.07 -3.67
N THR C 667 12.22 -43.97 -3.95
CA THR C 667 12.86 -44.03 -5.27
C THR C 667 11.82 -44.25 -6.37
N GLU C 668 10.88 -45.16 -6.12
CA GLU C 668 9.71 -45.33 -6.98
C GLU C 668 8.52 -44.83 -6.19
N PHE C 669 7.85 -43.79 -6.70
CA PHE C 669 6.83 -43.06 -5.95
C PHE C 669 5.61 -42.91 -6.85
N ARG C 670 4.61 -43.75 -6.61
CA ARG C 670 3.44 -43.85 -7.47
C ARG C 670 2.16 -43.44 -6.76
N VAL C 671 1.43 -42.51 -7.36
CA VAL C 671 0.15 -42.09 -6.80
C VAL C 671 -0.93 -42.21 -7.87
N SER C 672 -2.04 -42.86 -7.50
CA SER C 672 -3.21 -42.97 -8.35
C SER C 672 -4.43 -42.43 -7.63
N LEU C 673 -5.30 -41.75 -8.38
CA LEU C 673 -6.59 -41.35 -7.84
C LEU C 673 -7.62 -42.39 -8.25
N LEU C 674 -8.44 -42.82 -7.29
CA LEU C 674 -9.44 -43.84 -7.55
C LEU C 674 -10.39 -43.37 -8.64
N ARG C 675 -10.73 -44.27 -9.56
CA ARG C 675 -11.61 -43.92 -10.69
C ARG C 675 -13.07 -44.22 -10.35
N ASP C 676 -13.97 -43.52 -11.02
CA ASP C 676 -15.42 -43.81 -10.95
C ASP C 676 -15.92 -43.89 -9.51
N CYS C 677 -15.70 -42.81 -8.75
CA CYS C 677 -16.20 -42.72 -7.38
C CYS C 677 -16.72 -41.31 -7.06
N PRO C 678 -17.69 -40.81 -7.84
CA PRO C 678 -18.18 -39.46 -7.56
C PRO C 678 -18.75 -39.32 -6.15
N ASN C 679 -18.49 -38.18 -5.53
CA ASN C 679 -19.00 -37.88 -4.20
C ASN C 679 -20.19 -36.93 -4.24
N LYS C 680 -21.39 -37.45 -4.01
CA LYS C 680 -22.61 -36.66 -4.10
C LYS C 680 -22.66 -35.50 -3.09
N LYS C 681 -21.81 -35.58 -2.07
CA LYS C 681 -21.87 -34.67 -0.95
C LYS C 681 -21.09 -33.36 -1.12
N ALA C 682 -20.33 -33.24 -2.21
CA ALA C 682 -19.53 -32.02 -2.40
C ALA C 682 -19.48 -31.53 -3.85
N ILE C 683 -18.94 -30.33 -4.00
CA ILE C 683 -18.92 -29.59 -5.27
C ILE C 683 -18.41 -30.41 -6.46
N TYR C 684 -19.25 -30.53 -7.48
CA TYR C 684 -18.96 -31.27 -8.70
C TYR C 684 -18.40 -32.69 -8.45
N ALA C 685 -18.89 -33.30 -7.38
CA ALA C 685 -18.62 -34.70 -7.04
C ALA C 685 -17.21 -34.96 -6.51
N SER C 686 -16.50 -33.87 -6.16
CA SER C 686 -15.11 -33.96 -5.65
C SER C 686 -15.07 -34.31 -4.16
N LYS C 687 -13.86 -34.55 -3.64
CA LYS C 687 -13.64 -34.69 -2.19
C LYS C 687 -12.44 -33.86 -1.74
N ALA C 688 -12.51 -33.43 -0.48
CA ALA C 688 -11.39 -32.81 0.22
C ALA C 688 -10.14 -33.69 0.14
N VAL C 689 -8.96 -33.07 -0.05
CA VAL C 689 -7.71 -33.83 -0.21
C VAL C 689 -6.55 -33.30 0.67
N GLY C 690 -6.71 -32.12 1.24
CA GLY C 690 -5.57 -31.44 1.87
C GLY C 690 -4.82 -32.25 2.93
N GLU C 691 -5.56 -32.70 3.93
CA GLU C 691 -5.02 -33.43 5.08
C GLU C 691 -5.13 -34.95 5.03
N PRO C 692 -6.23 -35.49 4.47
CA PRO C 692 -6.37 -36.96 4.50
C PRO C 692 -5.15 -37.83 4.14
N PRO C 693 -4.35 -37.43 3.13
CA PRO C 693 -3.24 -38.33 2.77
C PRO C 693 -2.04 -38.32 3.71
N LEU C 694 -1.96 -37.38 4.64
CA LEU C 694 -0.72 -37.21 5.39
C LEU C 694 -0.40 -38.47 6.21
N PHE C 695 -1.43 -39.03 6.82
CA PHE C 695 -1.21 -40.21 7.66
C PHE C 695 -0.64 -41.39 6.87
N LEU C 696 -0.85 -41.42 5.56
CA LEU C 696 -0.32 -42.54 4.75
C LEU C 696 1.21 -42.61 4.78
N GLY C 697 1.87 -41.52 5.20
CA GLY C 697 3.31 -41.50 5.43
C GLY C 697 3.72 -42.51 6.49
N ALA C 698 2.78 -42.89 7.37
CA ALA C 698 3.05 -43.92 8.37
C ALA C 698 3.35 -45.30 7.75
N SER C 699 3.00 -45.49 6.49
CA SER C 699 3.34 -46.73 5.81
C SER C 699 4.83 -46.95 5.82
N VAL C 700 5.59 -45.86 5.70
CA VAL C 700 7.06 -45.90 5.82
C VAL C 700 7.49 -46.34 7.22
N PHE C 701 6.85 -45.78 8.25
CA PHE C 701 7.15 -46.13 9.65
C PHE C 701 6.92 -47.62 9.88
N PHE C 702 5.76 -48.11 9.45
CA PHE C 702 5.44 -49.51 9.73
C PHE C 702 6.23 -50.50 8.85
N ALA C 703 6.69 -50.05 7.68
CA ALA C 703 7.67 -50.82 6.89
C ALA C 703 9.00 -50.90 7.65
N ILE C 704 9.39 -49.78 8.26
CA ILE C 704 10.62 -49.75 9.05
C ILE C 704 10.51 -50.71 10.23
N LYS C 705 9.37 -50.69 10.90
CA LYS C 705 9.12 -51.58 12.03
C LYS C 705 9.18 -53.05 11.61
N ASP C 706 8.61 -53.36 10.45
CA ASP C 706 8.70 -54.70 9.85
C ASP C 706 10.17 -55.11 9.68
N ALA C 707 10.98 -54.20 9.12
CA ALA C 707 12.40 -54.44 8.91
C ALA C 707 13.15 -54.67 10.24
N ILE C 708 12.82 -53.88 11.25
CA ILE C 708 13.43 -54.04 12.57
C ILE C 708 13.11 -55.42 13.13
N ARG C 709 11.87 -55.86 12.93
CA ARG C 709 11.46 -57.19 13.38
C ARG C 709 12.32 -58.27 12.75
N ALA C 710 12.65 -58.11 11.46
CA ALA C 710 13.56 -59.03 10.78
C ALA C 710 14.97 -58.98 11.40
N ALA C 711 15.42 -57.77 11.73
CA ALA C 711 16.74 -57.62 12.35
C ALA C 711 16.78 -58.30 13.72
N ARG C 712 15.71 -58.16 14.48
CA ARG C 712 15.63 -58.77 15.80
C ARG C 712 15.57 -60.29 15.70
N ALA C 713 14.87 -60.80 14.68
CA ALA C 713 14.86 -62.22 14.35
C ALA C 713 16.27 -62.72 14.03
N GLN C 714 17.06 -61.88 13.37
CA GLN C 714 18.40 -62.24 12.97
C GLN C 714 19.35 -62.30 14.18
N HIS C 715 19.33 -61.27 15.02
CA HIS C 715 20.36 -61.09 16.05
C HIS C 715 19.92 -60.98 17.52
N THR C 716 18.64 -60.72 17.77
CA THR C 716 18.21 -60.38 19.13
C THR C 716 17.79 -61.61 19.95
N ASN C 717 16.74 -62.28 19.49
CA ASN C 717 16.27 -63.48 20.17
C ASN C 717 15.48 -64.38 19.22
N ASN C 718 14.73 -65.33 19.78
CA ASN C 718 14.01 -66.32 18.98
C ASN C 718 12.49 -66.16 19.11
N ASN C 719 12.06 -65.10 19.79
CA ASN C 719 10.65 -64.88 20.04
C ASN C 719 9.98 -64.14 18.89
N THR C 720 9.30 -64.93 18.04
CA THR C 720 8.58 -64.47 16.85
C THR C 720 7.47 -63.49 17.19
N LYS C 721 6.88 -63.66 18.37
CA LYS C 721 5.68 -62.92 18.75
C LYS C 721 6.00 -61.77 19.70
N GLU C 722 7.30 -61.48 19.83
CA GLU C 722 7.78 -60.39 20.68
C GLU C 722 7.17 -59.05 20.24
N LEU C 723 6.70 -58.28 21.21
CA LEU C 723 6.31 -56.89 20.98
C LEU C 723 7.38 -56.01 21.56
N PHE C 724 7.94 -55.13 20.74
CA PHE C 724 8.84 -54.09 21.27
C PHE C 724 8.27 -52.70 20.95
N ARG C 725 8.58 -51.75 21.82
CA ARG C 725 8.05 -50.41 21.64
C ARG C 725 8.91 -49.60 20.68
N LEU C 726 8.26 -49.05 19.65
CA LEU C 726 8.93 -48.14 18.71
C LEU C 726 8.13 -46.84 18.64
N ASP C 727 8.66 -45.79 19.28
CA ASP C 727 8.00 -44.50 19.26
C ASP C 727 8.25 -43.80 17.94
N SER C 728 7.48 -42.74 17.71
CA SER C 728 7.66 -41.85 16.56
C SER C 728 8.28 -40.54 17.05
N PRO C 729 9.21 -39.95 16.26
CA PRO C 729 9.68 -40.44 14.95
C PRO C 729 10.69 -41.59 15.05
N ALA C 730 10.61 -42.53 14.11
CA ALA C 730 11.59 -43.63 14.00
C ALA C 730 12.86 -43.13 13.31
N THR C 731 13.65 -42.36 14.08
CA THR C 731 14.90 -41.78 13.62
C THR C 731 15.99 -42.84 13.57
N PRO C 732 17.14 -42.55 12.92
CA PRO C 732 18.25 -43.53 12.99
C PRO C 732 18.56 -44.00 14.42
N GLU C 733 18.52 -43.09 15.39
CA GLU C 733 18.73 -43.47 16.79
C GLU C 733 17.79 -44.59 17.22
N LYS C 734 16.49 -44.40 17.01
CA LYS C 734 15.50 -45.36 17.47
C LYS C 734 15.58 -46.68 16.71
N ILE C 735 15.84 -46.60 15.41
CA ILE C 735 15.98 -47.77 14.55
C ILE C 735 17.22 -48.56 15.01
N ARG C 736 18.35 -47.88 15.12
CA ARG C 736 19.60 -48.56 15.50
C ARG C 736 19.50 -49.24 16.87
N ASN C 737 18.97 -48.50 17.86
CA ASN C 737 18.84 -49.03 19.22
C ASN C 737 17.93 -50.27 19.28
N ALA C 738 16.99 -50.32 18.35
CA ALA C 738 16.02 -51.42 18.30
C ALA C 738 16.60 -52.69 17.68
N CYS C 739 17.64 -52.54 16.87
CA CYS C 739 18.33 -53.67 16.29
C CYS C 739 19.35 -54.22 17.30
N VAL C 740 18.80 -54.80 18.36
CA VAL C 740 19.60 -55.34 19.45
C VAL C 740 20.49 -56.48 18.93
N ASP C 741 21.79 -56.34 19.20
CA ASP C 741 22.80 -57.25 18.65
C ASP C 741 24.03 -57.20 19.54
N LYS C 742 25.13 -57.76 19.03
CA LYS C 742 26.37 -57.87 19.81
C LYS C 742 27.01 -56.51 20.10
N PHE C 743 26.62 -55.49 19.33
CA PHE C 743 27.13 -54.14 19.55
C PHE C 743 26.33 -53.36 20.57
N THR C 744 25.01 -53.37 20.44
CA THR C 744 24.15 -52.66 21.39
C THR C 744 24.33 -53.22 22.80
N THR C 745 24.52 -54.54 22.88
CA THR C 745 24.62 -55.22 24.18
C THR C 745 26.04 -55.21 24.72
N LEU C 746 27.00 -54.86 23.88
CA LEU C 746 28.44 -54.98 24.17
C LEU C 746 28.93 -56.42 24.27
N CYS C 747 28.13 -57.37 23.78
CA CYS C 747 28.58 -58.75 23.74
C CYS C 747 29.84 -58.92 22.89
N VAL C 748 29.99 -58.07 21.87
CA VAL C 748 31.19 -58.09 21.03
C VAL C 748 32.49 -57.79 21.81
N THR C 749 32.35 -57.10 22.94
CA THR C 749 33.50 -56.77 23.79
C THR C 749 33.92 -57.96 24.66
N GLY C 750 33.10 -59.01 24.69
CA GLY C 750 33.35 -60.19 25.52
C GLY C 750 32.42 -60.29 26.72
N ALA C 751 31.64 -59.24 26.96
CA ALA C 751 30.66 -59.21 28.04
C ALA C 751 29.47 -60.12 27.73
N PRO C 752 28.81 -60.66 28.79
CA PRO C 752 27.57 -61.35 28.51
C PRO C 752 26.49 -60.33 28.21
N GLY C 753 25.42 -60.76 27.55
CA GLY C 753 24.36 -59.81 27.24
C GLY C 753 23.15 -60.37 26.57
N ASN C 754 22.20 -59.46 26.32
CA ASN C 754 20.85 -59.86 25.95
C ASN C 754 20.64 -59.97 24.44
N CYS C 755 21.51 -60.73 23.78
CA CYS C 755 21.29 -61.15 22.40
C CYS C 755 21.71 -62.61 22.27
N LYS C 756 21.35 -63.23 21.14
CA LYS C 756 21.61 -64.66 20.96
C LYS C 756 22.91 -64.93 20.20
N THR D 1 31.30 25.03 0.91
CA THR D 1 30.83 24.31 2.13
C THR D 1 29.58 24.98 2.73
N ALA D 2 28.68 24.18 3.31
CA ALA D 2 27.36 24.65 3.72
C ALA D 2 27.14 24.69 5.22
N ASP D 3 26.44 25.72 5.67
CA ASP D 3 26.04 25.84 7.07
C ASP D 3 24.80 24.99 7.35
N GLU D 4 24.62 24.64 8.62
CA GLU D 4 23.42 23.94 9.08
C GLU D 4 22.26 24.93 9.19
N LEU D 5 21.10 24.51 8.73
CA LEU D 5 19.87 25.28 8.92
C LEU D 5 19.13 24.68 10.10
N VAL D 6 18.83 25.49 11.10
CA VAL D 6 18.17 25.03 12.31
C VAL D 6 16.87 25.79 12.53
N PHE D 7 15.76 25.06 12.59
CA PHE D 7 14.48 25.67 12.93
C PHE D 7 13.63 24.70 13.75
N PHE D 8 12.45 25.14 14.15
CA PHE D 8 11.57 24.28 14.94
C PHE D 8 10.22 24.09 14.26
N VAL D 9 9.70 22.88 14.35
CA VAL D 9 8.37 22.57 13.84
C VAL D 9 7.58 21.90 14.94
N ASN D 10 6.49 22.55 15.34
CA ASN D 10 5.65 22.07 16.43
C ASN D 10 6.46 21.72 17.68
N GLY D 11 7.42 22.59 18.00
CA GLY D 11 8.24 22.46 19.19
C GLY D 11 9.41 21.51 19.07
N LYS D 12 9.54 20.84 17.92
CA LYS D 12 10.59 19.85 17.67
C LYS D 12 11.72 20.45 16.83
N LYS D 13 12.95 20.21 17.23
CA LYS D 13 14.11 20.75 16.53
C LYS D 13 14.38 20.05 15.20
N VAL D 14 14.53 20.87 14.15
CA VAL D 14 14.91 20.41 12.83
C VAL D 14 16.30 20.93 12.51
N VAL D 15 17.25 20.01 12.29
CA VAL D 15 18.59 20.38 11.84
C VAL D 15 18.79 19.87 10.44
N GLU D 16 18.62 20.77 9.47
CA GLU D 16 18.84 20.43 8.07
C GLU D 16 20.28 20.75 7.72
N LYS D 17 21.07 19.70 7.47
CA LYS D 17 22.50 19.85 7.22
C LYS D 17 22.81 20.18 5.75
N ASN D 18 21.84 19.95 4.88
CA ASN D 18 22.02 20.18 3.45
C ASN D 18 20.82 20.88 2.81
N ALA D 19 20.51 22.07 3.30
CA ALA D 19 19.36 22.83 2.82
C ALA D 19 19.55 23.27 1.37
N ASP D 20 18.55 22.99 0.53
CA ASP D 20 18.53 23.54 -0.82
C ASP D 20 17.77 24.86 -0.78
N PRO D 21 18.40 25.94 -1.27
CA PRO D 21 17.74 27.24 -1.32
C PRO D 21 16.38 27.25 -2.02
N GLU D 22 16.15 26.29 -2.92
CA GLU D 22 14.89 26.23 -3.67
C GLU D 22 13.74 25.58 -2.89
N THR D 23 14.06 24.96 -1.76
CA THR D 23 13.08 24.16 -1.03
C THR D 23 12.10 25.03 -0.26
N THR D 24 10.81 24.89 -0.56
CA THR D 24 9.75 25.61 0.16
C THR D 24 9.43 24.89 1.47
N LEU D 25 8.90 25.66 2.43
CA LEU D 25 8.47 25.07 3.69
C LEU D 25 7.36 24.02 3.47
N LEU D 26 6.44 24.30 2.56
CA LEU D 26 5.37 23.34 2.25
C LEU D 26 5.94 21.99 1.80
N ALA D 27 6.88 22.02 0.87
CA ALA D 27 7.53 20.78 0.40
C ALA D 27 8.27 20.09 1.55
N TYR D 28 8.92 20.87 2.41
CA TYR D 28 9.69 20.32 3.51
C TYR D 28 8.76 19.64 4.52
N LEU D 29 7.69 20.33 4.89
CA LEU D 29 6.73 19.80 5.86
C LEU D 29 6.12 18.49 5.36
N ARG D 30 5.65 18.50 4.12
CA ARG D 30 4.89 17.38 3.58
C ARG D 30 5.77 16.19 3.22
N ARG D 31 6.92 16.48 2.60
CA ARG D 31 7.70 15.44 1.94
C ARG D 31 9.02 15.07 2.62
N LYS D 32 9.45 15.89 3.57
CA LYS D 32 10.59 15.53 4.41
C LYS D 32 10.13 15.12 5.81
N LEU D 33 9.26 15.93 6.42
CA LEU D 33 8.84 15.68 7.81
C LEU D 33 7.57 14.84 7.90
N GLY D 34 6.90 14.62 6.77
CA GLY D 34 5.69 13.81 6.74
C GLY D 34 4.50 14.39 7.49
N LEU D 35 4.45 15.72 7.57
CA LEU D 35 3.33 16.43 8.20
C LEU D 35 2.39 16.95 7.11
N ARG D 36 1.36 16.16 6.81
CA ARG D 36 0.57 16.39 5.59
C ARG D 36 -0.73 17.17 5.81
N GLY D 37 -0.92 17.69 7.02
CA GLY D 37 -2.08 18.53 7.32
C GLY D 37 -2.07 19.82 6.56
N THR D 38 -0.87 20.38 6.36
CA THR D 38 -0.70 21.57 5.54
C THR D 38 -0.78 21.18 4.07
N LYS D 39 -1.61 21.90 3.30
CA LYS D 39 -1.98 21.50 1.94
C LYS D 39 -1.45 22.43 0.86
N LEU D 40 -1.31 21.87 -0.34
CA LEU D 40 -1.07 22.63 -1.55
C LEU D 40 -2.38 22.90 -2.28
N GLY D 41 -2.69 24.18 -2.48
CA GLY D 41 -3.89 24.61 -3.20
C GLY D 41 -3.62 25.41 -4.47
N CYS D 42 -2.43 26.01 -4.58
CA CYS D 42 -2.12 26.90 -5.71
C CYS D 42 -0.64 27.16 -5.95
N GLY D 43 0.19 27.14 -4.90
CA GLY D 43 1.62 27.47 -5.03
C GLY D 43 1.93 28.92 -5.37
N GLU D 44 0.93 29.81 -5.33
CA GLU D 44 1.15 31.21 -5.69
C GLU D 44 0.64 32.24 -4.66
N GLY D 45 0.38 31.76 -3.45
CA GLY D 45 -0.01 32.63 -2.34
C GLY D 45 -1.45 33.11 -2.23
N GLY D 46 -2.33 32.68 -3.14
CA GLY D 46 -3.69 33.21 -3.16
C GLY D 46 -4.78 32.45 -2.42
N CYS D 47 -4.50 31.21 -2.00
CA CYS D 47 -5.57 30.36 -1.48
C CYS D 47 -5.46 30.09 0.01
N GLY D 48 -4.24 30.18 0.54
CA GLY D 48 -4.01 29.97 1.98
C GLY D 48 -4.16 28.55 2.49
N ALA D 49 -4.34 27.58 1.60
CA ALA D 49 -4.47 26.19 2.03
C ALA D 49 -3.20 25.72 2.76
N CYS D 50 -2.10 26.42 2.52
CA CYS D 50 -0.79 26.09 3.07
C CYS D 50 -0.43 26.96 4.28
N THR D 51 -1.40 27.69 4.85
CA THR D 51 -1.11 28.62 5.94
C THR D 51 -0.55 27.90 7.17
N VAL D 52 0.56 28.44 7.68
CA VAL D 52 1.14 27.98 8.96
C VAL D 52 1.33 29.21 9.85
N MET D 53 1.61 29.00 11.13
CA MET D 53 2.05 30.11 11.98
C MET D 53 3.57 30.06 12.14
N LEU D 54 4.20 31.23 12.10
CA LEU D 54 5.60 31.35 12.41
C LEU D 54 5.77 32.18 13.67
N SER D 55 6.76 31.80 14.48
CA SER D 55 7.08 32.55 15.70
C SER D 55 8.58 32.83 15.77
N LYS D 56 8.92 34.03 16.23
CA LYS D 56 10.33 34.38 16.45
C LYS D 56 10.46 35.47 17.50
N TYR D 57 11.66 35.61 18.07
CA TYR D 57 12.00 36.75 18.92
C TYR D 57 12.28 37.96 18.03
N ASP D 58 11.56 39.05 18.28
CA ASP D 58 11.82 40.32 17.61
C ASP D 58 12.79 41.14 18.45
N ARG D 59 13.87 41.62 17.83
CA ARG D 59 14.88 42.43 18.51
C ARG D 59 14.35 43.84 18.75
N LEU D 60 13.67 44.39 17.73
CA LEU D 60 13.16 45.75 17.78
C LEU D 60 12.04 45.92 18.81
N GLN D 61 11.04 45.05 18.74
CA GLN D 61 9.90 45.11 19.65
C GLN D 61 10.17 44.49 21.03
N ASP D 62 11.31 43.79 21.13
CA ASP D 62 11.71 43.08 22.36
C ASP D 62 10.65 42.08 22.85
N LYS D 63 10.08 41.31 21.93
CA LYS D 63 9.04 40.32 22.25
C LYS D 63 9.08 39.12 21.30
N ILE D 64 8.41 38.04 21.68
CA ILE D 64 8.12 36.93 20.77
C ILE D 64 6.90 37.32 19.94
N ILE D 65 7.05 37.27 18.62
CA ILE D 65 5.97 37.61 17.71
C ILE D 65 5.45 36.38 16.97
N HIS D 66 4.17 36.40 16.65
CA HIS D 66 3.51 35.30 15.94
C HIS D 66 2.79 35.87 14.74
N PHE D 67 3.00 35.26 13.56
CA PHE D 67 2.30 35.69 12.36
C PHE D 67 2.07 34.51 11.43
N SER D 68 1.09 34.66 10.54
CA SER D 68 0.77 33.60 9.58
C SER D 68 1.59 33.80 8.31
N ALA D 69 1.84 32.70 7.60
CA ALA D 69 2.60 32.73 6.37
C ALA D 69 2.13 31.63 5.44
N ASN D 70 2.28 31.84 4.15
CA ASN D 70 2.01 30.79 3.17
C ASN D 70 3.23 29.89 3.05
N ALA D 71 3.10 28.66 3.52
CA ALA D 71 4.20 27.70 3.41
C ALA D 71 4.67 27.43 1.96
N CYS D 72 3.77 27.62 0.97
CA CYS D 72 4.13 27.34 -0.44
C CYS D 72 5.14 28.32 -1.00
N LEU D 73 5.27 29.48 -0.36
CA LEU D 73 6.21 30.51 -0.81
C LEU D 73 7.35 30.81 0.16
N ALA D 74 7.32 30.22 1.35
CA ALA D 74 8.36 30.45 2.35
C ALA D 74 9.56 29.56 2.05
N PRO D 75 10.70 30.15 1.65
CA PRO D 75 11.89 29.32 1.52
C PRO D 75 12.31 28.83 2.90
N ILE D 76 12.67 27.56 3.05
CA ILE D 76 13.14 27.08 4.35
C ILE D 76 14.39 27.84 4.80
N CYS D 77 15.15 28.33 3.82
CA CYS D 77 16.40 29.06 4.13
C CYS D 77 16.20 30.43 4.79
N THR D 78 14.95 30.92 4.83
CA THR D 78 14.61 32.14 5.58
C THR D 78 14.26 31.84 7.04
N LEU D 79 14.19 30.56 7.40
CA LEU D 79 13.60 30.16 8.67
C LEU D 79 14.58 29.80 9.76
N HIS D 80 15.87 30.12 9.57
CA HIS D 80 16.85 29.83 10.61
C HIS D 80 16.44 30.49 11.92
N HIS D 81 16.32 29.67 12.97
CA HIS D 81 15.90 30.13 14.30
C HIS D 81 14.46 30.67 14.36
N VAL D 82 13.59 30.12 13.51
CA VAL D 82 12.17 30.42 13.54
C VAL D 82 11.44 29.16 13.96
N ALA D 83 10.30 29.35 14.65
CA ALA D 83 9.46 28.22 15.07
C ALA D 83 8.21 28.16 14.22
N VAL D 84 7.97 26.99 13.64
CA VAL D 84 6.79 26.77 12.80
C VAL D 84 5.72 26.03 13.61
N THR D 85 4.47 26.45 13.48
CA THR D 85 3.34 25.70 14.02
C THR D 85 2.40 25.36 12.88
N THR D 86 2.14 24.07 12.69
CA THR D 86 1.19 23.61 11.69
C THR D 86 -0.08 23.17 12.40
N VAL D 87 -1.08 22.76 11.62
CA VAL D 87 -2.35 22.31 12.18
C VAL D 87 -2.15 21.18 13.20
N GLU D 88 -1.21 20.27 12.95
CA GLU D 88 -0.99 19.18 13.90
C GLU D 88 -0.31 19.61 15.22
N GLY D 89 0.21 20.82 15.23
CA GLY D 89 0.87 21.38 16.41
C GLY D 89 -0.07 21.93 17.47
N ILE D 90 -1.36 22.08 17.13
CA ILE D 90 -2.29 22.75 18.04
C ILE D 90 -3.35 21.85 18.68
N GLY D 91 -3.54 20.66 18.12
CA GLY D 91 -4.54 19.74 18.63
C GLY D 91 -4.75 18.60 17.65
N SER D 92 -5.41 17.56 18.13
CA SER D 92 -5.63 16.33 17.35
C SER D 92 -6.83 15.59 17.92
N THR D 93 -7.50 14.80 17.09
CA THR D 93 -8.60 13.96 17.55
C THR D 93 -8.09 12.80 18.40
N LYS D 94 -6.79 12.54 18.33
CA LYS D 94 -6.17 11.48 19.11
C LYS D 94 -5.88 11.91 20.55
N THR D 95 -5.82 13.22 20.75
CA THR D 95 -5.52 13.81 22.06
C THR D 95 -6.68 14.72 22.46
N ARG D 96 -6.60 15.99 22.06
CA ARG D 96 -7.65 16.95 22.28
C ARG D 96 -7.61 17.98 21.15
N LEU D 97 -8.77 18.32 20.59
CA LEU D 97 -8.83 19.39 19.59
C LEU D 97 -8.60 20.75 20.25
N HIS D 98 -7.95 21.65 19.53
CA HIS D 98 -7.93 23.06 19.93
C HIS D 98 -9.33 23.63 19.75
N PRO D 99 -9.74 24.57 20.63
CA PRO D 99 -11.03 25.23 20.43
C PRO D 99 -11.32 25.68 18.98
N VAL D 100 -10.34 26.22 18.28
CA VAL D 100 -10.51 26.63 16.88
C VAL D 100 -10.96 25.44 16.02
N GLN D 101 -10.31 24.30 16.21
CA GLN D 101 -10.62 23.08 15.46
C GLN D 101 -11.99 22.53 15.84
N GLU D 102 -12.30 22.49 17.13
CA GLU D 102 -13.60 22.00 17.58
C GLU D 102 -14.75 22.83 17.00
N ARG D 103 -14.61 24.15 17.07
CA ARG D 103 -15.69 25.06 16.70
C ARG D 103 -15.96 25.11 15.20
N ILE D 104 -14.91 25.08 14.38
CA ILE D 104 -15.12 25.07 12.94
C ILE D 104 -15.82 23.77 12.53
N ALA D 105 -15.45 22.66 13.16
CA ALA D 105 -16.09 21.38 12.87
C ALA D 105 -17.55 21.32 13.30
N LYS D 106 -17.84 21.74 14.53
CA LYS D 106 -19.20 21.63 15.07
C LYS D 106 -20.15 22.68 14.49
N SER D 107 -19.58 23.73 13.90
CA SER D 107 -20.37 24.82 13.30
C SER D 107 -20.69 24.60 11.83
N HIS D 108 -20.30 23.44 11.31
CA HIS D 108 -20.53 23.09 9.90
C HIS D 108 -19.69 23.97 8.97
N GLY D 109 -18.50 24.34 9.47
CA GLY D 109 -17.59 25.17 8.69
C GLY D 109 -16.62 24.38 7.81
N SER D 110 -16.76 23.05 7.82
CA SER D 110 -15.90 22.19 7.03
C SER D 110 -16.75 21.23 6.22
N GLN D 111 -16.60 21.28 4.90
CA GLN D 111 -17.31 20.36 3.99
C GLN D 111 -16.31 19.36 3.40
N CYS D 112 -15.65 19.68 2.30
CA CYS D 112 -14.64 18.76 1.76
C CYS D 112 -13.44 18.69 2.69
N GLY D 113 -13.19 19.81 3.40
CA GLY D 113 -12.14 19.88 4.41
C GLY D 113 -10.77 20.33 3.98
N PHE D 114 -10.57 20.54 2.68
CA PHE D 114 -9.22 20.79 2.18
C PHE D 114 -8.67 22.16 2.60
N CYS D 115 -9.57 23.14 2.75
CA CYS D 115 -9.17 24.50 3.17
C CYS D 115 -9.12 24.61 4.68
N THR D 116 -9.64 23.60 5.37
CA THR D 116 -9.87 23.72 6.81
C THR D 116 -8.60 23.96 7.66
N PRO D 117 -7.53 23.17 7.43
CA PRO D 117 -6.28 23.44 8.18
C PRO D 117 -5.78 24.88 8.02
N GLY D 118 -5.83 25.41 6.80
CA GLY D 118 -5.33 26.77 6.54
C GLY D 118 -6.15 27.82 7.28
N ILE D 119 -7.46 27.66 7.24
CA ILE D 119 -8.38 28.56 7.94
C ILE D 119 -8.18 28.42 9.45
N VAL D 120 -8.06 27.20 9.95
CA VAL D 120 -7.73 26.97 11.35
C VAL D 120 -6.47 27.73 11.77
N MET D 121 -5.40 27.63 10.97
CA MET D 121 -4.17 28.33 11.28
C MET D 121 -4.29 29.86 11.22
N SER D 122 -5.07 30.37 10.27
CA SER D 122 -5.34 31.81 10.25
C SER D 122 -6.06 32.30 11.50
N MET D 123 -7.06 31.53 11.95
CA MET D 123 -7.80 31.90 13.16
C MET D 123 -6.92 31.71 14.40
N TYR D 124 -6.20 30.60 14.45
CA TYR D 124 -5.26 30.34 15.53
C TYR D 124 -4.26 31.48 15.72
N THR D 125 -3.68 31.94 14.61
CA THR D 125 -2.70 33.03 14.63
C THR D 125 -3.30 34.31 15.18
N LEU D 126 -4.53 34.60 14.76
CA LEU D 126 -5.25 35.77 15.28
C LEU D 126 -5.37 35.69 16.81
N LEU D 127 -5.82 34.55 17.32
CA LEU D 127 -6.02 34.36 18.76
C LEU D 127 -4.72 34.44 19.55
N ARG D 128 -3.64 34.02 18.94
CA ARG D 128 -2.32 34.09 19.57
C ARG D 128 -1.84 35.54 19.74
N ASN D 129 -2.28 36.40 18.82
CA ASN D 129 -1.97 37.83 18.86
C ASN D 129 -2.99 38.59 19.70
N GLN D 130 -4.24 38.12 19.67
CA GLN D 130 -5.36 38.80 20.31
C GLN D 130 -6.40 37.77 20.80
N PRO D 131 -6.30 37.37 22.09
CA PRO D 131 -7.17 36.37 22.71
C PRO D 131 -8.67 36.73 22.69
N GLU D 132 -9.00 38.02 22.74
CA GLU D 132 -10.39 38.46 22.58
C GLU D 132 -10.54 39.43 21.42
N PRO D 133 -10.60 38.90 20.17
CA PRO D 133 -10.73 39.77 19.02
C PRO D 133 -12.14 40.33 18.88
N THR D 134 -12.29 41.41 18.12
CA THR D 134 -13.62 41.90 17.77
C THR D 134 -14.14 41.07 16.60
N VAL D 135 -15.45 41.11 16.41
CA VAL D 135 -16.09 40.50 15.23
C VAL D 135 -15.40 40.99 13.95
N GLU D 136 -15.04 42.27 13.94
CA GLU D 136 -14.38 42.90 12.78
C GLU D 136 -13.01 42.29 12.46
N GLU D 137 -12.20 42.06 13.48
CA GLU D 137 -10.87 41.46 13.32
C GLU D 137 -10.95 40.03 12.79
N ILE D 138 -11.95 39.28 13.26
CA ILE D 138 -12.16 37.89 12.83
C ILE D 138 -12.39 37.76 11.31
N GLU D 139 -13.31 38.53 10.74
CA GLU D 139 -13.56 38.43 9.30
C GLU D 139 -12.33 38.85 8.48
N ASP D 140 -11.69 39.92 8.91
CA ASP D 140 -10.48 40.42 8.25
C ASP D 140 -9.30 39.46 8.33
N ALA D 141 -9.44 38.40 9.12
CA ALA D 141 -8.33 37.50 9.36
C ALA D 141 -8.13 36.52 8.20
N PHE D 142 -9.11 36.45 7.30
CA PHE D 142 -9.16 35.40 6.28
C PHE D 142 -9.16 35.85 4.82
N GLN D 143 -8.63 37.04 4.53
CA GLN D 143 -8.61 37.51 3.13
C GLN D 143 -7.73 36.59 2.28
N GLY D 144 -6.83 35.87 2.95
CA GLY D 144 -5.91 34.98 2.27
C GLY D 144 -6.31 33.53 2.20
N ASN D 145 -7.52 33.20 2.66
CA ASN D 145 -8.00 31.81 2.65
C ASN D 145 -9.25 31.64 1.81
N LEU D 146 -9.17 30.73 0.84
CA LEU D 146 -10.31 30.44 -0.03
C LEU D 146 -10.98 29.12 0.32
N CYS D 147 -12.31 29.12 0.25
CA CYS D 147 -13.08 27.91 0.44
C CYS D 147 -14.09 27.82 -0.69
N ARG D 148 -14.13 26.67 -1.35
CA ARG D 148 -15.02 26.48 -2.50
C ARG D 148 -16.38 25.86 -2.10
N CYS D 149 -16.44 25.25 -0.91
CA CYS D 149 -17.57 24.44 -0.49
C CYS D 149 -18.64 25.13 0.34
N THR D 150 -18.21 25.95 1.31
CA THR D 150 -19.13 26.32 2.42
C THR D 150 -19.93 27.58 2.20
N GLY D 151 -19.45 28.47 1.32
CA GLY D 151 -20.09 29.79 1.20
C GLY D 151 -19.76 30.68 2.40
N TYR D 152 -18.79 30.23 3.21
CA TYR D 152 -18.15 31.01 4.28
C TYR D 152 -18.98 31.34 5.52
N ARG D 153 -20.29 31.53 5.35
CA ARG D 153 -21.20 31.90 6.45
C ARG D 153 -20.96 31.10 7.75
N PRO D 154 -20.99 29.75 7.68
CA PRO D 154 -20.83 28.97 8.92
C PRO D 154 -19.48 29.13 9.60
N ILE D 155 -18.41 29.37 8.84
CA ILE D 155 -17.06 29.51 9.39
C ILE D 155 -16.99 30.78 10.24
N LEU D 156 -17.48 31.89 9.68
CA LEU D 156 -17.55 33.14 10.42
C LEU D 156 -18.47 33.05 11.63
N GLN D 157 -19.61 32.37 11.47
CA GLN D 157 -20.54 32.21 12.59
C GLN D 157 -19.91 31.40 13.72
N GLY D 158 -19.23 30.31 13.38
CA GLY D 158 -18.52 29.51 14.38
C GLY D 158 -17.48 30.33 15.13
N PHE D 159 -16.67 31.07 14.40
CA PHE D 159 -15.56 31.83 15.01
C PHE D 159 -15.99 33.10 15.74
N ARG D 160 -17.19 33.60 15.44
CA ARG D 160 -17.74 34.77 16.14
C ARG D 160 -17.82 34.56 17.65
N THR D 161 -17.93 33.29 18.05
CA THR D 161 -18.02 32.90 19.46
C THR D 161 -16.76 33.29 20.25
N PHE D 162 -15.65 33.51 19.54
CA PHE D 162 -14.39 33.97 20.15
C PHE D 162 -14.35 35.47 20.39
N ALA D 163 -15.32 36.20 19.83
CA ALA D 163 -15.35 37.66 19.89
C ALA D 163 -15.98 38.16 21.19
N LYS D 164 -16.11 39.50 21.27
CA LYS D 164 -16.59 40.22 22.45
C LYS D 164 -15.56 40.16 23.58
N PRO E 30 24.00 37.37 15.24
CA PRO E 30 23.84 36.55 14.04
C PRO E 30 25.12 36.53 13.20
N LYS E 31 25.35 35.42 12.53
CA LYS E 31 26.47 35.28 11.60
C LYS E 31 25.97 34.88 10.21
N GLN E 32 26.72 35.29 9.18
CA GLN E 32 26.39 34.98 7.81
C GLN E 32 26.33 33.46 7.59
N LEU E 33 25.24 33.01 6.96
CA LEU E 33 25.10 31.59 6.65
C LEU E 33 25.12 31.36 5.14
N ARG E 34 25.66 30.21 4.75
CA ARG E 34 25.71 29.84 3.35
C ARG E 34 25.02 28.50 3.15
N PHE E 35 24.06 28.48 2.22
CA PHE E 35 23.38 27.24 1.85
C PHE E 35 23.59 26.96 0.35
N GLU E 36 23.85 25.70 0.02
CA GLU E 36 24.18 25.31 -1.35
C GLU E 36 23.24 24.20 -1.82
N GLY E 37 22.55 24.47 -2.92
CA GLY E 37 21.62 23.49 -3.48
C GLY E 37 22.08 22.98 -4.83
N GLU E 38 21.16 22.37 -5.55
CA GLU E 38 21.42 21.84 -6.89
C GLU E 38 21.78 22.90 -7.91
N ARG E 39 21.14 24.07 -7.82
CA ARG E 39 21.31 25.14 -8.80
C ARG E 39 21.64 26.50 -8.18
N VAL E 40 21.32 26.65 -6.90
CA VAL E 40 21.33 27.95 -6.23
C VAL E 40 22.23 27.95 -5.00
N THR E 41 22.97 29.04 -4.81
CA THR E 41 23.67 29.31 -3.56
C THR E 41 22.95 30.45 -2.87
N TRP E 42 22.61 30.26 -1.59
CA TRP E 42 21.89 31.25 -0.78
C TRP E 42 22.85 31.75 0.29
N ILE E 43 22.97 33.08 0.38
CA ILE E 43 23.73 33.69 1.46
C ILE E 43 22.82 34.54 2.31
N GLN E 44 22.72 34.17 3.59
CA GLN E 44 21.96 34.91 4.57
C GLN E 44 22.92 35.95 5.16
N ALA E 45 22.77 37.20 4.73
CA ALA E 45 23.66 38.27 5.20
C ALA E 45 23.26 38.75 6.58
N SER E 46 24.23 38.85 7.48
CA SER E 46 23.96 39.25 8.87
C SER E 46 24.09 40.76 9.10
N THR E 47 24.91 41.42 8.27
CA THR E 47 25.21 42.84 8.44
C THR E 47 25.07 43.59 7.13
N LEU E 48 24.88 44.90 7.23
CA LEU E 48 24.81 45.78 6.06
C LEU E 48 26.07 45.71 5.20
N LYS E 49 27.25 45.65 5.84
CA LYS E 49 28.51 45.51 5.11
C LYS E 49 28.53 44.26 4.24
N GLU E 50 28.12 43.13 4.82
CA GLU E 50 28.11 41.85 4.10
C GLU E 50 27.24 41.93 2.86
N LEU E 51 26.04 42.48 3.00
CA LEU E 51 25.12 42.69 1.88
C LEU E 51 25.75 43.53 0.76
N LEU E 52 26.40 44.62 1.13
CA LEU E 52 26.97 45.53 0.12
C LEU E 52 28.18 44.92 -0.55
N ASP E 53 28.98 44.21 0.23
CA ASP E 53 30.12 43.44 -0.30
C ASP E 53 29.63 42.38 -1.30
N LEU E 54 28.67 41.57 -0.88
CA LEU E 54 28.13 40.50 -1.71
C LEU E 54 27.52 41.05 -3.01
N LYS E 55 26.82 42.17 -2.92
CA LYS E 55 26.18 42.79 -4.08
C LYS E 55 27.19 43.40 -5.05
N ALA E 56 28.35 43.81 -4.54
CA ALA E 56 29.42 44.34 -5.38
C ALA E 56 30.25 43.21 -6.01
N GLN E 57 30.51 42.17 -5.21
CA GLN E 57 31.26 41.00 -5.66
C GLN E 57 30.44 40.16 -6.64
N HIS E 58 29.12 40.20 -6.48
CA HIS E 58 28.19 39.46 -7.34
C HIS E 58 26.97 40.33 -7.67
N PRO E 59 27.10 41.22 -8.69
CA PRO E 59 26.01 42.14 -9.03
C PRO E 59 24.76 41.43 -9.53
N GLU E 60 24.95 40.23 -10.10
CA GLU E 60 23.87 39.41 -10.63
C GLU E 60 23.01 38.79 -9.53
N ALA E 61 23.56 38.71 -8.32
CA ALA E 61 22.83 38.18 -7.15
C ALA E 61 21.43 38.75 -6.99
N LYS E 62 20.50 37.89 -6.62
CA LYS E 62 19.13 38.31 -6.37
C LYS E 62 18.86 38.43 -4.88
N LEU E 63 18.41 39.60 -4.46
CA LEU E 63 17.92 39.77 -3.11
C LEU E 63 16.58 39.05 -2.97
N VAL E 64 16.40 38.35 -1.85
CA VAL E 64 15.11 37.76 -1.49
C VAL E 64 14.83 38.09 -0.03
N VAL E 65 13.63 38.58 0.24
CA VAL E 65 13.16 38.79 1.61
C VAL E 65 11.96 37.87 1.84
N GLY E 66 10.79 38.28 1.36
CA GLY E 66 9.57 37.48 1.53
C GLY E 66 9.43 36.34 0.54
N ASN E 67 10.12 36.47 -0.59
CA ASN E 67 10.03 35.49 -1.69
C ASN E 67 8.67 35.47 -2.39
N THR E 68 7.82 36.46 -2.11
CA THR E 68 6.45 36.43 -2.66
C THR E 68 6.39 36.83 -4.13
N GLU E 69 7.47 37.43 -4.63
CA GLU E 69 7.66 37.67 -6.07
C GLU E 69 8.66 36.67 -6.68
N ILE E 70 9.84 36.53 -6.08
CA ILE E 70 10.88 35.62 -6.59
C ILE E 70 10.39 34.17 -6.68
N GLY E 71 9.59 33.74 -5.70
CA GLY E 71 9.03 32.37 -5.72
C GLY E 71 8.12 32.15 -6.91
N ILE E 72 7.41 33.19 -7.31
CA ILE E 72 6.56 33.18 -8.50
C ILE E 72 7.43 33.18 -9.75
N GLU E 73 8.48 34.01 -9.75
CA GLU E 73 9.39 34.08 -10.89
C GLU E 73 10.07 32.74 -11.16
N MET E 74 10.52 32.07 -10.09
CA MET E 74 11.23 30.80 -10.23
C MET E 74 10.32 29.65 -10.64
N LYS E 75 9.12 29.60 -10.07
CA LYS E 75 8.19 28.49 -10.35
C LYS E 75 7.45 28.68 -11.67
N PHE E 76 6.88 29.87 -11.88
CA PHE E 76 5.95 30.10 -12.98
C PHE E 76 6.54 30.80 -14.20
N LYS E 77 7.63 31.54 -14.01
CA LYS E 77 8.29 32.18 -15.14
C LYS E 77 9.60 31.46 -15.46
N ASN E 78 9.86 30.40 -14.71
CA ASN E 78 11.01 29.50 -14.93
C ASN E 78 12.34 30.25 -14.97
N GLN E 79 12.45 31.24 -14.09
CA GLN E 79 13.65 32.03 -13.92
C GLN E 79 14.59 31.31 -12.98
N LEU E 80 15.89 31.34 -13.30
CA LEU E 80 16.89 30.79 -12.40
C LEU E 80 17.84 31.89 -11.93
N PHE E 81 17.93 32.03 -10.61
CA PHE E 81 18.84 32.96 -9.97
C PHE E 81 19.85 32.12 -9.18
N PRO E 82 21.02 31.84 -9.80
CA PRO E 82 22.03 30.94 -9.23
C PRO E 82 22.61 31.38 -7.88
N MET E 83 22.50 32.67 -7.58
CA MET E 83 22.92 33.16 -6.26
C MET E 83 21.88 34.12 -5.70
N ILE E 84 21.48 33.85 -4.47
CA ILE E 84 20.52 34.66 -3.75
C ILE E 84 21.18 35.21 -2.48
N ILE E 85 20.89 36.47 -2.16
CA ILE E 85 21.27 37.03 -0.87
C ILE E 85 19.99 37.40 -0.12
N CYS E 86 19.84 36.90 1.10
CA CYS E 86 18.71 37.29 1.95
C CYS E 86 19.15 38.28 3.02
N PRO E 87 18.72 39.56 2.92
CA PRO E 87 19.17 40.58 3.85
C PRO E 87 18.18 40.82 5.00
N ALA E 88 17.22 39.91 5.19
CA ALA E 88 16.15 40.10 6.17
C ALA E 88 16.59 40.33 7.63
N TRP E 89 17.77 39.83 7.99
CA TRP E 89 18.30 39.94 9.35
C TRP E 89 18.91 41.30 9.67
N ILE E 90 19.25 42.05 8.62
CA ILE E 90 20.02 43.28 8.78
C ILE E 90 19.21 44.40 9.47
N PRO E 91 19.67 44.88 10.64
CA PRO E 91 18.91 45.88 11.40
C PRO E 91 18.49 47.12 10.60
N GLU E 92 19.39 47.61 9.75
CA GLU E 92 19.16 48.83 8.96
C GLU E 92 17.99 48.68 7.99
N LEU E 93 17.78 47.44 7.52
CA LEU E 93 16.68 47.15 6.60
C LEU E 93 15.37 46.91 7.33
N ASN E 94 15.40 46.95 8.67
CA ASN E 94 14.20 46.69 9.46
C ASN E 94 13.78 47.86 10.36
N ALA E 95 14.55 48.94 10.31
CA ALA E 95 14.37 50.07 11.21
C ALA E 95 13.14 50.91 10.87
N VAL E 96 12.41 51.33 11.91
CA VAL E 96 11.31 52.27 11.75
C VAL E 96 11.66 53.55 12.50
N GLU E 97 11.66 54.67 11.77
CA GLU E 97 12.10 55.95 12.31
C GLU E 97 11.11 57.07 12.04
N HIS E 98 10.66 57.72 13.10
CA HIS E 98 9.71 58.80 12.97
C HIS E 98 10.48 60.11 12.92
N GLY E 99 10.47 60.74 11.75
CA GLY E 99 11.26 61.94 11.52
C GLY E 99 10.40 63.19 11.42
N PRO E 100 11.03 64.37 11.25
CA PRO E 100 10.27 65.61 11.13
C PRO E 100 9.40 65.67 9.86
N GLU E 101 9.85 65.03 8.79
CA GLU E 101 9.20 65.13 7.49
C GLU E 101 8.41 63.89 7.07
N GLY E 102 8.59 62.79 7.79
CA GLY E 102 7.84 61.56 7.51
C GLY E 102 8.28 60.38 8.35
N ILE E 103 7.72 59.20 8.06
CA ILE E 103 8.10 57.97 8.74
C ILE E 103 8.93 57.11 7.80
N SER E 104 10.13 56.74 8.26
CA SER E 104 11.05 55.94 7.47
C SER E 104 10.93 54.47 7.83
N PHE E 105 10.82 53.62 6.80
CA PHE E 105 10.80 52.17 6.96
C PHE E 105 11.98 51.55 6.26
N GLY E 106 12.68 50.65 6.95
CA GLY E 106 13.71 49.83 6.32
C GLY E 106 13.07 49.00 5.20
N ALA E 107 13.85 48.72 4.16
CA ALA E 107 13.31 48.08 2.95
C ALA E 107 12.74 46.68 3.15
N ALA E 108 13.23 45.97 4.17
CA ALA E 108 12.80 44.60 4.44
C ALA E 108 11.55 44.56 5.32
N CYS E 109 11.12 45.73 5.84
CA CYS E 109 9.93 45.80 6.68
C CYS E 109 8.73 45.19 5.97
N ALA E 110 8.01 44.35 6.68
CA ALA E 110 6.85 43.67 6.12
C ALA E 110 5.73 44.67 5.91
N LEU E 111 4.86 44.42 4.93
CA LEU E 111 3.74 45.31 4.69
C LEU E 111 2.80 45.40 5.89
N SER E 112 2.67 44.30 6.64
CA SER E 112 1.86 44.33 7.86
C SER E 112 2.47 45.28 8.90
N SER E 113 3.80 45.38 8.93
CA SER E 113 4.50 46.29 9.86
C SER E 113 4.27 47.74 9.44
N VAL E 114 4.35 47.97 8.13
CA VAL E 114 4.05 49.29 7.57
C VAL E 114 2.61 49.68 7.91
N GLU E 115 1.68 48.75 7.71
CA GLU E 115 0.27 49.01 7.95
C GLU E 115 0.03 49.36 9.42
N LYS E 116 0.63 48.57 10.30
CA LYS E 116 0.47 48.77 11.73
C LYS E 116 1.01 50.14 12.19
N THR E 117 2.21 50.50 11.72
CA THR E 117 2.85 51.77 12.07
C THR E 117 2.06 52.96 11.53
N LEU E 118 1.61 52.85 10.29
CA LEU E 118 0.83 53.92 9.68
C LEU E 118 -0.57 54.09 10.33
N LEU E 119 -1.21 52.98 10.67
CA LEU E 119 -2.48 53.04 11.42
C LEU E 119 -2.31 53.76 12.75
N GLU E 120 -1.21 53.47 13.44
CA GLU E 120 -0.89 54.14 14.71
C GLU E 120 -0.70 55.64 14.51
N ALA E 121 0.02 56.02 13.44
CA ALA E 121 0.21 57.43 13.10
C ALA E 121 -1.13 58.15 12.82
N VAL E 122 -1.99 57.52 12.02
CA VAL E 122 -3.30 58.08 11.68
C VAL E 122 -4.16 58.31 12.93
N ALA E 123 -4.06 57.40 13.90
CA ALA E 123 -4.86 57.49 15.12
C ALA E 123 -4.40 58.61 16.04
N LYS E 124 -3.12 58.97 15.96
CA LYS E 124 -2.52 59.96 16.87
C LYS E 124 -2.42 61.36 16.28
N LEU E 125 -2.19 61.44 14.97
CA LEU E 125 -1.88 62.71 14.31
C LEU E 125 -3.13 63.39 13.73
N PRO E 126 -3.08 64.74 13.59
CA PRO E 126 -4.15 65.46 12.91
C PRO E 126 -4.37 64.94 11.48
N THR E 127 -5.61 64.94 11.03
CA THR E 127 -5.96 64.50 9.68
C THR E 127 -5.10 65.16 8.60
N GLN E 128 -4.84 66.46 8.77
CA GLN E 128 -4.10 67.23 7.77
C GLN E 128 -2.66 66.74 7.55
N LYS E 129 -2.16 65.92 8.47
CA LYS E 129 -0.80 65.38 8.39
C LYS E 129 -0.74 63.95 7.83
N THR E 130 -1.89 63.29 7.74
CA THR E 130 -1.93 61.86 7.42
C THR E 130 -2.58 61.51 6.08
N GLU E 131 -2.66 62.49 5.18
CA GLU E 131 -3.25 62.29 3.84
C GLU E 131 -2.54 61.19 3.04
N VAL E 132 -1.21 61.22 3.03
CA VAL E 132 -0.45 60.23 2.25
C VAL E 132 -0.54 58.85 2.92
N PHE E 133 -0.38 58.83 4.24
CA PHE E 133 -0.48 57.59 5.02
C PHE E 133 -1.80 56.88 4.78
N ARG E 134 -2.88 57.67 4.74
CA ARG E 134 -4.23 57.19 4.54
C ARG E 134 -4.35 56.55 3.16
N GLY E 135 -3.69 57.16 2.17
CA GLY E 135 -3.68 56.62 0.80
C GLY E 135 -2.98 55.27 0.74
N VAL E 136 -1.81 55.19 1.36
CA VAL E 136 -1.09 53.92 1.50
C VAL E 136 -2.01 52.87 2.13
N LEU E 137 -2.61 53.21 3.27
CA LEU E 137 -3.50 52.28 3.97
C LEU E 137 -4.67 51.81 3.13
N GLU E 138 -5.22 52.70 2.31
CA GLU E 138 -6.33 52.34 1.43
C GLU E 138 -5.91 51.31 0.39
N GLN E 139 -4.71 51.48 -0.15
CA GLN E 139 -4.16 50.53 -1.11
C GLN E 139 -3.88 49.18 -0.45
N LEU E 140 -3.53 49.21 0.84
CA LEU E 140 -3.22 48.00 1.59
C LEU E 140 -4.46 47.24 2.09
N ARG E 141 -5.63 47.87 2.02
CA ARG E 141 -6.87 47.33 2.62
C ARG E 141 -7.27 45.93 2.11
N TRP E 142 -7.70 45.84 0.85
CA TRP E 142 -8.01 44.56 0.21
C TRP E 142 -6.89 44.20 -0.75
N PHE E 143 -5.75 43.90 -0.15
CA PHE E 143 -4.46 43.69 -0.80
C PHE E 143 -4.00 42.36 -0.24
N ALA E 144 -4.14 41.28 -1.01
CA ALA E 144 -3.79 39.94 -0.53
C ALA E 144 -4.47 39.58 0.80
N GLY E 145 -3.83 38.71 1.58
CA GLY E 145 -4.29 38.33 2.93
C GLY E 145 -3.21 38.58 3.97
N LYS E 146 -3.48 38.23 5.22
CA LYS E 146 -2.53 38.45 6.32
C LYS E 146 -1.24 37.65 6.11
N GLN E 147 -1.35 36.47 5.51
CA GLN E 147 -0.20 35.60 5.24
C GLN E 147 0.81 36.28 4.33
N VAL E 148 0.31 36.92 3.27
CA VAL E 148 1.19 37.58 2.32
C VAL E 148 1.78 38.84 2.96
N LYS E 149 0.93 39.65 3.60
CA LYS E 149 1.38 40.94 4.14
C LYS E 149 2.35 40.79 5.31
N SER E 150 2.33 39.64 5.97
CA SER E 150 3.28 39.40 7.06
C SER E 150 4.70 39.08 6.62
N VAL E 151 4.88 38.71 5.34
CA VAL E 151 6.21 38.38 4.83
C VAL E 151 6.67 39.24 3.65
N ALA E 152 5.72 39.83 2.93
CA ALA E 152 6.02 40.66 1.77
C ALA E 152 6.66 41.96 2.21
N SER E 153 7.88 42.23 1.74
CA SER E 153 8.57 43.45 2.16
C SER E 153 8.12 44.69 1.39
N LEU E 154 8.33 45.85 1.99
CA LEU E 154 8.00 47.11 1.36
C LEU E 154 8.92 47.35 0.17
N GLY E 155 10.22 47.16 0.38
CA GLY E 155 11.23 47.26 -0.68
C GLY E 155 10.98 46.30 -1.84
N GLY E 156 10.58 45.07 -1.52
CA GLY E 156 10.27 44.06 -2.53
C GLY E 156 9.19 44.52 -3.50
N ASN E 157 8.13 45.13 -2.98
CA ASN E 157 7.06 45.62 -3.84
C ASN E 157 7.59 46.72 -4.77
N ILE E 158 8.35 47.65 -4.21
CA ILE E 158 8.88 48.78 -4.97
C ILE E 158 9.82 48.30 -6.09
N ILE E 159 10.83 47.50 -5.73
CA ILE E 159 11.82 47.05 -6.70
C ILE E 159 11.25 46.02 -7.70
N THR E 160 10.26 45.24 -7.28
CA THR E 160 9.59 44.34 -8.22
C THR E 160 9.12 45.17 -9.41
N ALA E 161 8.62 46.36 -9.13
CA ALA E 161 8.21 47.32 -10.16
C ALA E 161 7.21 46.73 -11.15
N SER E 162 6.22 46.01 -10.63
CA SER E 162 5.12 45.53 -11.47
C SER E 162 4.34 46.72 -12.00
N PRO E 163 3.94 46.67 -13.29
CA PRO E 163 3.08 47.72 -13.84
C PRO E 163 1.82 47.93 -13.01
N ILE E 164 1.41 46.91 -12.27
CA ILE E 164 0.17 47.01 -11.48
C ILE E 164 0.40 47.06 -9.96
N SER E 165 1.62 47.38 -9.55
CA SER E 165 1.89 47.68 -8.13
C SER E 165 0.90 48.72 -7.64
N ASP E 166 0.27 48.45 -6.51
CA ASP E 166 -0.71 49.38 -5.93
C ASP E 166 -0.01 50.45 -5.09
N LEU E 167 1.25 50.18 -4.72
CA LEU E 167 2.02 51.07 -3.86
C LEU E 167 2.84 52.08 -4.63
N ASN E 168 3.47 51.66 -5.71
CA ASN E 168 4.34 52.57 -6.47
C ASN E 168 3.64 53.86 -6.98
N PRO E 169 2.35 53.79 -7.42
CA PRO E 169 1.67 55.04 -7.79
C PRO E 169 1.51 56.01 -6.62
N VAL E 170 1.32 55.50 -5.42
CA VAL E 170 1.13 56.32 -4.24
C VAL E 170 2.47 56.93 -3.83
N PHE E 171 3.52 56.13 -3.87
CA PHE E 171 4.86 56.60 -3.57
C PHE E 171 5.34 57.64 -4.58
N MET E 172 5.03 57.43 -5.85
CA MET E 172 5.41 58.39 -6.91
C MET E 172 4.64 59.71 -6.76
N ALA E 173 3.34 59.63 -6.54
CA ALA E 173 2.50 60.83 -6.40
C ALA E 173 2.88 61.66 -5.19
N SER E 174 3.39 61.01 -4.15
CA SER E 174 3.74 61.68 -2.91
C SER E 174 5.21 62.07 -2.79
N GLY E 175 6.03 61.66 -3.76
CA GLY E 175 7.47 61.94 -3.74
C GLY E 175 8.15 61.28 -2.56
N THR E 176 7.62 60.12 -2.18
CA THR E 176 8.19 59.27 -1.14
C THR E 176 9.69 59.09 -1.41
N LYS E 177 10.49 59.27 -0.36
CA LYS E 177 11.95 59.33 -0.50
C LYS E 177 12.60 57.97 -0.34
N LEU E 178 13.44 57.62 -1.31
CA LEU E 178 14.13 56.34 -1.30
C LEU E 178 15.60 56.56 -1.01
N THR E 179 16.09 55.88 0.03
CA THR E 179 17.52 55.89 0.34
C THR E 179 18.15 54.63 -0.24
N ILE E 180 19.12 54.84 -1.14
CA ILE E 180 19.74 53.79 -1.94
C ILE E 180 21.24 53.79 -1.66
N VAL E 181 21.79 52.61 -1.41
CA VAL E 181 23.18 52.47 -1.00
C VAL E 181 23.87 51.35 -1.75
N SER E 182 25.16 51.54 -2.01
CA SER E 182 26.04 50.46 -2.44
C SER E 182 27.30 50.53 -1.57
N ARG E 183 28.23 49.62 -1.80
CA ARG E 183 29.51 49.67 -1.12
C ARG E 183 30.14 51.04 -1.39
N GLY E 184 30.23 51.86 -0.36
CA GLY E 184 30.76 53.21 -0.52
C GLY E 184 29.71 54.30 -0.69
N THR E 185 28.80 54.12 -1.66
CA THR E 185 27.86 55.17 -2.06
C THR E 185 26.55 55.21 -1.26
N ARG E 186 25.99 56.40 -1.13
CA ARG E 186 24.71 56.61 -0.45
C ARG E 186 23.98 57.81 -1.06
N ARG E 187 22.70 57.63 -1.36
CA ARG E 187 21.90 58.69 -1.96
C ARG E 187 20.43 58.56 -1.58
N THR E 188 19.75 59.70 -1.47
CA THR E 188 18.31 59.74 -1.23
C THR E 188 17.64 60.50 -2.36
N VAL E 189 16.68 59.86 -3.02
CA VAL E 189 15.91 60.49 -4.10
C VAL E 189 14.40 60.36 -3.85
N PRO E 190 13.64 61.45 -4.08
CA PRO E 190 12.19 61.30 -4.12
C PRO E 190 11.78 60.48 -5.35
N MET E 191 10.86 59.55 -5.16
CA MET E 191 10.36 58.77 -6.28
C MET E 191 9.58 59.69 -7.22
N ASP E 192 9.96 59.64 -8.50
CA ASP E 192 9.19 60.32 -9.53
C ASP E 192 9.10 59.45 -10.77
N HIS E 193 8.65 60.03 -11.89
CA HIS E 193 8.43 59.26 -13.11
C HIS E 193 9.68 58.56 -13.64
N THR E 194 10.84 59.16 -13.39
CA THR E 194 12.11 58.65 -13.92
C THR E 194 12.63 57.39 -13.21
N PHE E 195 12.07 57.09 -12.04
CA PHE E 195 12.53 55.94 -11.27
C PHE E 195 12.24 54.59 -11.94
N PHE E 196 11.26 54.58 -12.84
CA PHE E 196 10.87 53.37 -13.56
C PHE E 196 11.08 53.55 -15.06
N PRO E 197 12.31 53.29 -15.55
CA PRO E 197 12.62 53.59 -16.96
C PRO E 197 11.88 52.70 -17.96
N SER E 198 11.75 51.41 -17.64
CA SER E 198 11.14 50.43 -18.54
C SER E 198 10.52 49.28 -17.73
N TYR E 199 9.89 48.35 -18.44
CA TYR E 199 9.23 47.20 -17.82
C TYR E 199 10.09 46.48 -16.78
N ARG E 200 9.57 46.44 -15.55
CA ARG E 200 10.20 45.75 -14.41
C ARG E 200 11.59 46.27 -13.98
N LYS E 201 11.96 47.45 -14.50
CA LYS E 201 13.26 48.05 -14.20
C LYS E 201 13.10 49.29 -13.32
N THR E 202 14.07 49.52 -12.45
CA THR E 202 14.15 50.74 -11.64
C THR E 202 15.52 51.37 -11.86
N LEU E 203 15.65 52.62 -11.45
CA LEU E 203 16.92 53.35 -11.59
C LEU E 203 17.87 53.04 -10.41
N LEU E 204 18.21 51.76 -10.26
CA LEU E 204 19.26 51.35 -9.32
C LEU E 204 20.44 50.81 -10.12
N GLY E 205 21.64 51.11 -9.65
CA GLY E 205 22.86 50.53 -10.22
C GLY E 205 22.99 49.06 -9.87
N PRO E 206 23.80 48.32 -10.64
CA PRO E 206 24.01 46.88 -10.39
C PRO E 206 24.49 46.54 -8.96
N GLU E 207 25.18 47.47 -8.31
CA GLU E 207 25.74 47.23 -6.97
C GLU E 207 24.85 47.76 -5.85
N GLU E 208 23.78 48.46 -6.22
CA GLU E 208 22.95 49.18 -5.26
C GLU E 208 21.78 48.36 -4.71
N ILE E 209 21.43 48.63 -3.47
CA ILE E 209 20.22 48.08 -2.87
C ILE E 209 19.39 49.23 -2.28
N LEU E 210 18.08 49.01 -2.19
CA LEU E 210 17.19 49.95 -1.52
C LEU E 210 17.30 49.76 -0.03
N LEU E 211 17.65 50.81 0.70
CA LEU E 211 17.88 50.71 2.14
C LEU E 211 16.65 51.03 2.97
N SER E 212 16.04 52.18 2.71
CA SER E 212 14.88 52.64 3.47
C SER E 212 14.00 53.54 2.63
N ILE E 213 12.77 53.74 3.09
CA ILE E 213 11.73 54.43 2.35
C ILE E 213 11.00 55.37 3.31
N GLU E 214 11.02 56.68 3.03
CA GLU E 214 10.34 57.63 3.91
C GLU E 214 9.04 58.12 3.29
N ILE E 215 7.93 57.73 3.92
CA ILE E 215 6.60 58.15 3.50
C ILE E 215 6.25 59.45 4.23
N PRO E 216 5.99 60.53 3.46
CA PRO E 216 5.88 61.87 4.04
C PRO E 216 4.58 62.18 4.77
N TYR E 217 4.67 63.04 5.78
CA TYR E 217 3.49 63.70 6.30
C TYR E 217 2.96 64.64 5.22
N SER E 218 1.64 64.78 5.16
CA SER E 218 1.02 65.78 4.30
C SER E 218 1.05 67.16 4.96
N ARG E 219 1.07 68.20 4.14
CA ARG E 219 1.22 69.57 4.62
C ARG E 219 -0.14 70.25 4.64
N GLU E 220 -0.19 71.46 5.20
CA GLU E 220 -1.38 72.29 5.08
C GLU E 220 -1.68 72.52 3.60
N ASP E 221 -2.97 72.57 3.27
CA ASP E 221 -3.47 72.73 1.90
C ASP E 221 -3.02 71.62 0.94
N GLU E 222 -2.66 70.47 1.50
CA GLU E 222 -2.22 69.32 0.69
C GLU E 222 -3.14 68.15 0.93
N PHE E 223 -3.65 67.57 -0.16
CA PHE E 223 -4.64 66.50 -0.08
C PHE E 223 -4.25 65.34 -0.97
N PHE E 224 -4.65 64.14 -0.56
CA PHE E 224 -4.21 62.91 -1.21
C PHE E 224 -5.33 61.89 -1.27
N SER E 225 -5.39 61.15 -2.37
CA SER E 225 -6.27 60.00 -2.52
C SER E 225 -5.59 58.85 -3.24
N ALA E 226 -6.05 57.64 -2.96
CA ALA E 226 -5.60 56.46 -3.70
C ALA E 226 -6.81 55.62 -4.08
N PHE E 227 -6.77 55.04 -5.28
CA PHE E 227 -7.85 54.19 -5.79
C PHE E 227 -7.27 53.00 -6.55
N LYS E 228 -8.07 51.94 -6.67
CA LYS E 228 -7.65 50.81 -7.49
C LYS E 228 -8.84 50.03 -8.03
N GLN E 229 -8.66 49.51 -9.23
CA GLN E 229 -9.59 48.61 -9.91
C GLN E 229 -9.86 47.39 -9.05
N ALA E 230 -11.11 46.93 -9.05
CA ALA E 230 -11.52 45.80 -8.20
C ALA E 230 -11.63 44.49 -8.99
N SER E 231 -10.84 44.37 -10.05
CA SER E 231 -10.72 43.12 -10.80
C SER E 231 -9.30 43.00 -11.32
N ARG E 232 -8.84 41.76 -11.47
CA ARG E 232 -7.54 41.48 -12.08
C ARG E 232 -7.70 40.32 -13.03
N ARG E 233 -7.24 40.51 -14.27
CA ARG E 233 -7.43 39.52 -15.32
C ARG E 233 -6.10 38.98 -15.86
N GLU E 234 -5.07 39.83 -15.88
CA GLU E 234 -3.74 39.44 -16.32
C GLU E 234 -2.79 39.39 -15.13
N ASP E 235 -1.65 38.71 -15.31
CA ASP E 235 -0.67 38.53 -14.24
C ASP E 235 -0.10 39.87 -13.71
N ASP E 236 0.34 40.75 -14.60
CA ASP E 236 1.01 41.97 -14.14
C ASP E 236 0.74 43.23 -14.97
N ILE E 237 -0.40 43.25 -15.66
CA ILE E 237 -0.77 44.40 -16.49
C ILE E 237 -2.26 44.72 -16.39
N ALA E 238 -2.63 45.95 -16.74
CA ALA E 238 -4.03 46.30 -17.02
C ALA E 238 -4.99 46.23 -15.82
N LYS E 239 -4.48 46.59 -14.65
CA LYS E 239 -5.32 46.83 -13.50
C LYS E 239 -5.03 48.25 -13.08
N VAL E 240 -6.02 49.14 -13.26
CA VAL E 240 -5.83 50.58 -12.96
C VAL E 240 -5.68 50.80 -11.47
N THR E 241 -4.63 51.48 -11.08
CA THR E 241 -4.37 51.79 -9.67
C THR E 241 -3.64 53.12 -9.62
N CYS E 242 -3.98 53.97 -8.66
CA CYS E 242 -3.47 55.33 -8.72
C CYS E 242 -3.21 55.98 -7.38
N GLY E 243 -2.30 56.94 -7.39
CA GLY E 243 -2.11 57.89 -6.29
C GLY E 243 -2.31 59.27 -6.88
N MET E 244 -2.93 60.15 -6.09
CA MET E 244 -3.28 61.50 -6.57
C MET E 244 -3.05 62.50 -5.46
N ARG E 245 -2.30 63.56 -5.78
CA ARG E 245 -1.93 64.57 -4.79
C ARG E 245 -2.13 65.97 -5.35
N VAL E 246 -2.67 66.86 -4.51
CA VAL E 246 -2.76 68.27 -4.86
C VAL E 246 -2.25 69.10 -3.68
N LEU E 247 -1.42 70.10 -4.00
CA LEU E 247 -1.02 71.11 -3.02
C LEU E 247 -1.55 72.43 -3.54
N PHE E 248 -2.24 73.16 -2.67
CA PHE E 248 -2.77 74.47 -3.01
C PHE E 248 -1.89 75.58 -2.44
N GLN E 249 -2.02 76.78 -2.99
CA GLN E 249 -1.46 77.97 -2.36
C GLN E 249 -2.18 78.16 -1.02
N PRO E 250 -1.45 78.63 0.01
CA PRO E 250 -1.99 78.66 1.38
C PRO E 250 -3.38 79.30 1.48
N GLY E 251 -4.32 78.57 2.06
CA GLY E 251 -5.70 79.03 2.25
C GLY E 251 -6.50 79.28 0.98
N SER E 252 -6.09 78.65 -0.12
CA SER E 252 -6.75 78.86 -1.42
C SER E 252 -7.18 77.56 -2.09
N MET E 253 -7.77 77.70 -3.27
CA MET E 253 -8.12 76.57 -4.15
C MET E 253 -7.33 76.67 -5.45
N GLN E 254 -6.22 77.41 -5.41
CA GLN E 254 -5.33 77.58 -6.56
C GLN E 254 -4.22 76.56 -6.49
N VAL E 255 -4.13 75.73 -7.54
CA VAL E 255 -3.17 74.62 -7.60
C VAL E 255 -1.72 75.09 -7.63
N LYS E 256 -0.93 74.65 -6.65
CA LYS E 256 0.51 74.89 -6.66
C LYS E 256 1.24 73.66 -7.21
N GLU E 257 0.78 72.48 -6.80
CA GLU E 257 1.33 71.20 -7.25
C GLU E 257 0.18 70.23 -7.51
N LEU E 258 0.34 69.39 -8.53
CA LEU E 258 -0.63 68.33 -8.83
C LEU E 258 0.09 67.12 -9.41
N ALA E 259 -0.19 65.95 -8.84
CA ALA E 259 0.46 64.71 -9.24
C ALA E 259 -0.62 63.65 -9.38
N LEU E 260 -0.70 63.08 -10.58
CA LEU E 260 -1.62 61.97 -10.85
C LEU E 260 -0.78 60.83 -11.42
N CYS E 261 -0.62 59.77 -10.63
CA CYS E 261 0.23 58.65 -11.02
C CYS E 261 -0.57 57.36 -11.09
N TYR E 262 -0.35 56.60 -12.17
CA TYR E 262 -1.19 55.46 -12.47
C TYR E 262 -0.35 54.20 -12.74
N GLY E 263 -0.81 53.08 -12.21
CA GLY E 263 -0.35 51.77 -12.64
C GLY E 263 -1.41 51.19 -13.56
N GLY E 264 -1.05 50.12 -14.28
CA GLY E 264 -2.00 49.40 -15.14
C GLY E 264 -2.41 50.11 -16.41
N MET E 265 -1.67 51.15 -16.79
CA MET E 265 -1.96 51.96 -17.98
C MET E 265 -0.82 51.89 -19.01
N ALA E 266 0.26 51.23 -18.61
CA ALA E 266 1.44 51.04 -19.43
C ALA E 266 2.21 49.87 -18.83
N ASP E 267 3.39 49.57 -19.37
CA ASP E 267 4.23 48.52 -18.82
C ASP E 267 5.05 48.97 -17.61
N ARG E 268 4.64 50.08 -17.01
CA ARG E 268 5.28 50.67 -15.85
C ARG E 268 4.34 51.69 -15.18
N THR E 269 4.65 52.05 -13.92
CA THR E 269 3.96 53.14 -13.26
C THR E 269 4.34 54.43 -13.95
N ILE E 270 3.33 55.22 -14.30
CA ILE E 270 3.52 56.47 -15.04
C ILE E 270 2.83 57.64 -14.38
N SER E 271 3.29 58.84 -14.70
CA SER E 271 2.73 60.08 -14.18
C SER E 271 2.13 60.86 -15.33
N ALA E 272 0.94 61.42 -15.12
CA ALA E 272 0.27 62.20 -16.17
C ALA E 272 0.82 63.63 -16.16
N LEU E 273 2.09 63.75 -16.53
CA LEU E 273 2.88 64.97 -16.34
C LEU E 273 2.42 66.14 -17.20
N LYS E 274 2.07 65.85 -18.45
CA LYS E 274 1.55 66.85 -19.38
C LYS E 274 0.24 67.44 -18.85
N THR E 275 -0.68 66.56 -18.44
CA THR E 275 -1.98 66.96 -17.91
C THR E 275 -1.90 67.82 -16.64
N THR E 276 -1.07 67.40 -15.70
CA THR E 276 -0.99 68.10 -14.42
C THR E 276 -0.24 69.43 -14.52
N GLN E 277 0.76 69.47 -15.41
CA GLN E 277 1.53 70.69 -15.65
C GLN E 277 0.64 71.84 -16.11
N LYS E 278 -0.38 71.49 -16.90
CA LYS E 278 -1.32 72.49 -17.43
C LYS E 278 -2.24 73.10 -16.37
N GLN E 279 -2.39 72.42 -15.23
CA GLN E 279 -3.31 72.88 -14.19
C GLN E 279 -2.67 73.74 -13.12
N LEU E 280 -1.35 73.89 -13.17
CA LEU E 280 -0.65 74.68 -12.15
C LEU E 280 -1.09 76.14 -12.20
N SER E 281 -1.35 76.70 -11.02
CA SER E 281 -1.91 78.06 -10.82
C SER E 281 -3.37 78.23 -11.27
N LYS E 282 -4.02 77.13 -11.66
CA LYS E 282 -5.46 77.17 -11.96
C LYS E 282 -6.26 76.88 -10.69
N PHE E 283 -7.57 77.18 -10.73
CA PHE E 283 -8.42 76.99 -9.56
C PHE E 283 -9.22 75.69 -9.64
N TRP E 284 -9.51 75.13 -8.47
CA TRP E 284 -10.19 73.84 -8.34
C TRP E 284 -11.70 73.99 -8.59
N ASN E 285 -12.08 73.91 -9.86
CA ASN E 285 -13.48 74.06 -10.26
C ASN E 285 -13.83 73.12 -11.41
N GLU E 286 -15.08 73.19 -11.88
CA GLU E 286 -15.59 72.33 -12.95
C GLU E 286 -14.78 72.42 -14.24
N LYS E 287 -14.22 73.59 -14.52
CA LYS E 287 -13.36 73.80 -15.68
C LYS E 287 -12.07 72.99 -15.56
N LEU E 288 -11.52 72.91 -14.35
CA LEU E 288 -10.34 72.09 -14.08
C LEU E 288 -10.67 70.61 -14.29
N LEU E 289 -11.80 70.17 -13.76
CA LEU E 289 -12.27 68.80 -13.96
C LEU E 289 -12.33 68.42 -15.44
N GLN E 290 -12.94 69.29 -16.25
CA GLN E 290 -13.04 69.07 -17.70
C GLN E 290 -11.67 68.94 -18.34
N ASP E 291 -10.79 69.89 -18.05
CA ASP E 291 -9.46 69.95 -18.66
C ASP E 291 -8.60 68.76 -18.25
N VAL E 292 -8.70 68.34 -16.98
CA VAL E 292 -7.94 67.17 -16.53
C VAL E 292 -8.44 65.89 -17.22
N CYS E 293 -9.76 65.70 -17.25
CA CYS E 293 -10.35 64.54 -17.93
C CYS E 293 -9.96 64.49 -19.41
N ALA E 294 -10.03 65.63 -20.09
CA ALA E 294 -9.56 65.74 -21.47
C ALA E 294 -8.06 65.43 -21.58
N GLY E 295 -7.28 65.90 -20.61
CA GLY E 295 -5.85 65.65 -20.57
C GLY E 295 -5.52 64.18 -20.34
N LEU E 296 -6.24 63.56 -19.41
CA LEU E 296 -6.04 62.14 -19.11
C LEU E 296 -6.41 61.23 -20.28
N ALA E 297 -7.52 61.55 -20.93
CA ALA E 297 -8.00 60.78 -22.08
C ALA E 297 -7.04 60.79 -23.26
N GLU E 298 -6.26 61.87 -23.39
CA GLU E 298 -5.28 61.97 -24.47
C GLU E 298 -3.90 61.44 -24.05
N GLU E 299 -3.38 61.95 -22.93
CA GLU E 299 -2.04 61.59 -22.47
C GLU E 299 -1.89 60.09 -22.18
N LEU E 300 -2.95 59.49 -21.63
CA LEU E 300 -2.90 58.08 -21.25
C LEU E 300 -3.67 57.20 -22.22
N SER E 301 -3.87 57.71 -23.44
CA SER E 301 -4.61 57.01 -24.48
C SER E 301 -4.06 55.62 -24.72
N LEU E 302 -4.97 54.65 -24.84
CA LEU E 302 -4.61 53.26 -25.08
C LEU E 302 -4.94 52.87 -26.52
N SER E 303 -4.00 52.19 -27.18
CA SER E 303 -4.24 51.66 -28.52
C SER E 303 -5.22 50.48 -28.41
N PRO E 304 -6.03 50.23 -29.45
CA PRO E 304 -6.99 49.13 -29.42
C PRO E 304 -6.33 47.79 -29.10
N ASP E 305 -5.04 47.68 -29.40
CA ASP E 305 -4.27 46.46 -29.20
C ASP E 305 -3.38 46.53 -27.95
N ALA E 306 -3.69 47.44 -27.03
CA ALA E 306 -2.90 47.57 -25.81
C ALA E 306 -2.99 46.27 -25.02
N PRO E 307 -1.84 45.74 -24.56
CA PRO E 307 -1.82 44.51 -23.77
C PRO E 307 -2.78 44.58 -22.60
N GLY E 308 -3.54 43.51 -22.39
CA GLY E 308 -4.49 43.46 -21.28
C GLY E 308 -5.93 43.81 -21.60
N GLY E 309 -6.16 44.42 -22.75
CA GLY E 309 -7.52 44.77 -23.17
C GLY E 309 -8.23 45.67 -22.19
N MET E 310 -9.54 45.46 -22.04
CA MET E 310 -10.41 46.28 -21.18
C MET E 310 -10.16 47.77 -21.41
N ILE E 311 -9.92 48.13 -22.67
CA ILE E 311 -9.48 49.48 -23.04
C ILE E 311 -10.45 50.58 -22.60
N GLU E 312 -11.74 50.36 -22.83
CA GLU E 312 -12.78 51.33 -22.49
C GLU E 312 -12.85 51.49 -20.97
N PHE E 313 -12.86 50.36 -20.27
CA PHE E 313 -12.97 50.33 -18.81
C PHE E 313 -11.80 51.05 -18.15
N ARG E 314 -10.59 50.78 -18.62
CA ARG E 314 -9.39 51.40 -18.04
C ARG E 314 -9.39 52.92 -18.23
N ARG E 315 -9.74 53.37 -19.43
CA ARG E 315 -9.81 54.81 -19.70
C ARG E 315 -10.84 55.47 -18.78
N THR E 316 -12.01 54.85 -18.68
CA THR E 316 -13.10 55.32 -17.84
C THR E 316 -12.71 55.41 -16.37
N LEU E 317 -11.96 54.42 -15.89
CA LEU E 317 -11.47 54.46 -14.50
C LEU E 317 -10.50 55.60 -14.25
N THR E 318 -9.61 55.89 -15.21
CA THR E 318 -8.64 56.97 -15.02
C THR E 318 -9.37 58.30 -14.80
N LEU E 319 -10.45 58.50 -15.55
CA LEU E 319 -11.27 59.71 -15.40
C LEU E 319 -12.14 59.66 -14.14
N SER E 320 -12.76 58.50 -13.89
CA SER E 320 -13.65 58.33 -12.74
C SER E 320 -12.93 58.46 -11.40
N PHE E 321 -11.72 57.89 -11.32
CA PHE E 321 -10.87 58.03 -10.14
C PHE E 321 -10.52 59.50 -9.93
N PHE E 322 -10.16 60.20 -11.00
CA PHE E 322 -9.85 61.62 -10.82
C PHE E 322 -11.07 62.39 -10.33
N PHE E 323 -12.24 62.07 -10.90
CA PHE E 323 -13.48 62.69 -10.48
C PHE E 323 -13.76 62.48 -8.99
N LYS E 324 -13.51 61.27 -8.49
CA LYS E 324 -13.67 61.00 -7.07
C LYS E 324 -12.71 61.85 -6.25
N PHE E 325 -11.49 62.00 -6.74
CA PHE E 325 -10.45 62.82 -6.12
C PHE E 325 -10.88 64.28 -6.10
N TYR E 326 -11.31 64.77 -7.26
CA TYR E 326 -11.85 66.12 -7.40
C TYR E 326 -12.91 66.42 -6.34
N LEU E 327 -13.92 65.56 -6.24
CA LEU E 327 -15.02 65.73 -5.29
C LEU E 327 -14.56 65.65 -3.84
N THR E 328 -13.67 64.71 -3.55
CA THR E 328 -13.13 64.52 -2.20
C THR E 328 -12.33 65.75 -1.76
N VAL E 329 -11.54 66.33 -2.67
CA VAL E 329 -10.78 67.54 -2.40
C VAL E 329 -11.70 68.74 -2.09
N LEU E 330 -12.78 68.88 -2.86
CA LEU E 330 -13.78 69.94 -2.61
C LEU E 330 -14.37 69.82 -1.20
N LYS E 331 -14.69 68.59 -0.79
CA LYS E 331 -15.22 68.29 0.54
C LYS E 331 -14.17 68.62 1.63
N LYS E 332 -12.91 68.30 1.34
CA LYS E 332 -11.80 68.59 2.25
C LYS E 332 -11.48 70.08 2.31
N LEU E 333 -11.79 70.79 1.22
CA LEU E 333 -11.68 72.25 1.18
C LEU E 333 -12.92 72.89 1.81
N GLY E 334 -14.01 72.13 1.86
CA GLY E 334 -15.31 72.61 2.32
C GLY E 334 -15.29 73.21 3.71
N ASP F 1 -32.03 7.29 16.26
CA ASP F 1 -32.42 7.83 14.92
C ASP F 1 -32.05 9.32 14.79
N THR F 2 -31.06 9.59 13.94
CA THR F 2 -30.55 10.96 13.74
C THR F 2 -31.06 11.57 12.43
N VAL F 3 -31.87 10.82 11.69
CA VAL F 3 -32.40 11.35 10.42
C VAL F 3 -33.24 12.59 10.71
N GLY F 4 -32.89 13.69 10.05
CA GLY F 4 -33.53 14.99 10.31
C GLY F 4 -32.82 15.84 11.34
N ARG F 5 -31.74 15.33 11.94
CA ARG F 5 -30.93 16.09 12.91
C ARG F 5 -29.70 16.69 12.23
N PRO F 6 -29.25 17.87 12.70
CA PRO F 6 -28.07 18.56 12.16
C PRO F 6 -26.73 17.95 12.63
N LEU F 7 -26.52 16.69 12.31
CA LEU F 7 -25.28 16.02 12.67
C LEU F 7 -24.12 16.57 11.84
N PRO F 8 -23.04 17.03 12.49
CA PRO F 8 -21.88 17.48 11.72
C PRO F 8 -21.31 16.38 10.82
N HIS F 9 -20.77 16.79 9.67
CA HIS F 9 -20.02 15.93 8.78
C HIS F 9 -19.10 15.02 9.58
N LEU F 10 -19.18 13.72 9.31
CA LEU F 10 -18.47 12.73 10.12
C LEU F 10 -16.97 12.95 10.18
N ALA F 11 -16.41 13.51 9.11
CA ALA F 11 -14.98 13.71 9.03
C ALA F 11 -14.52 15.11 9.43
N ALA F 12 -15.46 15.98 9.83
CA ALA F 12 -15.13 17.40 10.03
C ALA F 12 -14.03 17.61 11.06
N ALA F 13 -14.06 16.85 12.16
CA ALA F 13 -13.07 17.03 13.22
C ALA F 13 -11.67 16.66 12.72
N MET F 14 -11.59 15.59 11.93
CA MET F 14 -10.31 15.18 11.36
C MET F 14 -9.85 16.10 10.24
N GLN F 15 -10.80 16.76 9.58
CA GLN F 15 -10.47 17.77 8.58
C GLN F 15 -9.88 19.01 9.24
N ALA F 16 -10.49 19.40 10.36
CA ALA F 16 -9.98 20.51 11.16
C ALA F 16 -8.61 20.25 11.78
N SER F 17 -8.30 18.99 12.05
CA SER F 17 -7.03 18.63 12.69
C SER F 17 -5.92 18.27 11.71
N GLY F 18 -6.25 18.22 10.41
CA GLY F 18 -5.29 17.79 9.39
C GLY F 18 -4.99 16.30 9.42
N GLU F 19 -5.83 15.52 10.11
CA GLU F 19 -5.68 14.05 10.17
C GLU F 19 -6.40 13.34 9.01
N ALA F 20 -7.43 13.98 8.43
CA ALA F 20 -8.11 13.41 7.27
C ALA F 20 -7.14 13.27 6.11
N VAL F 21 -7.11 12.09 5.52
CA VAL F 21 -6.15 11.80 4.46
C VAL F 21 -6.80 12.03 3.11
N TYR F 22 -6.17 12.90 2.31
CA TYR F 22 -6.52 13.07 0.89
C TYR F 22 -5.42 12.39 0.07
N CYS F 23 -5.69 12.19 -1.21
CA CYS F 23 -4.82 11.36 -2.04
C CYS F 23 -3.32 11.63 -1.85
N ASP F 24 -2.90 12.88 -2.01
CA ASP F 24 -1.46 13.16 -1.91
C ASP F 24 -0.89 13.03 -0.49
N ASP F 25 -1.77 12.98 0.51
CA ASP F 25 -1.33 12.78 1.91
C ASP F 25 -0.94 11.34 2.20
N ILE F 26 -1.31 10.42 1.31
CA ILE F 26 -0.92 9.03 1.48
C ILE F 26 0.61 8.94 1.45
N PRO F 27 1.21 8.20 2.40
CA PRO F 27 2.67 8.06 2.39
C PRO F 27 3.20 7.49 1.06
N ARG F 28 4.42 7.88 0.73
CA ARG F 28 5.07 7.48 -0.51
C ARG F 28 5.79 6.15 -0.28
N TYR F 29 5.70 5.22 -1.23
CA TYR F 29 6.58 4.06 -1.16
C TYR F 29 8.02 4.49 -1.36
N GLU F 30 8.95 3.68 -0.86
CA GLU F 30 10.39 3.97 -0.95
C GLU F 30 10.81 4.21 -2.41
N ASN F 31 10.18 3.49 -3.32
CA ASN F 31 10.56 3.47 -4.73
C ASN F 31 9.56 4.24 -5.59
N GLU F 32 8.69 5.02 -4.95
CA GLU F 32 7.62 5.71 -5.67
C GLU F 32 8.14 6.91 -6.44
N LEU F 33 7.70 7.03 -7.70
CA LEU F 33 8.14 8.10 -8.60
C LEU F 33 7.03 9.12 -8.83
N PHE F 34 7.37 10.20 -9.54
CA PHE F 34 6.44 11.31 -9.77
C PHE F 34 6.35 11.64 -11.23
N LEU F 35 5.13 11.90 -11.69
CA LEU F 35 4.82 12.21 -13.08
C LEU F 35 4.44 13.68 -13.22
N ARG F 36 4.92 14.29 -14.31
CA ARG F 36 4.45 15.61 -14.70
C ARG F 36 4.07 15.55 -16.18
N LEU F 37 2.87 16.00 -16.49
CA LEU F 37 2.37 16.02 -17.86
C LEU F 37 3.11 17.03 -18.72
N VAL F 38 3.32 16.68 -19.98
CA VAL F 38 3.89 17.59 -20.97
C VAL F 38 2.74 17.91 -21.94
N THR F 39 2.40 19.19 -22.05
CA THR F 39 1.19 19.59 -22.79
C THR F 39 1.47 20.59 -23.90
N SER F 40 0.52 20.65 -24.83
CA SER F 40 0.60 21.54 -25.98
C SER F 40 0.56 23.01 -25.60
N THR F 41 1.43 23.80 -26.24
CA THR F 41 1.38 25.25 -26.11
C THR F 41 0.70 25.88 -27.32
N ARG F 42 0.19 25.03 -28.22
CA ARG F 42 -0.54 25.50 -29.41
C ARG F 42 -1.98 25.02 -29.45
N ALA F 43 -2.88 25.90 -29.91
CA ALA F 43 -4.29 25.53 -30.06
C ALA F 43 -4.55 24.43 -31.09
N HIS F 44 -3.82 24.45 -32.21
CA HIS F 44 -4.00 23.43 -33.24
C HIS F 44 -2.74 23.40 -34.09
N ALA F 45 -2.06 22.25 -34.10
CA ALA F 45 -0.76 22.14 -34.77
C ALA F 45 -0.35 20.68 -34.99
N LYS F 46 0.49 20.47 -36.00
CA LYS F 46 1.16 19.19 -36.16
C LYS F 46 2.32 19.15 -35.19
N ILE F 47 2.54 18.00 -34.56
CA ILE F 47 3.74 17.79 -33.77
C ILE F 47 4.87 17.36 -34.71
N LYS F 48 5.87 18.22 -34.88
CA LYS F 48 6.98 17.96 -35.80
C LYS F 48 8.06 17.10 -35.14
N SER F 49 8.37 17.41 -33.89
CA SER F 49 9.41 16.68 -33.15
C SER F 49 9.27 16.92 -31.65
N ILE F 50 9.78 15.97 -30.86
CA ILE F 50 9.90 16.11 -29.42
C ILE F 50 11.36 15.82 -29.06
N ASP F 51 11.97 16.76 -28.36
CA ASP F 51 13.37 16.65 -27.97
C ASP F 51 13.44 16.56 -26.45
N VAL F 52 13.95 15.44 -25.94
CA VAL F 52 14.03 15.23 -24.49
C VAL F 52 15.46 15.32 -23.92
N SER F 53 16.42 15.63 -24.79
CA SER F 53 17.84 15.64 -24.42
C SER F 53 18.17 16.54 -23.22
N GLU F 54 17.46 17.67 -23.08
CA GLU F 54 17.67 18.55 -21.94
C GLU F 54 17.01 18.01 -20.66
N ALA F 55 15.82 17.42 -20.81
CA ALA F 55 15.13 16.75 -19.70
C ALA F 55 15.98 15.63 -19.10
N GLN F 56 16.68 14.89 -19.96
CA GLN F 56 17.54 13.78 -19.55
C GLN F 56 18.71 14.21 -18.66
N LYS F 57 19.04 15.49 -18.69
CA LYS F 57 20.14 16.03 -17.89
C LYS F 57 19.69 16.40 -16.47
N VAL F 58 18.38 16.44 -16.25
CA VAL F 58 17.85 16.85 -14.94
C VAL F 58 18.09 15.73 -13.94
N PRO F 59 18.71 16.06 -12.79
CA PRO F 59 18.88 15.06 -11.73
C PRO F 59 17.57 14.35 -11.44
N GLY F 60 17.63 13.02 -11.34
CA GLY F 60 16.45 12.24 -10.97
C GLY F 60 15.50 11.90 -12.11
N PHE F 61 15.82 12.35 -13.32
CA PHE F 61 15.04 12.00 -14.50
C PHE F 61 15.02 10.49 -14.68
N VAL F 62 13.83 9.96 -14.92
CA VAL F 62 13.64 8.53 -15.16
C VAL F 62 13.34 8.26 -16.64
N CYS F 63 12.26 8.84 -17.16
CA CYS F 63 11.88 8.61 -18.56
C CYS F 63 10.87 9.63 -19.05
N PHE F 64 10.75 9.73 -20.37
CA PHE F 64 9.66 10.46 -21.01
C PHE F 64 8.74 9.44 -21.66
N LEU F 65 7.44 9.60 -21.43
CA LEU F 65 6.42 8.74 -22.00
C LEU F 65 5.61 9.47 -23.04
N SER F 66 5.33 8.78 -24.13
CA SER F 66 4.49 9.30 -25.21
C SER F 66 3.56 8.19 -25.73
N ALA F 67 2.80 8.50 -26.77
CA ALA F 67 1.85 7.56 -27.38
C ALA F 67 2.45 6.18 -27.64
N ASP F 68 3.71 6.16 -28.06
CA ASP F 68 4.40 4.92 -28.44
C ASP F 68 4.63 3.93 -27.30
N ASP F 69 4.59 4.41 -26.06
CA ASP F 69 4.81 3.56 -24.89
C ASP F 69 3.56 2.82 -24.42
N ILE F 70 2.40 3.18 -24.98
CA ILE F 70 1.13 2.61 -24.56
C ILE F 70 0.98 1.17 -25.07
N PRO F 71 0.79 0.19 -24.15
CA PRO F 71 0.70 -1.21 -24.59
C PRO F 71 -0.65 -1.61 -25.16
N GLY F 72 -1.72 -0.95 -24.73
CA GLY F 72 -3.07 -1.32 -25.14
C GLY F 72 -3.64 -0.41 -26.20
N SER F 73 -4.29 0.65 -25.76
CA SER F 73 -4.96 1.56 -26.70
C SER F 73 -4.71 3.01 -26.34
N ASN F 74 -4.49 3.83 -27.37
CA ASN F 74 -4.39 5.30 -27.21
C ASN F 74 -5.73 6.00 -27.40
N GLU F 75 -6.80 5.24 -27.56
CA GLU F 75 -8.13 5.79 -27.78
C GLU F 75 -8.87 5.81 -26.44
N THR F 76 -9.29 6.99 -26.00
CA THR F 76 -9.90 7.13 -24.68
C THR F 76 -11.04 8.15 -24.69
N GLY F 77 -11.59 8.44 -23.51
CA GLY F 77 -12.64 9.43 -23.39
C GLY F 77 -14.00 8.78 -23.43
N LEU F 78 -14.98 9.47 -22.87
CA LEU F 78 -16.33 8.91 -22.80
C LEU F 78 -16.81 8.41 -24.16
N PHE F 79 -16.53 9.17 -25.22
CA PHE F 79 -17.01 8.78 -26.55
C PHE F 79 -15.89 8.33 -27.47
N ASN F 80 -14.79 7.90 -26.86
CA ASN F 80 -13.67 7.31 -27.61
C ASN F 80 -13.08 8.22 -28.68
N ASP F 81 -13.14 9.52 -28.42
CA ASP F 81 -12.71 10.52 -29.40
C ASP F 81 -11.50 11.32 -28.88
N GLU F 82 -10.82 10.78 -27.87
CA GLU F 82 -9.63 11.41 -27.32
C GLU F 82 -8.43 10.48 -27.41
N THR F 83 -7.25 11.08 -27.42
CA THR F 83 -6.01 10.34 -27.22
C THR F 83 -5.64 10.38 -25.75
N VAL F 84 -4.96 9.34 -25.27
CA VAL F 84 -4.31 9.41 -23.97
C VAL F 84 -3.14 10.38 -24.11
N PHE F 85 -2.33 10.18 -25.15
CA PHE F 85 -1.20 11.06 -25.47
C PHE F 85 -1.31 11.42 -26.93
N ALA F 86 -1.28 12.72 -27.24
CA ALA F 86 -1.42 13.19 -28.62
C ALA F 86 -0.31 12.61 -29.50
N LYS F 87 -0.64 12.25 -30.73
CA LYS F 87 0.33 11.56 -31.57
C LYS F 87 0.91 12.40 -32.71
N ASP F 88 0.04 12.79 -33.63
CA ASP F 88 0.48 13.53 -34.82
C ASP F 88 0.11 15.00 -34.72
N THR F 89 -0.95 15.28 -33.95
CA THR F 89 -1.59 16.60 -33.95
C THR F 89 -2.06 16.95 -32.53
N VAL F 90 -1.88 18.20 -32.16
CA VAL F 90 -2.46 18.73 -30.91
C VAL F 90 -3.65 19.59 -31.29
N THR F 91 -4.70 19.55 -30.47
CA THR F 91 -5.97 20.20 -30.80
C THR F 91 -6.48 21.16 -29.73
N CYS F 92 -5.62 21.48 -28.75
CA CYS F 92 -5.85 22.60 -27.85
C CYS F 92 -4.57 22.91 -27.09
N VAL F 93 -4.49 24.14 -26.58
CA VAL F 93 -3.45 24.47 -25.61
C VAL F 93 -3.78 23.64 -24.37
N GLY F 94 -2.79 22.93 -23.84
CA GLY F 94 -3.04 22.03 -22.70
C GLY F 94 -3.33 20.58 -23.10
N HIS F 95 -3.39 20.32 -24.41
CA HIS F 95 -3.53 18.94 -24.91
C HIS F 95 -2.34 18.10 -24.46
N ILE F 96 -2.61 16.99 -23.78
CA ILE F 96 -1.53 16.14 -23.27
C ILE F 96 -0.77 15.42 -24.38
N ILE F 97 0.53 15.71 -24.46
CA ILE F 97 1.42 15.11 -25.45
C ILE F 97 2.16 13.90 -24.89
N GLY F 98 2.55 14.00 -23.62
CA GLY F 98 3.31 12.94 -22.97
C GLY F 98 3.51 13.28 -21.51
N ALA F 99 4.51 12.65 -20.89
CA ALA F 99 4.76 12.87 -19.48
C ALA F 99 6.18 12.52 -19.13
N VAL F 100 6.74 13.29 -18.19
CA VAL F 100 8.04 12.97 -17.63
C VAL F 100 7.81 12.25 -16.30
N VAL F 101 8.67 11.28 -16.03
CA VAL F 101 8.71 10.60 -14.74
C VAL F 101 10.07 10.90 -14.11
N ALA F 102 10.06 11.23 -12.81
CA ALA F 102 11.29 11.56 -12.08
C ALA F 102 11.17 11.16 -10.62
N ASP F 103 12.26 11.29 -9.88
CA ASP F 103 12.31 10.77 -8.52
C ASP F 103 11.66 11.69 -7.48
N THR F 104 11.43 12.96 -7.85
CA THR F 104 10.72 13.91 -6.99
C THR F 104 9.79 14.78 -7.85
N PRO F 105 8.73 15.36 -7.24
CA PRO F 105 7.86 16.20 -8.06
C PRO F 105 8.58 17.46 -8.56
N GLU F 106 9.56 17.92 -7.80
CA GLU F 106 10.38 19.07 -8.20
C GLU F 106 11.21 18.75 -9.44
N HIS F 107 11.79 17.55 -9.47
CA HIS F 107 12.58 17.13 -10.62
C HIS F 107 11.68 16.89 -11.84
N ALA F 108 10.49 16.35 -11.62
CA ALA F 108 9.54 16.13 -12.72
C ALA F 108 9.12 17.47 -13.30
N GLU F 109 8.88 18.44 -12.43
CA GLU F 109 8.55 19.81 -12.84
C GLU F 109 9.65 20.41 -13.70
N ARG F 110 10.89 20.36 -13.19
CA ARG F 110 12.05 20.88 -13.93
C ARG F 110 12.24 20.23 -15.29
N ALA F 111 12.12 18.90 -15.35
CA ALA F 111 12.35 18.16 -16.58
C ALA F 111 11.26 18.47 -17.60
N ALA F 112 10.01 18.52 -17.15
CA ALA F 112 8.89 18.77 -18.04
C ALA F 112 9.09 20.10 -18.77
N HIS F 113 9.58 21.10 -18.05
CA HIS F 113 9.72 22.44 -18.60
C HIS F 113 10.67 22.51 -19.79
N VAL F 114 11.73 21.69 -19.74
CA VAL F 114 12.76 21.70 -20.80
C VAL F 114 12.55 20.67 -21.92
N VAL F 115 11.43 19.94 -21.90
CA VAL F 115 11.06 19.11 -23.04
C VAL F 115 10.66 20.05 -24.18
N LYS F 116 11.35 19.95 -25.32
CA LYS F 116 11.15 20.88 -26.43
C LYS F 116 10.31 20.25 -27.53
N VAL F 117 9.15 20.83 -27.78
CA VAL F 117 8.26 20.37 -28.84
C VAL F 117 8.31 21.37 -29.99
N THR F 118 8.41 20.86 -31.22
CA THR F 118 8.33 21.69 -32.41
C THR F 118 7.00 21.44 -33.09
N TYR F 119 6.38 22.52 -33.55
CA TYR F 119 5.02 22.47 -34.09
C TYR F 119 4.96 23.09 -35.47
N GLU F 120 3.93 22.72 -36.21
CA GLU F 120 3.49 23.47 -37.39
C GLU F 120 2.00 23.81 -37.20
N ASP F 121 1.71 25.10 -37.02
CA ASP F 121 0.35 25.56 -36.75
C ASP F 121 -0.63 25.21 -37.86
N LEU F 122 -1.85 24.85 -37.45
CA LEU F 122 -2.96 24.61 -38.35
C LEU F 122 -4.07 25.60 -37.97
N PRO F 123 -4.99 25.91 -38.91
CA PRO F 123 -6.04 26.88 -38.60
C PRO F 123 -6.87 26.41 -37.40
N ALA F 124 -7.17 27.33 -36.48
CA ALA F 124 -7.86 26.99 -35.24
C ALA F 124 -9.25 27.60 -35.14
N ILE F 125 -10.10 26.97 -34.33
CA ILE F 125 -11.45 27.46 -34.07
C ILE F 125 -11.59 27.58 -32.56
N ILE F 126 -11.79 28.79 -32.07
CA ILE F 126 -11.77 29.03 -30.62
C ILE F 126 -13.13 29.45 -30.11
N THR F 127 -13.72 30.47 -30.74
CA THR F 127 -14.99 31.00 -30.26
C THR F 127 -16.18 30.20 -30.78
N ILE F 128 -17.30 30.34 -30.09
CA ILE F 128 -18.57 29.81 -30.54
C ILE F 128 -18.92 30.41 -31.94
N GLU F 129 -18.66 31.70 -32.09
CA GLU F 129 -18.81 32.37 -33.39
C GLU F 129 -17.97 31.68 -34.51
N ASP F 130 -16.70 31.41 -34.23
CA ASP F 130 -15.80 30.64 -35.13
C ASP F 130 -16.46 29.30 -35.51
N ALA F 131 -16.95 28.58 -34.49
CA ALA F 131 -17.52 27.25 -34.71
C ALA F 131 -18.74 27.31 -35.60
N ILE F 132 -19.61 28.29 -35.34
CA ILE F 132 -20.84 28.44 -36.11
C ILE F 132 -20.51 28.76 -37.58
N LYS F 133 -19.57 29.70 -37.78
CA LYS F 133 -19.15 30.10 -39.13
C LYS F 133 -18.55 28.94 -39.93
N ASN F 134 -17.92 28.01 -39.22
CA ASN F 134 -17.27 26.85 -39.82
C ASN F 134 -18.06 25.54 -39.74
N ASN F 135 -19.30 25.62 -39.23
CA ASN F 135 -20.11 24.43 -39.02
C ASN F 135 -19.38 23.36 -38.21
N SER F 136 -18.60 23.81 -37.22
CA SER F 136 -17.77 22.91 -36.42
C SER F 136 -18.57 22.47 -35.20
N PHE F 137 -19.34 21.38 -35.37
CA PHE F 137 -20.19 20.86 -34.30
C PHE F 137 -19.95 19.38 -34.07
N TYR F 138 -20.22 18.93 -32.85
CA TYR F 138 -20.35 17.51 -32.54
C TYR F 138 -21.79 17.09 -32.69
N GLY F 139 -22.03 16.11 -33.55
CA GLY F 139 -23.35 15.53 -33.71
C GLY F 139 -24.34 16.48 -34.35
N SER F 140 -25.62 16.17 -34.16
CA SER F 140 -26.70 16.91 -34.79
C SER F 140 -27.44 17.79 -33.78
N GLU F 141 -28.29 18.64 -34.31
CA GLU F 141 -29.09 19.55 -33.51
C GLU F 141 -29.97 18.78 -32.54
N LEU F 142 -29.94 19.20 -31.29
CA LEU F 142 -30.91 18.76 -30.30
C LEU F 142 -32.06 19.74 -30.30
N LYS F 143 -33.27 19.24 -30.08
CA LYS F 143 -34.46 20.07 -30.15
C LYS F 143 -35.58 19.55 -29.26
N ILE F 144 -36.22 20.48 -28.55
CA ILE F 144 -37.50 20.21 -27.89
C ILE F 144 -38.48 21.27 -28.39
N GLU F 145 -39.59 20.81 -28.95
CA GLU F 145 -40.64 21.70 -29.45
C GLU F 145 -42.03 21.26 -28.97
N LYS F 146 -42.82 22.22 -28.51
CA LYS F 146 -44.18 21.95 -28.05
C LYS F 146 -45.11 23.08 -28.49
N GLY F 147 -46.32 22.73 -28.92
CA GLY F 147 -47.31 23.72 -29.31
C GLY F 147 -47.13 24.16 -30.75
N ASP F 148 -47.55 25.39 -31.03
CA ASP F 148 -47.51 25.97 -32.37
C ASP F 148 -46.86 27.35 -32.32
N LEU F 149 -45.58 27.41 -32.70
CA LEU F 149 -44.79 28.64 -32.62
C LEU F 149 -45.36 29.71 -33.53
N LYS F 150 -45.66 29.32 -34.76
CA LYS F 150 -46.20 30.24 -35.76
C LYS F 150 -47.48 30.90 -35.23
N LYS F 151 -48.39 30.08 -34.71
CA LYS F 151 -49.64 30.58 -34.14
C LYS F 151 -49.36 31.49 -32.94
N GLY F 152 -48.49 31.05 -32.04
CA GLY F 152 -48.10 31.85 -30.89
C GLY F 152 -47.60 33.23 -31.26
N PHE F 153 -46.66 33.29 -32.21
CA PHE F 153 -46.08 34.56 -32.64
C PHE F 153 -47.08 35.45 -33.40
N SER F 154 -48.01 34.84 -34.11
CA SER F 154 -49.05 35.58 -34.83
C SER F 154 -50.03 36.27 -33.87
N GLU F 155 -50.06 35.80 -32.63
CA GLU F 155 -51.00 36.26 -31.61
C GLU F 155 -50.36 37.26 -30.64
N ALA F 156 -49.03 37.26 -30.58
CA ALA F 156 -48.29 38.06 -29.61
C ALA F 156 -48.42 39.57 -29.85
N ASP F 157 -48.65 40.32 -28.77
CA ASP F 157 -48.64 41.79 -28.84
C ASP F 157 -47.26 42.33 -29.15
N ASN F 158 -46.24 41.70 -28.56
CA ASN F 158 -44.87 42.18 -28.64
C ASN F 158 -43.88 41.03 -28.82
N VAL F 159 -42.68 41.38 -29.25
CA VAL F 159 -41.56 40.45 -29.31
C VAL F 159 -40.35 41.10 -28.64
N VAL F 160 -39.46 40.29 -28.06
CA VAL F 160 -38.12 40.74 -27.72
C VAL F 160 -37.17 39.72 -28.36
N SER F 161 -36.19 40.21 -29.09
CA SER F 161 -35.16 39.36 -29.68
C SER F 161 -33.80 39.80 -29.19
N GLY F 162 -32.86 38.86 -29.08
CA GLY F 162 -31.52 39.25 -28.69
C GLY F 162 -30.55 38.10 -28.71
N GLU F 163 -29.34 38.38 -28.26
CA GLU F 163 -28.28 37.38 -28.12
C GLU F 163 -27.73 37.53 -26.71
N LEU F 164 -27.28 36.43 -26.12
CA LEU F 164 -26.74 36.46 -24.77
C LEU F 164 -25.59 35.48 -24.69
N TYR F 165 -24.54 35.85 -23.97
CA TYR F 165 -23.43 34.95 -23.71
C TYR F 165 -23.23 34.76 -22.20
N ILE F 166 -22.91 33.53 -21.82
CA ILE F 166 -22.51 33.25 -20.43
C ILE F 166 -21.16 32.55 -20.43
N GLY F 167 -20.18 33.16 -19.77
CA GLY F 167 -18.82 32.62 -19.70
C GLY F 167 -18.78 31.33 -18.91
N GLY F 168 -17.72 30.56 -19.13
CA GLY F 168 -17.52 29.28 -18.41
C GLY F 168 -17.09 29.47 -16.97
N GLN F 169 -16.47 28.44 -16.39
CA GLN F 169 -16.13 28.50 -14.97
C GLN F 169 -15.12 27.41 -14.69
N ASP F 170 -14.12 27.73 -13.87
CA ASP F 170 -13.18 26.70 -13.42
C ASP F 170 -13.69 26.15 -12.10
N HIS F 171 -13.59 24.83 -11.92
CA HIS F 171 -14.14 24.22 -10.71
C HIS F 171 -13.52 24.77 -9.45
N PHE F 172 -12.20 24.98 -9.49
CA PHE F 172 -11.44 25.44 -8.35
C PHE F 172 -11.76 24.65 -7.08
N TYR F 173 -11.94 23.34 -7.21
CA TYR F 173 -11.88 22.44 -6.04
C TYR F 173 -10.55 22.76 -5.34
N LEU F 174 -10.56 22.86 -4.01
CA LEU F 174 -9.33 23.26 -3.36
C LEU F 174 -8.23 22.21 -3.54
N GLU F 175 -8.62 20.92 -3.61
CA GLU F 175 -7.68 19.86 -3.99
C GLU F 175 -7.75 19.59 -5.49
N THR F 176 -6.65 19.83 -6.19
CA THR F 176 -6.57 19.57 -7.63
C THR F 176 -6.58 18.07 -7.93
N HIS F 177 -6.54 17.73 -9.20
CA HIS F 177 -6.55 16.32 -9.62
C HIS F 177 -5.32 15.58 -9.12
N CYS F 178 -5.52 14.34 -8.68
CA CYS F 178 -4.38 13.50 -8.31
C CYS F 178 -4.69 12.03 -8.33
N THR F 179 -3.66 11.27 -8.65
CA THR F 179 -3.71 9.82 -8.69
C THR F 179 -2.37 9.25 -8.23
N ILE F 180 -2.46 8.18 -7.43
CA ILE F 180 -1.34 7.28 -7.16
C ILE F 180 -1.67 5.93 -7.82
N ALA F 181 -0.73 5.36 -8.58
CA ALA F 181 -0.91 4.06 -9.20
C ALA F 181 0.16 3.11 -8.68
N ILE F 182 -0.29 1.97 -8.15
CA ILE F 182 0.57 0.95 -7.60
C ILE F 182 0.51 -0.30 -8.49
N PRO F 183 1.60 -0.56 -9.23
CA PRO F 183 1.60 -1.75 -10.06
C PRO F 183 1.94 -2.93 -9.15
N LYS F 184 1.23 -4.05 -9.30
CA LYS F 184 1.43 -5.18 -8.39
C LYS F 184 2.41 -6.22 -8.93
N GLY F 185 2.73 -6.13 -10.21
CA GLY F 185 3.74 -7.02 -10.80
C GLY F 185 3.21 -8.39 -11.23
N GLU F 186 1.94 -8.65 -10.97
CA GLU F 186 1.29 -9.89 -11.33
C GLU F 186 0.13 -9.66 -12.27
N GLU F 187 0.14 -10.32 -13.42
CA GLU F 187 -1.06 -10.43 -14.25
C GLU F 187 -1.67 -9.07 -14.63
N GLY F 188 -0.85 -8.03 -14.64
CA GLY F 188 -1.32 -6.70 -15.00
C GLY F 188 -2.04 -5.96 -13.89
N GLU F 189 -2.07 -6.55 -12.69
CA GLU F 189 -2.83 -5.97 -11.58
C GLU F 189 -2.29 -4.61 -11.18
N MET F 190 -3.21 -3.69 -10.91
CA MET F 190 -2.81 -2.35 -10.49
C MET F 190 -3.88 -1.84 -9.53
N GLU F 191 -3.42 -1.16 -8.48
CA GLU F 191 -4.28 -0.56 -7.47
C GLU F 191 -4.05 0.94 -7.50
N LEU F 192 -5.13 1.69 -7.67
CA LEU F 192 -5.04 3.15 -7.79
C LEU F 192 -5.82 3.86 -6.69
N PHE F 193 -5.22 4.91 -6.15
CA PHE F 193 -5.88 5.79 -5.19
C PHE F 193 -6.11 7.08 -5.96
N VAL F 194 -7.36 7.53 -6.05
CA VAL F 194 -7.67 8.60 -7.01
C VAL F 194 -8.64 9.62 -6.42
N SER F 195 -8.40 10.89 -6.69
CA SER F 195 -9.37 11.92 -6.38
C SER F 195 -10.35 12.01 -7.55
N THR F 196 -11.35 11.12 -7.57
CA THR F 196 -12.36 11.06 -8.64
C THR F 196 -13.76 10.77 -8.12
N GLN F 197 -14.74 11.32 -8.86
CA GLN F 197 -16.16 11.02 -8.65
C GLN F 197 -16.57 9.77 -9.40
N ASN F 198 -15.64 9.19 -10.16
CA ASN F 198 -16.00 8.15 -11.12
C ASN F 198 -14.97 7.02 -11.10
N ALA F 199 -15.03 6.20 -10.06
CA ALA F 199 -14.08 5.09 -9.96
C ALA F 199 -14.25 4.11 -11.10
N MET F 200 -15.49 3.95 -11.58
CA MET F 200 -15.79 2.96 -12.58
C MET F 200 -15.11 3.31 -13.91
N LYS F 201 -15.28 4.55 -14.38
CA LYS F 201 -14.63 4.95 -15.63
C LYS F 201 -13.11 5.03 -15.48
N THR F 202 -12.64 5.42 -14.29
CA THR F 202 -11.21 5.38 -14.02
C THR F 202 -10.69 3.94 -14.26
N GLN F 203 -11.37 2.98 -13.65
CA GLN F 203 -11.00 1.59 -13.77
C GLN F 203 -11.04 1.12 -15.23
N SER F 204 -12.13 1.42 -15.93
CA SER F 204 -12.28 1.02 -17.33
C SER F 204 -11.25 1.66 -18.27
N PHE F 205 -11.02 2.96 -18.10
CA PHE F 205 -10.09 3.67 -18.98
C PHE F 205 -8.64 3.22 -18.73
N VAL F 206 -8.28 2.98 -17.48
CA VAL F 206 -6.94 2.45 -17.16
C VAL F 206 -6.78 1.06 -17.83
N ALA F 207 -7.76 0.17 -17.63
CA ALA F 207 -7.73 -1.19 -18.21
C ALA F 207 -7.60 -1.14 -19.74
N LYS F 208 -8.35 -0.22 -20.36
CA LYS F 208 -8.36 -0.10 -21.82
C LYS F 208 -7.01 0.37 -22.36
N MET F 209 -6.42 1.36 -21.68
CA MET F 209 -5.10 1.87 -22.06
C MET F 209 -4.05 0.75 -21.95
N LEU F 210 -4.13 -0.04 -20.88
CA LEU F 210 -3.16 -1.10 -20.61
C LEU F 210 -3.40 -2.34 -21.48
N GLY F 211 -4.62 -2.51 -21.95
CA GLY F 211 -4.99 -3.71 -22.69
C GLY F 211 -5.15 -4.93 -21.79
N VAL F 212 -5.64 -4.70 -20.57
CA VAL F 212 -5.91 -5.78 -19.62
C VAL F 212 -7.40 -5.79 -19.22
N PRO F 213 -7.90 -6.95 -18.74
CA PRO F 213 -9.29 -7.01 -18.31
C PRO F 213 -9.56 -6.06 -17.15
N VAL F 214 -10.78 -5.55 -17.08
CA VAL F 214 -11.15 -4.61 -16.03
C VAL F 214 -10.95 -5.21 -14.63
N ASN F 215 -11.12 -6.53 -14.51
CA ASN F 215 -11.00 -7.17 -13.20
C ASN F 215 -9.58 -7.07 -12.58
N ARG F 216 -8.61 -6.61 -13.37
CA ARG F 216 -7.21 -6.48 -12.90
C ARG F 216 -6.99 -5.15 -12.17
N ILE F 217 -7.90 -4.21 -12.38
CA ILE F 217 -7.69 -2.84 -11.91
C ILE F 217 -8.57 -2.53 -10.71
N LEU F 218 -7.95 -2.09 -9.63
CA LEU F 218 -8.67 -1.71 -8.41
C LEU F 218 -8.53 -0.21 -8.21
N VAL F 219 -9.67 0.48 -8.14
CA VAL F 219 -9.66 1.93 -7.88
C VAL F 219 -10.33 2.19 -6.55
N ARG F 220 -9.63 2.95 -5.72
CA ARG F 220 -10.07 3.28 -4.37
C ARG F 220 -10.14 4.77 -4.20
N VAL F 221 -11.26 5.24 -3.64
CA VAL F 221 -11.47 6.67 -3.39
C VAL F 221 -11.92 6.86 -1.95
N LYS F 222 -11.04 7.42 -1.12
CA LYS F 222 -11.44 7.75 0.26
C LYS F 222 -12.28 9.03 0.28
N ARG F 223 -11.71 10.09 -0.28
CA ARG F 223 -12.40 11.38 -0.36
C ARG F 223 -11.72 12.26 -1.38
N MET F 224 -12.47 13.27 -1.82
CA MET F 224 -11.98 14.37 -2.63
C MET F 224 -12.06 15.68 -1.85
N GLY F 225 -11.05 16.52 -2.03
CA GLY F 225 -11.12 17.92 -1.58
C GLY F 225 -11.88 18.77 -2.60
N GLY F 226 -13.14 18.39 -2.84
CA GLY F 226 -13.98 19.04 -3.84
C GLY F 226 -13.90 18.30 -5.18
N GLY F 227 -15.03 18.31 -5.90
CA GLY F 227 -15.14 17.68 -7.21
C GLY F 227 -15.96 18.56 -8.13
N PHE F 228 -17.20 18.87 -7.71
CA PHE F 228 -18.07 19.83 -8.40
C PHE F 228 -18.34 19.49 -9.86
N GLY F 229 -18.18 18.21 -10.19
CA GLY F 229 -18.40 17.74 -11.57
C GLY F 229 -17.12 17.64 -12.36
N GLY F 230 -16.11 18.39 -11.94
CA GLY F 230 -14.82 18.39 -12.63
C GLY F 230 -14.03 17.11 -12.45
N LYS F 231 -14.50 16.28 -11.52
CA LYS F 231 -13.87 14.96 -11.31
C LYS F 231 -14.81 13.82 -11.70
N GLU F 232 -15.86 14.14 -12.48
CA GLU F 232 -16.79 13.13 -12.99
C GLU F 232 -16.16 12.30 -14.11
N THR F 233 -15.39 12.96 -14.97
CA THR F 233 -14.69 12.26 -16.06
C THR F 233 -13.24 12.70 -16.24
N ARG F 234 -12.97 13.99 -16.05
CA ARG F 234 -11.67 14.55 -16.49
C ARG F 234 -10.48 14.12 -15.64
N SER F 235 -10.78 13.50 -14.48
CA SER F 235 -9.75 12.94 -13.61
C SER F 235 -8.97 11.85 -14.33
N THR F 236 -9.57 11.25 -15.37
CA THR F 236 -8.91 10.13 -16.07
C THR F 236 -7.71 10.61 -16.88
N LEU F 237 -7.70 11.90 -17.21
CA LEU F 237 -6.52 12.49 -17.89
C LEU F 237 -5.24 12.25 -17.09
N VAL F 238 -5.32 12.40 -15.77
CA VAL F 238 -4.15 12.19 -14.92
C VAL F 238 -4.02 10.71 -14.60
N SER F 239 -5.14 10.05 -14.28
CA SER F 239 -5.10 8.65 -13.83
C SER F 239 -4.50 7.72 -14.87
N VAL F 240 -4.87 7.92 -16.13
CA VAL F 240 -4.38 7.05 -17.19
C VAL F 240 -2.88 7.26 -17.45
N ALA F 241 -2.45 8.51 -17.42
CA ALA F 241 -1.02 8.79 -17.57
C ALA F 241 -0.19 8.18 -16.44
N VAL F 242 -0.69 8.30 -15.21
CA VAL F 242 0.03 7.79 -14.05
C VAL F 242 0.06 6.27 -14.10
N ALA F 243 -1.07 5.65 -14.48
CA ALA F 243 -1.12 4.20 -14.70
C ALA F 243 -0.07 3.75 -15.72
N LEU F 244 0.08 4.51 -16.81
CA LEU F 244 1.07 4.10 -17.82
C LEU F 244 2.46 4.13 -17.23
N ALA F 245 2.72 5.15 -16.40
CA ALA F 245 4.03 5.30 -15.78
C ALA F 245 4.31 4.14 -14.84
N ALA F 246 3.30 3.75 -14.07
CA ALA F 246 3.44 2.64 -13.14
C ALA F 246 3.72 1.36 -13.92
N TYR F 247 2.96 1.15 -14.99
CA TYR F 247 3.14 -0.01 -15.85
C TYR F 247 4.54 -0.07 -16.46
N LYS F 248 4.99 1.03 -17.06
CA LYS F 248 6.28 1.06 -17.77
C LYS F 248 7.47 0.88 -16.82
N THR F 249 7.43 1.55 -15.66
CA THR F 249 8.56 1.53 -14.73
C THR F 249 8.54 0.34 -13.78
N GLY F 250 7.34 -0.18 -13.50
CA GLY F 250 7.15 -1.22 -12.50
C GLY F 250 7.17 -0.63 -11.09
N HIS F 251 7.28 0.70 -10.99
CA HIS F 251 7.28 1.40 -9.70
C HIS F 251 5.92 2.03 -9.42
N PRO F 252 5.58 2.24 -8.13
CA PRO F 252 4.47 3.15 -7.80
C PRO F 252 4.78 4.54 -8.36
N VAL F 253 3.74 5.23 -8.85
CA VAL F 253 3.92 6.57 -9.42
C VAL F 253 2.74 7.41 -8.96
N ARG F 254 2.98 8.69 -8.73
CA ARG F 254 1.88 9.61 -8.42
C ARG F 254 2.02 10.93 -9.14
N CYS F 255 0.89 11.64 -9.23
CA CYS F 255 0.88 12.98 -9.78
C CYS F 255 -0.24 13.74 -9.10
N MET F 256 0.09 14.89 -8.52
CA MET F 256 -0.93 15.86 -8.15
C MET F 256 -0.68 17.11 -8.99
N LEU F 257 -1.73 17.64 -9.62
CA LEU F 257 -1.54 18.81 -10.51
C LEU F 257 -1.32 20.09 -9.70
N ASP F 258 -0.45 20.96 -10.21
CA ASP F 258 -0.43 22.35 -9.73
C ASP F 258 -1.69 23.03 -10.26
N ARG F 259 -2.10 24.11 -9.60
CA ARG F 259 -3.34 24.81 -9.97
C ARG F 259 -3.31 25.24 -11.43
N ASN F 260 -2.17 25.76 -11.88
CA ASN F 260 -2.09 26.27 -13.27
C ASN F 260 -2.26 25.16 -14.29
N GLU F 261 -1.71 23.98 -14.00
CA GLU F 261 -1.92 22.81 -14.84
C GLU F 261 -3.39 22.41 -14.84
N ASP F 262 -3.97 22.40 -13.66
CA ASP F 262 -5.35 21.98 -13.50
C ASP F 262 -6.30 22.86 -14.31
N MET F 263 -6.17 24.17 -14.14
CA MET F 263 -7.03 25.12 -14.84
C MET F 263 -6.90 25.03 -16.37
N LEU F 264 -5.68 24.78 -16.84
CA LEU F 264 -5.45 24.70 -18.29
C LEU F 264 -6.01 23.42 -18.90
N ILE F 265 -5.74 22.29 -18.24
CA ILE F 265 -5.91 20.97 -18.86
C ILE F 265 -7.29 20.33 -18.68
N THR F 266 -7.89 20.51 -17.51
CA THR F 266 -8.94 19.59 -17.09
C THR F 266 -10.37 19.99 -17.47
N GLY F 267 -10.54 21.15 -18.12
CA GLY F 267 -11.88 21.56 -18.58
C GLY F 267 -12.69 22.23 -17.50
N GLY F 268 -13.69 23.00 -17.90
CA GLY F 268 -14.56 23.66 -16.93
C GLY F 268 -16.01 23.63 -17.36
N ARG F 269 -16.81 24.55 -16.84
CA ARG F 269 -18.21 24.66 -17.25
C ARG F 269 -18.25 25.15 -18.71
N HIS F 270 -19.28 24.71 -19.44
CA HIS F 270 -19.47 25.19 -20.81
C HIS F 270 -19.94 26.63 -20.90
N PRO F 271 -19.18 27.49 -21.60
CA PRO F 271 -19.74 28.77 -22.04
C PRO F 271 -20.93 28.48 -22.96
N PHE F 272 -21.96 29.33 -22.91
CA PHE F 272 -23.12 29.18 -23.77
C PHE F 272 -23.36 30.49 -24.51
N LEU F 273 -23.75 30.38 -25.77
CA LEU F 273 -24.31 31.52 -26.51
C LEU F 273 -25.77 31.19 -26.79
N ALA F 274 -26.65 32.17 -26.65
CA ALA F 274 -28.07 31.98 -26.98
C ALA F 274 -28.56 33.08 -27.90
N ARG F 275 -29.36 32.69 -28.89
CA ARG F 275 -30.10 33.64 -29.71
C ARG F 275 -31.55 33.32 -29.46
N TYR F 276 -32.32 34.33 -29.07
CA TYR F 276 -33.67 34.11 -28.60
C TYR F 276 -34.69 35.10 -29.17
N LYS F 277 -35.94 34.67 -29.17
CA LYS F 277 -37.06 35.46 -29.65
C LYS F 277 -38.24 35.05 -28.77
N VAL F 278 -38.79 36.02 -28.03
CA VAL F 278 -39.91 35.73 -27.14
C VAL F 278 -41.10 36.61 -27.50
N GLY F 279 -42.27 35.98 -27.58
CA GLY F 279 -43.52 36.69 -27.87
C GLY F 279 -44.41 36.71 -26.65
N PHE F 280 -45.00 37.87 -26.39
CA PHE F 280 -45.77 38.05 -25.17
C PHE F 280 -46.90 39.04 -25.37
N MET F 281 -47.88 38.99 -24.48
CA MET F 281 -48.97 39.97 -24.45
C MET F 281 -48.56 41.22 -23.64
N LYS F 282 -49.32 42.30 -23.77
CA LYS F 282 -49.06 43.54 -23.02
C LYS F 282 -49.10 43.34 -21.51
N THR F 283 -49.72 42.24 -21.09
CA THR F 283 -49.81 41.86 -19.69
C THR F 283 -48.50 41.21 -19.22
N GLY F 284 -47.63 40.89 -20.16
CA GLY F 284 -46.38 40.21 -19.86
C GLY F 284 -46.50 38.70 -19.87
N THR F 285 -47.69 38.19 -20.20
CA THR F 285 -47.93 36.75 -20.37
C THR F 285 -47.18 36.25 -21.60
N ILE F 286 -46.41 35.18 -21.44
CA ILE F 286 -45.62 34.62 -22.55
C ILE F 286 -46.47 33.70 -23.42
N VAL F 287 -46.44 33.93 -24.73
CA VAL F 287 -47.20 33.11 -25.69
C VAL F 287 -46.33 32.31 -26.67
N ALA F 288 -45.07 32.69 -26.83
CA ALA F 288 -44.16 31.99 -27.75
C ALA F 288 -42.70 32.21 -27.39
N LEU F 289 -41.90 31.17 -27.53
CA LEU F 289 -40.49 31.26 -27.22
C LEU F 289 -39.67 30.39 -28.15
N GLU F 290 -38.67 31.01 -28.77
CA GLU F 290 -37.70 30.30 -29.58
C GLU F 290 -36.31 30.63 -29.08
N VAL F 291 -35.54 29.62 -28.67
CA VAL F 291 -34.16 29.82 -28.21
C VAL F 291 -33.22 28.83 -28.87
N ASP F 292 -32.19 29.34 -29.54
CA ASP F 292 -31.11 28.51 -30.07
C ASP F 292 -29.91 28.63 -29.15
N HIS F 293 -29.52 27.49 -28.55
CA HIS F 293 -28.38 27.43 -27.63
C HIS F 293 -27.15 26.87 -28.36
N TYR F 294 -25.97 27.36 -27.99
CA TYR F 294 -24.70 26.85 -28.52
C TYR F 294 -23.74 26.78 -27.35
N SER F 295 -23.19 25.61 -27.07
CA SER F 295 -22.18 25.48 -26.01
C SER F 295 -20.79 25.40 -26.62
N ASN F 296 -19.80 25.95 -25.92
CA ASN F 296 -18.42 25.75 -26.34
C ASN F 296 -17.93 24.46 -25.69
N ALA F 297 -17.90 23.39 -26.48
CA ALA F 297 -17.59 22.06 -25.97
C ALA F 297 -16.09 21.74 -25.85
N GLY F 298 -15.25 22.46 -26.59
CA GLY F 298 -13.81 22.15 -26.62
C GLY F 298 -13.47 20.95 -27.49
N ASN F 299 -12.37 20.29 -27.20
CA ASN F 299 -11.76 19.38 -28.17
C ASN F 299 -12.13 17.89 -28.06
N SER F 300 -13.15 17.58 -27.26
CA SER F 300 -13.77 16.25 -27.31
C SER F 300 -15.21 16.36 -26.84
N ARG F 301 -15.98 15.31 -27.05
CA ARG F 301 -17.38 15.31 -26.68
C ARG F 301 -17.55 15.31 -25.17
N ASP F 302 -16.93 14.33 -24.51
CA ASP F 302 -17.08 14.20 -23.05
C ASP F 302 -18.58 14.25 -22.72
N LEU F 303 -18.99 15.06 -21.74
CA LEU F 303 -20.38 15.11 -21.29
C LEU F 303 -21.23 16.18 -21.99
N SER F 304 -20.68 16.77 -23.05
CA SER F 304 -21.31 17.92 -23.70
C SER F 304 -22.74 17.69 -24.17
N HIS F 305 -23.01 16.51 -24.72
CA HIS F 305 -24.34 16.21 -25.21
C HIS F 305 -25.39 16.20 -24.09
N SER F 306 -25.12 15.44 -23.02
CA SER F 306 -26.06 15.38 -21.90
C SER F 306 -26.22 16.72 -21.19
N ILE F 307 -25.16 17.53 -21.19
CA ILE F 307 -25.22 18.89 -20.65
C ILE F 307 -26.22 19.73 -21.47
N MET F 308 -26.14 19.62 -22.79
CA MET F 308 -27.10 20.34 -23.65
C MET F 308 -28.54 19.82 -23.48
N GLU F 309 -28.68 18.51 -23.27
CA GLU F 309 -30.00 17.93 -22.98
C GLU F 309 -30.57 18.60 -21.74
N ARG F 310 -29.76 18.67 -20.68
CA ARG F 310 -30.21 19.28 -19.44
C ARG F 310 -30.51 20.77 -19.62
N ALA F 311 -29.69 21.46 -20.40
CA ALA F 311 -29.99 22.86 -20.73
C ALA F 311 -31.37 22.96 -21.35
N LEU F 312 -31.64 22.15 -22.37
CA LEU F 312 -32.94 22.21 -23.02
C LEU F 312 -34.08 21.88 -22.07
N PHE F 313 -33.86 20.91 -21.18
CA PHE F 313 -34.88 20.55 -20.19
C PHE F 313 -35.18 21.67 -19.20
N HIS F 314 -34.34 22.69 -19.14
CA HIS F 314 -34.49 23.75 -18.14
C HIS F 314 -34.74 25.15 -18.72
N MET F 315 -34.95 25.21 -20.03
CA MET F 315 -35.11 26.49 -20.71
C MET F 315 -36.41 27.20 -20.31
N ASP F 316 -37.27 26.49 -19.58
CA ASP F 316 -38.53 27.02 -19.08
C ASP F 316 -38.44 27.66 -17.70
N ASN F 317 -37.34 27.40 -16.99
CA ASN F 317 -37.29 27.62 -15.54
C ASN F 317 -38.62 27.20 -14.88
N CYS F 318 -39.36 28.14 -14.30
CA CYS F 318 -40.62 27.82 -13.62
C CYS F 318 -41.84 28.37 -14.34
N TYR F 319 -41.69 28.63 -15.62
CA TYR F 319 -42.71 29.34 -16.39
C TYR F 319 -43.40 28.50 -17.45
N LYS F 320 -44.72 28.61 -17.48
CA LYS F 320 -45.58 27.90 -18.43
C LYS F 320 -45.60 28.65 -19.76
N ILE F 321 -45.09 28.01 -20.80
CA ILE F 321 -44.98 28.60 -22.15
C ILE F 321 -45.62 27.66 -23.16
N PRO F 322 -46.83 28.03 -23.66
CA PRO F 322 -47.65 27.13 -24.47
C PRO F 322 -47.02 26.73 -25.81
N ASN F 323 -46.23 27.62 -26.41
CA ASN F 323 -45.63 27.39 -27.70
C ASN F 323 -44.14 27.67 -27.61
N ILE F 324 -43.34 26.62 -27.76
CA ILE F 324 -41.95 26.71 -27.37
C ILE F 324 -41.05 25.83 -28.24
N ARG F 325 -39.89 26.36 -28.62
CA ARG F 325 -38.91 25.62 -29.39
C ARG F 325 -37.53 25.95 -28.87
N GLY F 326 -36.83 24.94 -28.38
CA GLY F 326 -35.44 25.13 -27.98
C GLY F 326 -34.56 24.19 -28.78
N THR F 327 -33.44 24.72 -29.29
CA THR F 327 -32.46 23.89 -29.97
C THR F 327 -31.11 24.03 -29.30
N GLY F 328 -30.23 23.05 -29.53
CA GLY F 328 -28.87 23.14 -29.01
C GLY F 328 -27.84 22.56 -29.97
N ARG F 329 -26.72 23.24 -30.12
CA ARG F 329 -25.56 22.71 -30.83
C ARG F 329 -24.36 22.68 -29.91
N LEU F 330 -23.53 21.65 -30.09
CA LEU F 330 -22.27 21.50 -29.35
C LEU F 330 -21.16 21.97 -30.26
N CYS F 331 -20.49 23.04 -29.89
CA CYS F 331 -19.43 23.62 -30.70
C CYS F 331 -18.11 22.90 -30.48
N LYS F 332 -17.59 22.34 -31.58
CA LYS F 332 -16.30 21.66 -31.61
C LYS F 332 -15.18 22.67 -31.81
N THR F 333 -14.37 22.88 -30.77
CA THR F 333 -13.34 23.93 -30.77
C THR F 333 -11.97 23.47 -30.26
N ASN F 334 -10.95 24.28 -30.56
CA ASN F 334 -9.59 23.98 -30.14
C ASN F 334 -9.28 24.54 -28.76
N LEU F 335 -10.05 24.06 -27.79
CA LEU F 335 -9.92 24.43 -26.39
C LEU F 335 -10.01 23.15 -25.59
N SER F 336 -9.47 23.15 -24.38
CA SER F 336 -9.64 22.00 -23.51
C SER F 336 -11.10 21.60 -23.43
N SER F 337 -11.32 20.29 -23.41
CA SER F 337 -12.69 19.77 -23.44
C SER F 337 -13.44 20.17 -22.19
N ASN F 338 -14.58 20.84 -22.36
CA ASN F 338 -15.41 21.20 -21.22
C ASN F 338 -16.27 20.02 -20.72
N THR F 339 -16.74 20.11 -19.49
CA THR F 339 -17.24 18.92 -18.78
C THR F 339 -18.36 19.31 -17.82
N ALA F 340 -18.73 18.40 -16.93
CA ALA F 340 -19.74 18.64 -15.90
C ALA F 340 -19.25 19.69 -14.93
N PHE F 341 -20.16 20.58 -14.56
CA PHE F 341 -19.90 21.53 -13.47
C PHE F 341 -21.25 21.76 -12.82
N ARG F 342 -21.31 21.54 -11.51
CA ARG F 342 -22.50 21.72 -10.67
C ARG F 342 -23.62 22.48 -11.35
N GLY F 343 -24.66 21.75 -11.79
CA GLY F 343 -25.77 22.35 -12.53
C GLY F 343 -25.90 21.75 -13.93
N PHE F 344 -24.76 21.45 -14.55
CA PHE F 344 -24.71 20.55 -15.72
C PHE F 344 -25.58 21.06 -16.88
N GLY F 345 -25.37 22.32 -17.26
CA GLY F 345 -26.14 22.95 -18.35
C GLY F 345 -27.38 23.66 -17.86
N GLY F 346 -27.86 23.26 -16.68
CA GLY F 346 -29.03 23.89 -16.09
C GLY F 346 -28.86 25.38 -15.84
N PRO F 347 -27.82 25.78 -15.09
CA PRO F 347 -27.66 27.21 -14.81
C PRO F 347 -27.60 28.10 -16.07
N GLN F 348 -26.91 27.64 -17.11
CA GLN F 348 -26.83 28.41 -18.35
C GLN F 348 -28.21 28.62 -18.99
N ALA F 349 -28.99 27.54 -19.11
CA ALA F 349 -30.34 27.63 -19.69
C ALA F 349 -31.29 28.47 -18.82
N LEU F 350 -31.19 28.30 -17.50
CA LEU F 350 -32.01 29.05 -16.56
C LEU F 350 -31.69 30.56 -16.63
N PHE F 351 -30.39 30.87 -16.73
CA PHE F 351 -29.93 32.25 -16.90
C PHE F 351 -30.50 32.89 -18.17
N ILE F 352 -30.47 32.13 -19.27
CA ILE F 352 -31.03 32.60 -20.54
C ILE F 352 -32.52 32.90 -20.38
N ALA F 353 -33.24 32.01 -19.69
CA ALA F 353 -34.67 32.20 -19.43
C ALA F 353 -34.92 33.46 -18.61
N GLU F 354 -34.18 33.62 -17.52
CA GLU F 354 -34.39 34.79 -16.67
C GLU F 354 -34.02 36.10 -17.35
N ASN F 355 -33.06 36.04 -18.28
CA ASN F 355 -32.68 37.22 -19.03
C ASN F 355 -33.83 37.71 -19.90
N TRP F 356 -34.41 36.85 -20.75
CA TRP F 356 -35.55 37.29 -21.56
C TRP F 356 -36.76 37.62 -20.70
N MET F 357 -36.93 36.94 -19.57
CA MET F 357 -38.03 37.29 -18.67
C MET F 357 -37.82 38.69 -18.13
N SER F 358 -36.58 39.04 -17.79
CA SER F 358 -36.29 40.39 -17.30
C SER F 358 -36.62 41.45 -18.37
N GLU F 359 -36.41 41.09 -19.63
CA GLU F 359 -36.64 42.01 -20.75
C GLU F 359 -38.12 42.17 -21.09
N VAL F 360 -38.89 41.09 -20.87
CA VAL F 360 -40.34 41.13 -21.03
C VAL F 360 -40.94 42.14 -20.06
N ALA F 361 -40.59 42.01 -18.77
CA ALA F 361 -41.11 42.91 -17.73
C ALA F 361 -40.84 44.38 -18.06
N VAL F 362 -39.61 44.67 -18.45
CA VAL F 362 -39.18 46.03 -18.79
C VAL F 362 -39.96 46.55 -20.00
N THR F 363 -40.09 45.70 -21.03
CA THR F 363 -40.85 46.07 -22.23
C THR F 363 -42.29 46.44 -21.90
N CYS F 364 -42.91 45.64 -21.05
CA CYS F 364 -44.30 45.84 -20.64
C CYS F 364 -44.48 46.96 -19.60
N GLY F 365 -43.37 47.43 -19.02
CA GLY F 365 -43.39 48.46 -17.97
C GLY F 365 -44.03 47.95 -16.70
N LEU F 366 -43.86 46.66 -16.43
CA LEU F 366 -44.51 46.03 -15.28
C LEU F 366 -43.50 45.56 -14.24
N PRO F 367 -43.94 45.44 -12.97
CA PRO F 367 -43.09 44.89 -11.91
C PRO F 367 -42.62 43.49 -12.26
N ALA F 368 -41.30 43.27 -12.20
CA ALA F 368 -40.71 41.98 -12.57
C ALA F 368 -41.32 40.80 -11.80
N GLU F 369 -41.53 40.97 -10.49
CA GLU F 369 -42.14 39.89 -9.69
C GLU F 369 -43.54 39.54 -10.14
N GLU F 370 -44.28 40.55 -10.64
CA GLU F 370 -45.62 40.33 -11.16
C GLU F 370 -45.59 39.51 -12.45
N VAL F 371 -44.66 39.84 -13.34
CA VAL F 371 -44.55 39.16 -14.63
C VAL F 371 -44.09 37.71 -14.43
N ARG F 372 -43.16 37.50 -13.51
CA ARG F 372 -42.71 36.14 -13.18
C ARG F 372 -43.85 35.31 -12.58
N TRP F 373 -44.55 35.88 -11.58
CA TRP F 373 -45.68 35.20 -10.96
C TRP F 373 -46.79 34.82 -11.95
N LYS F 374 -47.21 35.77 -12.80
CA LYS F 374 -48.24 35.56 -13.81
C LYS F 374 -47.96 34.35 -14.70
N ASN F 375 -46.68 34.13 -14.97
CA ASN F 375 -46.23 33.14 -15.93
C ASN F 375 -45.83 31.82 -15.28
N MET F 376 -45.92 31.75 -13.96
CA MET F 376 -45.49 30.56 -13.20
C MET F 376 -46.38 29.36 -13.51
N TYR F 377 -45.76 28.18 -13.58
CA TYR F 377 -46.50 26.94 -13.65
C TYR F 377 -47.43 26.84 -12.45
N LYS F 378 -48.44 25.98 -12.57
CA LYS F 378 -49.29 25.63 -11.44
C LYS F 378 -49.17 24.13 -11.20
N GLU F 379 -49.53 23.71 -9.98
CA GLU F 379 -49.55 22.29 -9.64
C GLU F 379 -50.24 21.47 -10.73
N GLY F 380 -49.58 20.41 -11.17
CA GLY F 380 -50.17 19.52 -12.16
C GLY F 380 -49.91 19.91 -13.61
N ASP F 381 -49.35 21.10 -13.85
CA ASP F 381 -48.99 21.53 -15.20
C ASP F 381 -47.95 20.60 -15.79
N LEU F 382 -47.93 20.50 -17.12
CA LEU F 382 -46.87 19.77 -17.84
C LEU F 382 -45.80 20.73 -18.32
N THR F 383 -44.55 20.31 -18.24
CA THR F 383 -43.43 21.11 -18.76
C THR F 383 -43.44 21.04 -20.28
N HIS F 384 -42.53 21.79 -20.91
CA HIS F 384 -42.36 21.75 -22.37
C HIS F 384 -41.97 20.36 -22.89
N PHE F 385 -41.45 19.51 -21.99
CA PHE F 385 -41.14 18.12 -22.37
C PHE F 385 -42.19 17.14 -21.82
N ASN F 386 -43.35 17.70 -21.48
CA ASN F 386 -44.55 16.93 -21.17
C ASN F 386 -44.49 16.13 -19.87
N GLN F 387 -43.68 16.58 -18.93
CA GLN F 387 -43.65 15.95 -17.61
C GLN F 387 -44.49 16.73 -16.62
N ARG F 388 -45.35 16.00 -15.88
CA ARG F 388 -46.25 16.58 -14.90
C ARG F 388 -45.46 17.12 -13.72
N LEU F 389 -45.84 18.32 -13.28
CA LEU F 389 -45.25 18.90 -12.10
C LEU F 389 -46.10 18.57 -10.88
N GLU F 390 -45.71 17.53 -10.17
CA GLU F 390 -46.40 17.07 -8.97
C GLU F 390 -45.64 17.52 -7.74
N GLY F 391 -46.37 18.07 -6.76
CA GLY F 391 -45.75 18.69 -5.59
C GLY F 391 -44.93 19.91 -5.97
N PHE F 392 -45.52 20.78 -6.78
CA PHE F 392 -44.85 21.99 -7.27
C PHE F 392 -44.87 23.06 -6.18
N SER F 393 -43.73 23.27 -5.53
CA SER F 393 -43.68 24.10 -4.32
C SER F 393 -43.14 25.50 -4.52
N VAL F 394 -42.88 25.89 -5.77
CA VAL F 394 -42.40 27.25 -6.01
C VAL F 394 -43.37 28.32 -5.47
N PRO F 395 -44.69 28.17 -5.69
CA PRO F 395 -45.60 29.20 -5.13
C PRO F 395 -45.45 29.40 -3.62
N ARG F 396 -45.28 28.31 -2.87
CA ARG F 396 -45.02 28.39 -1.43
C ARG F 396 -43.67 29.04 -1.15
N CYS F 397 -42.63 28.61 -1.88
CA CYS F 397 -41.29 29.16 -1.72
C CYS F 397 -41.26 30.66 -2.02
N TRP F 398 -41.99 31.05 -3.05
CA TRP F 398 -42.09 32.43 -3.52
C TRP F 398 -42.76 33.29 -2.45
N ASP F 399 -43.95 32.89 -2.03
CA ASP F 399 -44.70 33.61 -1.00
C ASP F 399 -43.90 33.76 0.29
N GLU F 400 -43.31 32.67 0.78
CA GLU F 400 -42.57 32.71 2.03
C GLU F 400 -41.30 33.57 1.91
N CYS F 401 -40.63 33.51 0.76
CA CYS F 401 -39.45 34.34 0.53
C CYS F 401 -39.83 35.82 0.45
N LEU F 402 -40.91 36.14 -0.28
CA LEU F 402 -41.41 37.52 -0.33
C LEU F 402 -41.65 38.08 1.07
N LYS F 403 -42.29 37.26 1.91
CA LYS F 403 -42.65 37.66 3.27
C LYS F 403 -41.45 37.77 4.21
N SER F 404 -40.56 36.76 4.20
CA SER F 404 -39.42 36.75 5.12
C SER F 404 -38.32 37.73 4.74
N SER F 405 -38.21 38.01 3.43
CA SER F 405 -37.21 38.96 2.94
C SER F 405 -37.72 40.39 3.03
N GLN F 406 -39.02 40.54 3.35
CA GLN F 406 -39.70 41.83 3.35
C GLN F 406 -39.46 42.56 2.04
N TYR F 407 -39.69 41.82 0.94
CA TYR F 407 -39.37 42.26 -0.40
C TYR F 407 -40.00 43.61 -0.77
N TYR F 408 -41.31 43.74 -0.55
CA TYR F 408 -42.02 44.95 -0.97
C TYR F 408 -41.59 46.21 -0.20
N ALA F 409 -41.36 46.08 1.10
CA ALA F 409 -40.84 47.20 1.91
C ALA F 409 -39.45 47.62 1.48
N ARG F 410 -38.57 46.64 1.26
CA ARG F 410 -37.21 46.94 0.82
C ARG F 410 -37.14 47.50 -0.60
N LYS F 411 -38.07 47.08 -1.46
CA LYS F 411 -38.17 47.62 -2.82
C LYS F 411 -38.40 49.14 -2.77
N SER F 412 -39.24 49.58 -1.83
CA SER F 412 -39.48 51.00 -1.61
C SER F 412 -38.23 51.72 -1.12
N GLU F 413 -37.47 51.05 -0.25
CA GLU F 413 -36.23 51.59 0.29
C GLU F 413 -35.16 51.69 -0.79
N VAL F 414 -35.15 50.72 -1.70
CA VAL F 414 -34.22 50.75 -2.83
C VAL F 414 -34.51 51.96 -3.70
N ASP F 415 -35.79 52.15 -4.04
CA ASP F 415 -36.24 53.28 -4.83
C ASP F 415 -35.85 54.61 -4.18
N LYS F 416 -36.07 54.70 -2.88
CA LYS F 416 -35.67 55.86 -2.09
C LYS F 416 -34.17 56.12 -2.21
N PHE F 417 -33.38 55.07 -2.05
CA PHE F 417 -31.92 55.20 -2.15
C PHE F 417 -31.53 55.76 -3.52
N ASN F 418 -32.15 55.24 -4.57
CA ASN F 418 -31.83 55.62 -5.94
C ASN F 418 -32.22 57.06 -6.27
N LYS F 419 -33.26 57.55 -5.61
CA LYS F 419 -33.65 58.95 -5.76
C LYS F 419 -32.68 59.89 -5.03
N GLU F 420 -31.98 59.37 -4.03
CA GLU F 420 -31.13 60.16 -3.14
C GLU F 420 -29.63 60.08 -3.44
N ASN F 421 -29.24 59.18 -4.34
CA ASN F 421 -27.84 58.98 -4.69
C ASN F 421 -27.58 59.04 -6.20
N CYS F 422 -26.55 59.78 -6.61
CA CYS F 422 -26.23 59.96 -8.02
C CYS F 422 -25.25 58.92 -8.56
N TRP F 423 -24.24 58.59 -7.76
CA TRP F 423 -23.12 57.77 -8.22
C TRP F 423 -23.04 56.39 -7.55
N LYS F 424 -24.07 56.09 -6.76
CA LYS F 424 -24.31 54.74 -6.24
C LYS F 424 -25.77 54.42 -6.46
N LYS F 425 -26.04 53.15 -6.77
CA LYS F 425 -27.42 52.69 -6.98
C LYS F 425 -27.62 51.33 -6.35
N ARG F 426 -28.84 51.07 -5.91
CA ARG F 426 -29.22 49.76 -5.37
C ARG F 426 -30.16 49.01 -6.31
N GLY F 427 -30.13 47.68 -6.21
CA GLY F 427 -31.00 46.82 -7.01
C GLY F 427 -31.48 45.68 -6.14
N LEU F 428 -32.68 45.18 -6.44
CA LEU F 428 -33.31 44.13 -5.67
C LEU F 428 -34.07 43.23 -6.63
N CYS F 429 -33.84 41.91 -6.54
CA CYS F 429 -34.51 40.99 -7.45
C CYS F 429 -34.79 39.65 -6.76
N ILE F 430 -35.93 39.06 -7.11
CA ILE F 430 -36.36 37.76 -6.60
C ILE F 430 -36.59 36.79 -7.77
N ILE F 431 -35.94 35.63 -7.69
CA ILE F 431 -35.87 34.67 -8.79
C ILE F 431 -36.22 33.27 -8.28
N PRO F 432 -37.06 32.52 -9.04
CA PRO F 432 -37.34 31.13 -8.68
C PRO F 432 -36.42 30.18 -9.44
N THR F 433 -36.36 28.93 -8.97
CA THR F 433 -35.76 27.87 -9.76
C THR F 433 -36.42 26.51 -9.55
N LYS F 434 -36.39 25.69 -10.60
CA LYS F 434 -36.65 24.27 -10.48
C LYS F 434 -35.49 23.52 -11.14
N PHE F 435 -35.18 22.33 -10.60
CA PHE F 435 -34.08 21.53 -11.14
C PHE F 435 -34.47 20.07 -11.13
N GLY F 436 -34.46 19.46 -12.31
CA GLY F 436 -34.92 18.07 -12.47
C GLY F 436 -33.94 17.09 -11.86
N ILE F 437 -34.47 16.12 -11.13
CA ILE F 437 -33.63 15.18 -10.38
C ILE F 437 -33.59 13.79 -11.03
N SER F 438 -32.42 13.46 -11.60
CA SER F 438 -32.07 12.17 -12.20
C SER F 438 -30.96 12.39 -13.20
N PHE F 439 -30.17 11.35 -13.48
CA PHE F 439 -29.29 11.42 -14.65
C PHE F 439 -30.16 11.45 -15.90
N THR F 440 -29.80 12.30 -16.85
CA THR F 440 -30.48 12.36 -18.15
C THR F 440 -30.43 11.05 -18.92
N VAL F 441 -29.38 10.27 -18.66
CA VAL F 441 -29.23 8.94 -19.26
C VAL F 441 -29.89 7.93 -18.31
N PRO F 442 -31.00 7.30 -18.73
CA PRO F 442 -31.67 6.39 -17.79
C PRO F 442 -30.75 5.35 -17.11
N PHE F 443 -29.84 4.72 -17.85
CA PHE F 443 -29.06 3.61 -17.26
C PHE F 443 -28.12 4.01 -16.12
N LEU F 444 -27.85 5.31 -15.97
CA LEU F 444 -27.00 5.75 -14.88
C LEU F 444 -27.73 5.77 -13.54
N ASN F 445 -29.06 5.68 -13.60
CA ASN F 445 -29.90 5.76 -12.40
C ASN F 445 -30.02 4.41 -11.69
N GLN F 446 -28.86 3.91 -11.30
CA GLN F 446 -28.71 2.64 -10.59
C GLN F 446 -27.66 2.81 -9.52
N ALA F 447 -27.81 2.05 -8.44
CA ALA F 447 -26.92 2.22 -7.28
C ALA F 447 -26.82 0.93 -6.48
N GLY F 448 -25.60 0.59 -6.11
CA GLY F 448 -25.38 -0.57 -5.22
C GLY F 448 -24.75 -0.24 -3.88
N ALA F 449 -25.01 -1.12 -2.92
CA ALA F 449 -24.36 -1.11 -1.62
C ALA F 449 -23.91 -2.53 -1.23
N LEU F 450 -22.95 -2.59 -0.33
CA LEU F 450 -22.49 -3.83 0.27
C LEU F 450 -22.32 -3.57 1.76
N ILE F 451 -22.99 -4.36 2.59
CA ILE F 451 -22.92 -4.13 4.03
C ILE F 451 -22.47 -5.41 4.73
N HIS F 452 -21.50 -5.27 5.64
CA HIS F 452 -21.07 -6.38 6.49
C HIS F 452 -21.32 -6.02 7.93
N VAL F 453 -21.82 -6.98 8.71
CA VAL F 453 -21.83 -6.84 10.17
C VAL F 453 -20.77 -7.82 10.70
N TYR F 454 -19.75 -7.30 11.40
CA TYR F 454 -18.72 -8.15 12.01
C TYR F 454 -19.22 -8.68 13.34
N THR F 455 -18.50 -9.65 13.91
CA THR F 455 -19.03 -10.41 15.05
C THR F 455 -19.03 -9.63 16.37
N ASP F 456 -18.45 -8.43 16.36
CA ASP F 456 -18.56 -7.48 17.50
C ASP F 456 -19.78 -6.57 17.36
N GLY F 457 -20.55 -6.76 16.28
CA GLY F 457 -21.72 -5.94 16.02
C GLY F 457 -21.41 -4.69 15.24
N SER F 458 -20.13 -4.42 14.99
CA SER F 458 -19.79 -3.23 14.24
C SER F 458 -20.11 -3.45 12.76
N VAL F 459 -20.50 -2.38 12.08
CA VAL F 459 -21.04 -2.49 10.73
C VAL F 459 -20.17 -1.70 9.76
N LEU F 460 -19.81 -2.32 8.64
CA LEU F 460 -19.03 -1.61 7.62
C LEU F 460 -19.93 -1.47 6.39
N VAL F 461 -20.18 -0.21 6.03
CA VAL F 461 -21.03 0.09 4.88
C VAL F 461 -20.14 0.53 3.71
N SER F 462 -20.39 -0.06 2.55
CA SER F 462 -19.77 0.38 1.30
C SER F 462 -20.90 0.66 0.30
N HIS F 463 -20.75 1.74 -0.47
CA HIS F 463 -21.74 2.03 -1.51
C HIS F 463 -21.00 2.66 -2.68
N GLY F 464 -21.71 2.87 -3.78
CA GLY F 464 -21.05 3.32 -5.01
C GLY F 464 -20.67 4.79 -5.04
N GLY F 465 -21.18 5.55 -4.08
CA GLY F 465 -20.96 6.99 -4.04
C GLY F 465 -19.66 7.37 -3.36
N THR F 466 -19.12 8.53 -3.76
CA THR F 466 -17.87 9.07 -3.23
C THR F 466 -18.15 10.33 -2.40
N GLU F 467 -17.27 10.60 -1.45
CA GLU F 467 -17.36 11.78 -0.61
C GLU F 467 -16.46 12.88 -1.15
N MET F 468 -17.06 14.04 -1.46
CA MET F 468 -16.31 15.18 -1.99
C MET F 468 -16.57 16.46 -1.16
N GLY F 469 -17.15 16.25 0.03
CA GLY F 469 -17.46 17.33 0.93
C GLY F 469 -18.93 17.53 1.17
N GLN F 470 -19.75 16.85 0.36
CA GLN F 470 -21.21 17.05 0.38
C GLN F 470 -21.89 16.26 1.52
N GLY F 471 -21.11 15.49 2.26
CA GLY F 471 -21.66 14.76 3.42
C GLY F 471 -22.49 13.55 3.03
N LEU F 472 -22.11 12.90 1.93
CA LEU F 472 -22.83 11.72 1.46
C LEU F 472 -22.63 10.57 2.43
N HIS F 473 -21.39 10.31 2.84
CA HIS F 473 -21.17 9.23 3.81
C HIS F 473 -21.90 9.50 5.14
N THR F 474 -21.87 10.75 5.58
CA THR F 474 -22.62 11.12 6.80
C THR F 474 -24.09 10.73 6.65
N LYS F 475 -24.72 11.16 5.55
CA LYS F 475 -26.11 10.82 5.28
C LYS F 475 -26.36 9.30 5.18
N MET F 476 -25.44 8.56 4.56
CA MET F 476 -25.61 7.12 4.47
C MET F 476 -25.51 6.43 5.83
N VAL F 477 -24.64 6.94 6.70
CA VAL F 477 -24.53 6.45 8.09
C VAL F 477 -25.81 6.77 8.87
N GLN F 478 -26.34 7.96 8.67
CA GLN F 478 -27.63 8.30 9.30
C GLN F 478 -28.75 7.37 8.84
N VAL F 479 -28.79 7.08 7.53
CA VAL F 479 -29.79 6.18 6.96
C VAL F 479 -29.64 4.76 7.52
N ALA F 480 -28.42 4.25 7.50
CA ALA F 480 -28.15 2.90 7.97
C ALA F 480 -28.51 2.76 9.45
N SER F 481 -28.14 3.76 10.25
CA SER F 481 -28.47 3.78 11.68
C SER F 481 -29.97 3.75 11.93
N LYS F 482 -30.72 4.53 11.14
CA LYS F 482 -32.17 4.57 11.30
C LYS F 482 -32.77 3.23 10.90
N ALA F 483 -32.32 2.71 9.76
CA ALA F 483 -32.87 1.47 9.20
C ALA F 483 -32.58 0.29 10.12
N LEU F 484 -31.35 0.20 10.62
CA LEU F 484 -30.94 -0.90 11.49
C LEU F 484 -31.39 -0.73 12.93
N LYS F 485 -31.79 0.49 13.30
CA LYS F 485 -32.16 0.83 14.67
C LYS F 485 -31.00 0.62 15.65
N ILE F 486 -29.82 1.08 15.24
CA ILE F 486 -28.62 1.07 16.08
C ILE F 486 -27.93 2.43 16.03
N PRO F 487 -27.10 2.76 17.05
CA PRO F 487 -26.45 4.08 17.06
C PRO F 487 -25.49 4.28 15.89
N ILE F 488 -25.35 5.52 15.42
CA ILE F 488 -24.41 5.81 14.35
C ILE F 488 -22.98 5.38 14.70
N SER F 489 -22.66 5.34 15.99
CA SER F 489 -21.32 4.97 16.42
C SER F 489 -20.92 3.54 16.05
N LYS F 490 -21.91 2.70 15.75
CA LYS F 490 -21.63 1.29 15.43
C LYS F 490 -21.44 1.08 13.93
N ILE F 491 -21.58 2.14 13.14
CA ILE F 491 -21.50 2.05 11.67
C ILE F 491 -20.31 2.86 11.17
N TYR F 492 -19.64 2.35 10.13
CA TYR F 492 -18.49 3.04 9.56
C TYR F 492 -18.48 2.89 8.04
N ILE F 493 -18.13 3.98 7.36
CA ILE F 493 -17.79 3.93 5.94
C ILE F 493 -16.34 4.35 5.80
N SER F 494 -15.53 3.50 5.18
CA SER F 494 -14.10 3.78 5.03
C SER F 494 -13.76 4.43 3.71
N GLU F 495 -14.31 3.91 2.62
CA GLU F 495 -13.93 4.36 1.28
C GLU F 495 -14.92 3.85 0.24
N THR F 496 -14.72 4.30 -0.99
CA THR F 496 -15.45 3.81 -2.16
C THR F 496 -14.45 3.01 -2.98
N SER F 497 -14.85 1.81 -3.44
CA SER F 497 -13.88 0.96 -4.13
C SER F 497 -14.54 0.04 -5.13
N THR F 498 -13.85 -0.19 -6.24
CA THR F 498 -14.42 -0.96 -7.33
C THR F 498 -14.53 -2.45 -7.03
N ASN F 499 -13.83 -2.93 -6.00
CA ASN F 499 -13.93 -4.34 -5.63
C ASN F 499 -14.96 -4.61 -4.54
N THR F 500 -15.66 -3.57 -4.10
CA THR F 500 -16.78 -3.76 -3.18
C THR F 500 -18.11 -3.51 -3.87
N VAL F 501 -18.19 -2.41 -4.62
CA VAL F 501 -19.39 -2.14 -5.43
C VAL F 501 -18.95 -1.84 -6.86
N PRO F 502 -19.26 -2.75 -7.80
CA PRO F 502 -18.78 -2.60 -9.18
C PRO F 502 -19.77 -1.80 -10.04
N ASN F 503 -19.28 -1.32 -11.19
CA ASN F 503 -20.15 -0.70 -12.20
C ASN F 503 -20.96 0.48 -11.71
N SER F 504 -20.36 1.26 -10.81
CA SER F 504 -21.05 2.40 -10.25
C SER F 504 -21.13 3.55 -11.23
N SER F 505 -22.23 4.30 -11.16
CA SER F 505 -22.35 5.55 -11.90
C SER F 505 -21.46 6.56 -11.18
N PRO F 506 -21.06 7.65 -11.88
CA PRO F 506 -20.27 8.66 -11.16
C PRO F 506 -21.12 9.28 -10.05
N THR F 507 -20.48 9.81 -9.01
CA THR F 507 -21.20 10.52 -7.96
C THR F 507 -21.57 11.89 -8.50
N ALA F 508 -22.80 12.00 -9.00
CA ALA F 508 -23.18 13.18 -9.78
C ALA F 508 -24.70 13.29 -9.90
N ALA F 509 -25.14 14.35 -10.59
CA ALA F 509 -26.56 14.61 -10.82
C ALA F 509 -27.37 14.87 -9.55
N SER F 510 -26.68 15.14 -8.43
CA SER F 510 -27.35 15.41 -7.13
C SER F 510 -28.18 14.23 -6.60
N VAL F 511 -28.07 13.06 -7.23
CA VAL F 511 -29.00 11.93 -6.92
C VAL F 511 -28.40 10.90 -5.96
N SER F 512 -27.17 11.13 -5.53
CA SER F 512 -26.43 10.13 -4.75
C SER F 512 -27.13 9.74 -3.46
N THR F 513 -27.62 10.73 -2.70
CA THR F 513 -28.35 10.43 -1.47
C THR F 513 -29.59 9.58 -1.77
N ASP F 514 -30.33 9.98 -2.79
CA ASP F 514 -31.54 9.25 -3.21
C ASP F 514 -31.24 7.78 -3.51
N ILE F 515 -30.23 7.54 -4.34
CA ILE F 515 -30.05 6.20 -4.90
C ILE F 515 -29.21 5.28 -4.00
N TYR F 516 -28.11 5.80 -3.44
CA TYR F 516 -27.34 5.00 -2.50
C TYR F 516 -28.09 4.87 -1.19
N GLY F 517 -28.89 5.87 -0.84
CA GLY F 517 -29.74 5.76 0.35
C GLY F 517 -30.69 4.59 0.26
N GLN F 518 -31.30 4.41 -0.91
CA GLN F 518 -32.18 3.28 -1.14
C GLN F 518 -31.40 1.96 -1.12
N ALA F 519 -30.27 1.90 -1.82
CA ALA F 519 -29.44 0.68 -1.80
C ALA F 519 -28.99 0.29 -0.37
N VAL F 520 -28.51 1.26 0.40
CA VAL F 520 -28.15 1.04 1.80
C VAL F 520 -29.36 0.56 2.61
N TYR F 521 -30.49 1.25 2.44
CA TYR F 521 -31.73 0.85 3.11
C TYR F 521 -32.09 -0.62 2.85
N GLU F 522 -32.04 -1.03 1.59
CA GLU F 522 -32.41 -2.39 1.20
C GLU F 522 -31.48 -3.41 1.84
N ALA F 523 -30.19 -3.11 1.84
CA ALA F 523 -29.21 -4.01 2.43
C ALA F 523 -29.46 -4.16 3.93
N CYS F 524 -29.88 -3.07 4.56
CA CYS F 524 -30.17 -3.06 6.00
C CYS F 524 -31.40 -3.92 6.28
N GLN F 525 -32.41 -3.81 5.42
CA GLN F 525 -33.62 -4.63 5.57
C GLN F 525 -33.32 -6.14 5.52
N THR F 526 -32.42 -6.51 4.61
CA THR F 526 -31.95 -7.89 4.51
C THR F 526 -31.27 -8.35 5.81
N ILE F 527 -30.37 -7.52 6.35
CA ILE F 527 -29.75 -7.81 7.64
C ILE F 527 -30.79 -7.99 8.75
N LEU F 528 -31.74 -7.05 8.83
CA LEU F 528 -32.80 -7.15 9.85
C LEU F 528 -33.60 -8.45 9.75
N LYS F 529 -33.94 -8.84 8.52
CA LYS F 529 -34.69 -10.07 8.29
C LYS F 529 -33.92 -11.28 8.82
N ARG F 530 -32.62 -11.31 8.54
CA ARG F 530 -31.77 -12.42 8.98
C ARG F 530 -31.56 -12.46 10.48
N LEU F 531 -31.54 -11.29 11.12
CA LEU F 531 -31.35 -11.20 12.57
C LEU F 531 -32.62 -11.47 13.38
N GLU F 532 -33.78 -11.31 12.75
CA GLU F 532 -35.07 -11.38 13.47
C GLU F 532 -35.29 -12.63 14.34
N PRO F 533 -34.95 -13.84 13.81
CA PRO F 533 -35.14 -15.04 14.64
C PRO F 533 -34.37 -14.97 15.97
N PHE F 534 -33.20 -14.34 15.92
CA PHE F 534 -32.31 -14.26 17.07
C PHE F 534 -32.78 -13.20 18.05
N LYS F 535 -33.37 -12.13 17.53
CA LYS F 535 -34.07 -11.16 18.34
C LYS F 535 -35.20 -11.82 19.13
N LYS F 536 -35.98 -12.66 18.47
CA LYS F 536 -37.11 -13.35 19.12
C LYS F 536 -36.66 -14.37 20.17
N LYS F 537 -35.47 -14.96 19.99
CA LYS F 537 -34.92 -15.91 20.95
C LYS F 537 -34.31 -15.24 22.18
N ASN F 538 -33.93 -13.97 22.02
CA ASN F 538 -33.26 -13.22 23.07
C ASN F 538 -33.78 -11.78 23.10
N PRO F 539 -35.09 -11.60 23.40
CA PRO F 539 -35.76 -10.31 23.25
C PRO F 539 -35.22 -9.20 24.16
N ASP F 540 -34.65 -9.54 25.30
CA ASP F 540 -34.08 -8.56 26.20
C ASP F 540 -32.56 -8.41 25.99
N GLY F 541 -32.07 -9.08 24.96
CA GLY F 541 -30.65 -9.04 24.59
C GLY F 541 -30.24 -7.79 23.84
N SER F 542 -28.97 -7.75 23.46
CA SER F 542 -28.42 -6.61 22.76
C SER F 542 -28.18 -6.95 21.29
N TRP F 543 -28.05 -5.89 20.48
CA TRP F 543 -27.60 -6.02 19.09
C TRP F 543 -26.41 -6.98 18.98
N GLU F 544 -25.39 -6.78 19.81
CA GLU F 544 -24.17 -7.59 19.79
C GLU F 544 -24.46 -9.07 20.02
N ASP F 545 -25.37 -9.35 20.96
CA ASP F 545 -25.79 -10.72 21.29
C ASP F 545 -26.48 -11.35 20.08
N TRP F 546 -27.35 -10.59 19.43
CA TRP F 546 -28.10 -11.12 18.29
C TRP F 546 -27.18 -11.44 17.11
N VAL F 547 -26.22 -10.54 16.86
CA VAL F 547 -25.26 -10.71 15.77
C VAL F 547 -24.40 -11.96 16.00
N MET F 548 -23.89 -12.12 17.21
CA MET F 548 -23.07 -13.30 17.52
C MET F 548 -23.89 -14.61 17.41
N ALA F 549 -25.14 -14.58 17.87
CA ALA F 549 -26.00 -15.76 17.75
C ALA F 549 -26.24 -16.12 16.29
N ALA F 550 -26.45 -15.10 15.45
CA ALA F 550 -26.63 -15.32 14.02
C ALA F 550 -25.37 -15.93 13.43
N TYR F 551 -24.22 -15.35 13.76
CA TYR F 551 -22.95 -15.88 13.28
C TYR F 551 -22.78 -17.35 13.66
N GLN F 552 -23.07 -17.68 14.91
CA GLN F 552 -22.87 -19.04 15.40
C GLN F 552 -23.90 -20.03 14.86
N ASP F 553 -25.01 -19.51 14.34
CA ASP F 553 -26.00 -20.32 13.62
C ASP F 553 -25.73 -20.36 12.11
N ARG F 554 -24.59 -19.79 11.71
CA ARG F 554 -24.16 -19.80 10.30
C ARG F 554 -25.18 -19.11 9.37
N VAL F 555 -25.64 -17.95 9.83
CA VAL F 555 -26.44 -17.03 9.04
C VAL F 555 -25.49 -15.93 8.56
N SER F 556 -25.52 -15.66 7.26
CA SER F 556 -24.62 -14.69 6.65
C SER F 556 -24.96 -13.29 7.11
N LEU F 557 -23.93 -12.53 7.49
CA LEU F 557 -24.07 -11.16 7.94
C LEU F 557 -23.50 -10.22 6.89
N SER F 558 -23.53 -10.64 5.62
CA SER F 558 -23.06 -9.79 4.52
C SER F 558 -24.13 -9.78 3.45
N THR F 559 -24.43 -8.58 2.95
CA THR F 559 -25.41 -8.47 1.89
C THR F 559 -25.17 -7.28 0.97
N THR F 560 -25.65 -7.42 -0.25
CA THR F 560 -25.73 -6.30 -1.18
C THR F 560 -27.09 -5.63 -1.04
N GLY F 561 -27.17 -4.40 -1.55
CA GLY F 561 -28.44 -3.69 -1.72
C GLY F 561 -28.34 -3.06 -3.08
N PHE F 562 -29.48 -2.83 -3.74
CA PHE F 562 -29.46 -2.25 -5.09
C PHE F 562 -30.73 -1.43 -5.28
N TYR F 563 -30.62 -0.37 -6.07
CA TYR F 563 -31.78 0.47 -6.40
C TYR F 563 -31.70 0.92 -7.85
N ARG F 564 -32.84 0.86 -8.54
CA ARG F 564 -32.99 1.28 -9.92
C ARG F 564 -34.17 2.27 -9.93
N THR F 565 -33.91 3.53 -10.27
CA THR F 565 -34.96 4.56 -10.22
C THR F 565 -36.05 4.20 -11.22
N PRO F 566 -37.31 4.08 -10.76
CA PRO F 566 -38.35 3.62 -11.67
C PRO F 566 -38.87 4.69 -12.64
N ASN F 567 -39.44 4.21 -13.75
CA ASN F 567 -40.21 5.02 -14.69
C ASN F 567 -39.49 6.24 -15.25
N LEU F 568 -38.23 6.03 -15.63
CA LEU F 568 -37.46 7.04 -16.33
C LEU F 568 -37.25 6.61 -17.78
N GLY F 569 -37.39 7.54 -18.71
CA GLY F 569 -37.09 7.27 -20.10
C GLY F 569 -37.74 8.25 -21.05
N TYR F 570 -37.17 9.45 -21.09
CA TYR F 570 -37.65 10.50 -22.00
C TYR F 570 -37.18 10.21 -23.41
N SER F 571 -38.07 10.44 -24.37
CA SER F 571 -37.72 10.28 -25.77
C SER F 571 -37.83 11.63 -26.49
N PHE F 572 -36.73 12.02 -27.14
CA PHE F 572 -36.70 13.25 -27.95
C PHE F 572 -37.53 13.13 -29.23
N GLU F 573 -37.75 11.89 -29.68
CA GLU F 573 -38.52 11.66 -30.91
C GLU F 573 -40.03 11.45 -30.68
N THR F 574 -40.48 11.53 -29.43
CA THR F 574 -41.90 11.52 -29.10
C THR F 574 -42.28 12.65 -28.14
N ASN F 575 -41.27 13.34 -27.60
CA ASN F 575 -41.44 14.32 -26.52
C ASN F 575 -42.35 13.82 -25.39
N SER F 576 -42.01 12.63 -24.87
CA SER F 576 -42.77 12.02 -23.79
C SER F 576 -41.88 11.05 -23.02
N GLY F 577 -42.38 10.60 -21.86
CA GLY F 577 -41.60 9.77 -20.96
C GLY F 577 -40.91 10.65 -19.94
N ASN F 578 -40.92 10.23 -18.68
CA ASN F 578 -40.28 11.01 -17.62
C ASN F 578 -38.78 11.18 -17.84
N ALA F 579 -38.34 12.43 -17.88
CA ALA F 579 -36.90 12.72 -17.90
C ALA F 579 -36.32 12.71 -16.49
N PHE F 580 -37.14 13.07 -15.50
CA PHE F 580 -36.69 13.20 -14.12
C PHE F 580 -37.63 12.47 -13.18
N HIS F 581 -37.15 12.16 -11.97
CA HIS F 581 -37.98 11.49 -10.97
C HIS F 581 -38.89 12.49 -10.26
N TYR F 582 -38.35 13.67 -10.00
CA TYR F 582 -39.06 14.80 -9.41
C TYR F 582 -38.17 16.03 -9.60
N PHE F 583 -38.59 17.17 -9.06
CA PHE F 583 -37.84 18.40 -9.15
C PHE F 583 -37.61 18.97 -7.77
N THR F 584 -36.45 19.59 -7.58
CA THR F 584 -36.16 20.36 -6.36
C THR F 584 -36.38 21.84 -6.70
N TYR F 585 -36.92 22.60 -5.75
CA TYR F 585 -37.40 23.96 -6.00
C TYR F 585 -36.83 24.93 -5.00
N GLY F 586 -36.72 26.20 -5.38
CA GLY F 586 -36.25 27.22 -4.44
C GLY F 586 -36.46 28.62 -4.98
N VAL F 587 -36.34 29.61 -4.09
CA VAL F 587 -36.49 31.02 -4.45
C VAL F 587 -35.43 31.82 -3.69
N ALA F 588 -34.81 32.79 -4.37
CA ALA F 588 -33.83 33.67 -3.75
C ALA F 588 -34.10 35.12 -4.09
N CYS F 589 -33.96 35.97 -3.08
CA CYS F 589 -34.07 37.41 -3.25
C CYS F 589 -32.76 38.01 -2.78
N SER F 590 -32.10 38.77 -3.67
CA SER F 590 -30.85 39.44 -3.33
C SER F 590 -30.91 40.94 -3.60
N GLU F 591 -30.20 41.68 -2.76
CA GLU F 591 -30.10 43.13 -2.86
C GLU F 591 -28.63 43.49 -2.99
N VAL F 592 -28.33 44.40 -3.91
CA VAL F 592 -26.97 44.87 -4.13
C VAL F 592 -26.91 46.39 -4.14
N GLU F 593 -25.69 46.91 -3.94
CA GLU F 593 -25.39 48.33 -4.17
C GLU F 593 -24.21 48.41 -5.10
N ILE F 594 -24.36 49.10 -6.23
CA ILE F 594 -23.23 49.28 -7.15
C ILE F 594 -22.60 50.65 -6.99
N ASP F 595 -21.29 50.72 -7.24
CA ASP F 595 -20.58 51.97 -7.38
C ASP F 595 -20.54 52.27 -8.87
N CYS F 596 -21.35 53.23 -9.31
CA CYS F 596 -21.48 53.54 -10.73
C CYS F 596 -20.20 54.12 -11.33
N LEU F 597 -19.30 54.58 -10.47
CA LEU F 597 -18.03 55.18 -10.92
C LEU F 597 -16.89 54.17 -11.06
N THR F 598 -17.01 53.01 -10.41
CA THR F 598 -15.94 52.01 -10.43
C THR F 598 -16.38 50.64 -10.95
N GLY F 599 -17.66 50.35 -10.86
CA GLY F 599 -18.16 49.03 -11.24
C GLY F 599 -18.12 48.00 -10.13
N ASP F 600 -17.52 48.37 -8.99
CA ASP F 600 -17.53 47.49 -7.82
C ASP F 600 -18.94 47.47 -7.23
N HIS F 601 -19.22 46.49 -6.37
CA HIS F 601 -20.53 46.41 -5.74
C HIS F 601 -20.47 45.68 -4.42
N LYS F 602 -21.49 45.93 -3.61
CA LYS F 602 -21.71 45.26 -2.32
C LYS F 602 -22.88 44.33 -2.45
N ASN F 603 -22.72 43.11 -1.98
CA ASN F 603 -23.83 42.19 -1.81
C ASN F 603 -24.42 42.45 -0.42
N LEU F 604 -25.56 43.12 -0.39
CA LEU F 604 -26.12 43.63 0.87
C LEU F 604 -26.86 42.56 1.67
N ARG F 605 -27.74 41.83 1.00
CA ARG F 605 -28.58 40.86 1.66
C ARG F 605 -29.10 39.87 0.64
N THR F 606 -29.20 38.61 1.07
CA THR F 606 -29.78 37.54 0.28
C THR F 606 -30.65 36.68 1.20
N ASP F 607 -31.89 36.42 0.75
CA ASP F 607 -32.80 35.50 1.43
C ASP F 607 -33.15 34.34 0.50
N ILE F 608 -32.99 33.11 0.99
CA ILE F 608 -33.30 31.92 0.21
C ILE F 608 -34.33 31.05 0.93
N VAL F 609 -35.29 30.54 0.18
CA VAL F 609 -36.20 29.52 0.68
C VAL F 609 -36.12 28.35 -0.28
N MET F 610 -35.69 27.20 0.22
CA MET F 610 -35.41 26.03 -0.61
C MET F 610 -36.27 24.85 -0.19
N ASP F 611 -36.89 24.19 -1.16
CA ASP F 611 -37.65 23.00 -0.89
C ASP F 611 -36.71 21.83 -1.07
N VAL F 612 -36.29 21.24 0.05
CA VAL F 612 -35.49 20.01 0.00
C VAL F 612 -36.26 18.83 0.61
N GLY F 613 -37.59 18.86 0.52
CA GLY F 613 -38.43 17.83 1.15
C GLY F 613 -38.17 17.79 2.65
N SER F 614 -38.26 16.60 3.24
CA SER F 614 -37.90 16.44 4.64
C SER F 614 -36.42 16.10 4.71
N SER F 615 -35.63 17.07 5.11
CA SER F 615 -34.16 16.95 5.09
C SER F 615 -33.64 15.80 5.96
N LEU F 616 -32.67 15.04 5.45
CA LEU F 616 -32.03 14.01 6.27
C LEU F 616 -31.11 14.65 7.29
N ASN F 617 -30.62 15.83 6.96
CA ASN F 617 -29.69 16.54 7.81
C ASN F 617 -29.75 18.02 7.44
N PRO F 618 -30.53 18.82 8.19
CA PRO F 618 -30.67 20.24 7.83
C PRO F 618 -29.37 21.05 7.80
N ALA F 619 -28.38 20.66 8.60
CA ALA F 619 -27.10 21.38 8.62
C ALA F 619 -26.39 21.15 7.29
N ILE F 620 -26.25 19.89 6.89
CA ILE F 620 -25.61 19.58 5.62
C ILE F 620 -26.36 20.21 4.45
N ASP F 621 -27.69 20.16 4.49
CA ASP F 621 -28.51 20.71 3.39
C ASP F 621 -28.46 22.23 3.29
N ILE F 622 -28.51 22.92 4.43
CA ILE F 622 -28.31 24.38 4.41
C ILE F 622 -26.90 24.68 3.88
N GLY F 623 -25.92 23.88 4.29
CA GLY F 623 -24.56 24.02 3.79
C GLY F 623 -24.47 23.85 2.29
N GLN F 624 -25.26 22.94 1.73
CA GLN F 624 -25.27 22.71 0.29
C GLN F 624 -25.90 23.90 -0.43
N VAL F 625 -27.00 24.40 0.13
CA VAL F 625 -27.65 25.60 -0.38
C VAL F 625 -26.70 26.83 -0.38
N GLU F 626 -26.05 27.08 0.76
CA GLU F 626 -25.11 28.20 0.86
C GLU F 626 -23.94 28.05 -0.11
N GLY F 627 -23.34 26.86 -0.14
CA GLY F 627 -22.18 26.63 -1.01
C GLY F 627 -22.53 26.71 -2.48
N ALA F 628 -23.66 26.12 -2.85
CA ALA F 628 -24.12 26.17 -4.23
C ALA F 628 -24.41 27.61 -4.64
N PHE F 629 -25.17 28.33 -3.81
CA PHE F 629 -25.47 29.74 -4.10
C PHE F 629 -24.21 30.57 -4.32
N VAL F 630 -23.21 30.39 -3.46
CA VAL F 630 -21.98 31.18 -3.57
C VAL F 630 -21.21 30.81 -4.86
N GLN F 631 -21.20 29.53 -5.26
CA GLN F 631 -20.60 29.19 -6.56
C GLN F 631 -21.32 29.84 -7.72
N GLY F 632 -22.65 29.97 -7.60
CA GLY F 632 -23.48 30.64 -8.61
C GLY F 632 -23.19 32.14 -8.63
N LEU F 633 -23.13 32.74 -7.46
CA LEU F 633 -22.70 34.14 -7.36
C LEU F 633 -21.32 34.36 -8.03
N GLY F 634 -20.42 33.41 -7.85
CA GLY F 634 -19.12 33.51 -8.53
C GLY F 634 -19.26 33.44 -10.04
N LEU F 635 -20.03 32.46 -10.50
CA LEU F 635 -20.26 32.25 -11.94
C LEU F 635 -20.79 33.50 -12.62
N PHE F 636 -21.77 34.13 -11.99
CA PHE F 636 -22.50 35.24 -12.62
C PHE F 636 -21.90 36.62 -12.38
N THR F 637 -21.01 36.76 -11.39
CA THR F 637 -20.51 38.11 -11.01
C THR F 637 -19.00 38.30 -10.80
N LEU F 638 -18.23 37.23 -10.69
CA LEU F 638 -16.84 37.35 -10.28
C LEU F 638 -15.86 36.62 -11.17
N GLU F 639 -16.25 35.41 -11.58
CA GLU F 639 -15.31 34.48 -12.18
C GLU F 639 -15.27 34.63 -13.69
N GLU F 640 -14.09 34.95 -14.20
CA GLU F 640 -13.91 35.25 -15.61
C GLU F 640 -12.64 34.56 -16.10
N LEU F 641 -12.81 33.61 -17.01
CA LEU F 641 -11.68 32.99 -17.67
C LEU F 641 -11.38 33.79 -18.93
N HIS F 642 -10.12 34.03 -19.19
CA HIS F 642 -9.73 34.84 -20.33
C HIS F 642 -8.61 34.18 -21.11
N TYR F 643 -8.73 34.26 -22.44
CA TYR F 643 -7.83 33.57 -23.35
C TYR F 643 -7.13 34.55 -24.28
N SER F 644 -5.94 34.19 -24.72
CA SER F 644 -5.25 34.92 -25.78
C SER F 644 -6.02 34.74 -27.10
N PRO F 645 -5.77 35.62 -28.09
CA PRO F 645 -6.40 35.42 -29.39
C PRO F 645 -6.01 34.06 -29.99
N GLU F 646 -4.81 33.58 -29.63
CA GLU F 646 -4.31 32.28 -30.08
C GLU F 646 -4.95 31.10 -29.32
N GLY F 647 -5.82 31.40 -28.35
CA GLY F 647 -6.54 30.38 -27.60
C GLY F 647 -5.83 29.84 -26.37
N SER F 648 -4.89 30.60 -25.83
CA SER F 648 -4.15 30.19 -24.64
C SER F 648 -4.71 30.85 -23.38
N LEU F 649 -5.14 30.03 -22.43
CA LEU F 649 -5.73 30.53 -21.19
C LEU F 649 -4.73 31.41 -20.44
N HIS F 650 -5.17 32.63 -20.10
CA HIS F 650 -4.35 33.59 -19.34
C HIS F 650 -4.57 33.46 -17.83
N THR F 651 -5.80 33.15 -17.44
CA THR F 651 -6.21 33.18 -16.04
C THR F 651 -6.02 31.78 -15.46
N ARG F 652 -4.87 31.56 -14.82
CA ARG F 652 -4.45 30.22 -14.40
C ARG F 652 -4.15 30.09 -12.90
N GLY F 653 -4.68 31.00 -12.10
CA GLY F 653 -4.49 30.93 -10.66
C GLY F 653 -5.36 31.94 -9.93
N PRO F 654 -5.36 31.88 -8.59
CA PRO F 654 -6.23 32.76 -7.80
C PRO F 654 -5.89 34.24 -7.89
N SER F 655 -4.71 34.58 -8.40
CA SER F 655 -4.35 36.00 -8.62
C SER F 655 -5.09 36.59 -9.81
N THR F 656 -5.44 35.75 -10.78
CA THR F 656 -6.08 36.24 -12.02
C THR F 656 -7.49 35.69 -12.23
N TYR F 657 -7.86 34.72 -11.40
CA TYR F 657 -9.19 34.12 -11.44
C TYR F 657 -9.78 34.23 -10.06
N LYS F 658 -10.85 35.01 -9.94
CA LYS F 658 -11.38 35.36 -8.62
C LYS F 658 -12.64 34.60 -8.25
N ILE F 659 -12.48 33.56 -7.43
CA ILE F 659 -13.64 32.90 -6.85
C ILE F 659 -14.11 33.68 -5.63
N PRO F 660 -15.37 33.50 -5.21
CA PRO F 660 -15.80 34.24 -4.02
C PRO F 660 -14.90 34.06 -2.79
N ALA F 661 -14.65 35.17 -2.10
CA ALA F 661 -13.84 35.20 -0.87
C ALA F 661 -14.73 35.42 0.36
N PHE F 662 -14.16 35.34 1.56
CA PHE F 662 -14.92 35.59 2.78
C PHE F 662 -15.72 36.89 2.64
N GLY F 663 -15.07 37.90 2.09
CA GLY F 663 -15.67 39.23 1.95
C GLY F 663 -16.70 39.41 0.85
N SER F 664 -16.86 38.38 0.02
CA SER F 664 -17.74 38.43 -1.15
C SER F 664 -19.20 38.11 -0.84
N ILE F 665 -19.43 37.39 0.25
CA ILE F 665 -20.78 36.89 0.53
C ILE F 665 -21.72 38.02 0.99
N PRO F 666 -23.04 37.84 0.80
CA PRO F 666 -24.00 38.85 1.27
C PRO F 666 -23.82 39.14 2.75
N THR F 667 -23.83 40.43 3.13
CA THR F 667 -23.65 40.83 4.52
C THR F 667 -24.70 40.18 5.42
N GLU F 668 -25.95 40.17 4.94
CA GLU F 668 -27.01 39.40 5.59
C GLU F 668 -27.40 38.27 4.65
N PHE F 669 -27.25 37.04 5.13
CA PHE F 669 -27.31 35.86 4.29
C PHE F 669 -28.21 34.84 5.00
N ARG F 670 -29.47 34.77 4.55
CA ARG F 670 -30.46 33.97 5.23
C ARG F 670 -30.93 32.81 4.37
N VAL F 671 -30.85 31.60 4.92
CA VAL F 671 -31.34 30.42 4.21
C VAL F 671 -32.35 29.68 5.08
N SER F 672 -33.50 29.39 4.50
CA SER F 672 -34.54 28.61 5.17
C SER F 672 -34.93 27.40 4.32
N LEU F 673 -35.11 26.25 4.98
CA LEU F 673 -35.65 25.08 4.31
C LEU F 673 -37.17 25.04 4.46
N LEU F 674 -37.87 24.82 3.35
CA LEU F 674 -39.33 24.80 3.32
C LEU F 674 -39.85 23.73 4.28
N ARG F 675 -40.86 24.07 5.07
CA ARG F 675 -41.41 23.14 6.07
C ARG F 675 -42.63 22.42 5.51
N ASP F 676 -42.89 21.23 6.07
CA ASP F 676 -44.07 20.45 5.73
C ASP F 676 -44.24 20.17 4.23
N CYS F 677 -43.18 19.63 3.61
CA CYS F 677 -43.21 19.30 2.19
C CYS F 677 -42.54 17.96 1.90
N PRO F 678 -43.02 16.87 2.55
CA PRO F 678 -42.29 15.61 2.37
C PRO F 678 -42.35 15.15 0.91
N ASN F 679 -41.26 14.56 0.42
CA ASN F 679 -41.18 14.05 -0.94
C ASN F 679 -41.33 12.54 -0.99
N LYS F 680 -42.51 12.08 -1.41
CA LYS F 680 -42.81 10.65 -1.49
C LYS F 680 -41.85 9.88 -2.40
N LYS F 681 -41.17 10.60 -3.30
CA LYS F 681 -40.36 9.99 -4.33
C LYS F 681 -38.94 9.59 -3.91
N ALA F 682 -38.51 10.01 -2.72
CA ALA F 682 -37.14 9.71 -2.30
C ALA F 682 -37.02 9.25 -0.86
N ILE F 683 -35.83 8.73 -0.54
CA ILE F 683 -35.52 8.13 0.76
C ILE F 683 -35.92 9.03 1.94
N TYR F 684 -36.75 8.48 2.83
CA TYR F 684 -37.20 9.20 4.02
C TYR F 684 -37.79 10.60 3.73
N ALA F 685 -38.40 10.75 2.56
CA ALA F 685 -39.13 11.96 2.17
C ALA F 685 -38.25 13.16 1.83
N SER F 686 -36.95 12.91 1.65
CA SER F 686 -35.96 13.95 1.38
C SER F 686 -35.90 14.31 -0.09
N LYS F 687 -35.11 15.34 -0.41
CA LYS F 687 -34.87 15.73 -1.80
C LYS F 687 -33.40 16.01 -2.08
N ALA F 688 -32.99 15.75 -3.32
CA ALA F 688 -31.68 16.15 -3.81
C ALA F 688 -31.43 17.65 -3.61
N VAL F 689 -30.22 18.01 -3.20
CA VAL F 689 -29.89 19.40 -2.89
C VAL F 689 -28.58 19.92 -3.53
N GLY F 690 -27.75 19.03 -4.07
CA GLY F 690 -26.39 19.42 -4.44
C GLY F 690 -26.28 20.56 -5.44
N GLU F 691 -26.93 20.39 -6.59
CA GLU F 691 -26.90 21.37 -7.70
C GLU F 691 -28.06 22.37 -7.75
N PRO F 692 -29.31 21.95 -7.38
CA PRO F 692 -30.45 22.88 -7.53
C PRO F 692 -30.28 24.34 -7.04
N PRO F 693 -29.59 24.58 -5.90
CA PRO F 693 -29.52 25.97 -5.45
C PRO F 693 -28.55 26.87 -6.22
N LEU F 694 -27.64 26.31 -7.02
CA LEU F 694 -26.59 27.13 -7.62
C LEU F 694 -27.16 28.29 -8.46
N PHE F 695 -28.14 27.98 -9.29
CA PHE F 695 -28.72 29.02 -10.14
C PHE F 695 -29.27 30.19 -9.34
N LEU F 696 -29.67 29.96 -8.09
CA LEU F 696 -30.19 31.06 -7.27
C LEU F 696 -29.20 32.22 -7.08
N GLY F 697 -27.91 31.96 -7.28
CA GLY F 697 -26.89 33.02 -7.31
C GLY F 697 -27.17 34.09 -8.35
N ALA F 698 -27.95 33.74 -9.38
CA ALA F 698 -28.31 34.70 -10.43
C ALA F 698 -29.17 35.84 -9.89
N SER F 699 -29.76 35.65 -8.71
CA SER F 699 -30.49 36.74 -8.05
C SER F 699 -29.60 37.95 -7.82
N VAL F 700 -28.31 37.71 -7.57
CA VAL F 700 -27.32 38.79 -7.42
C VAL F 700 -27.12 39.47 -8.78
N PHE F 701 -27.04 38.67 -9.85
CA PHE F 701 -26.82 39.20 -11.19
C PHE F 701 -27.95 40.14 -11.59
N PHE F 702 -29.18 39.67 -11.41
CA PHE F 702 -30.34 40.45 -11.83
C PHE F 702 -30.61 41.66 -10.93
N ALA F 703 -30.14 41.57 -9.69
CA ALA F 703 -30.16 42.73 -8.78
C ALA F 703 -29.19 43.79 -9.30
N ILE F 704 -28.01 43.37 -9.72
CA ILE F 704 -27.02 44.26 -10.34
C ILE F 704 -27.59 44.92 -11.59
N LYS F 705 -28.29 44.14 -12.41
CA LYS F 705 -28.88 44.62 -13.66
C LYS F 705 -29.90 45.72 -13.40
N ASP F 706 -30.71 45.52 -12.37
CA ASP F 706 -31.69 46.51 -11.89
C ASP F 706 -31.01 47.80 -11.45
N ALA F 707 -29.90 47.66 -10.72
CA ALA F 707 -29.15 48.83 -10.25
C ALA F 707 -28.52 49.57 -11.43
N ILE F 708 -28.07 48.82 -12.43
CA ILE F 708 -27.51 49.42 -13.64
C ILE F 708 -28.60 50.21 -14.38
N ARG F 709 -29.80 49.63 -14.44
CA ARG F 709 -30.94 50.29 -15.08
C ARG F 709 -31.21 51.65 -14.41
N ALA F 710 -31.12 51.67 -13.08
CA ALA F 710 -31.27 52.91 -12.31
C ALA F 710 -30.17 53.92 -12.61
N ALA F 711 -28.93 53.45 -12.74
CA ALA F 711 -27.80 54.32 -13.08
C ALA F 711 -28.00 54.93 -14.47
N ARG F 712 -28.45 54.10 -15.42
CA ARG F 712 -28.69 54.58 -16.78
C ARG F 712 -29.84 55.58 -16.84
N ALA F 713 -30.87 55.37 -16.04
CA ALA F 713 -31.97 56.33 -15.90
C ALA F 713 -31.46 57.69 -15.43
N GLN F 714 -30.46 57.67 -14.55
CA GLN F 714 -29.82 58.86 -14.00
C GLN F 714 -28.96 59.62 -15.01
N HIS F 715 -28.10 58.91 -15.74
CA HIS F 715 -27.04 59.55 -16.55
C HIS F 715 -27.12 59.39 -18.08
N THR F 716 -27.99 58.51 -18.56
CA THR F 716 -28.14 58.31 -20.01
C THR F 716 -29.53 58.76 -20.50
N ASN F 717 -29.97 58.15 -21.60
CA ASN F 717 -31.33 58.27 -22.12
C ASN F 717 -32.42 58.01 -21.07
N ASN F 718 -33.48 58.81 -21.12
CA ASN F 718 -34.61 58.70 -20.19
C ASN F 718 -35.63 57.62 -20.58
N ASN F 719 -35.19 56.66 -21.39
CA ASN F 719 -36.01 55.54 -21.80
C ASN F 719 -36.29 54.59 -20.63
N THR F 720 -37.52 54.66 -20.10
CA THR F 720 -37.97 53.78 -19.03
C THR F 720 -37.92 52.31 -19.48
N LYS F 721 -38.25 52.10 -20.75
CA LYS F 721 -38.36 50.75 -21.32
C LYS F 721 -37.14 50.41 -22.19
N GLU F 722 -35.98 50.94 -21.78
CA GLU F 722 -34.71 50.70 -22.46
C GLU F 722 -34.19 49.29 -22.19
N LEU F 723 -33.64 48.67 -23.23
CA LEU F 723 -32.97 47.38 -23.09
C LEU F 723 -31.51 47.48 -23.50
N PHE F 724 -30.64 46.81 -22.73
CA PHE F 724 -29.22 46.77 -23.02
C PHE F 724 -28.75 45.34 -22.77
N ARG F 725 -27.73 44.91 -23.50
CA ARG F 725 -27.22 43.56 -23.35
C ARG F 725 -26.20 43.50 -22.21
N LEU F 726 -26.45 42.61 -21.26
CA LEU F 726 -25.50 42.36 -20.19
C LEU F 726 -25.21 40.86 -20.12
N ASP F 727 -24.04 40.47 -20.62
CA ASP F 727 -23.60 39.09 -20.55
C ASP F 727 -23.19 38.70 -19.14
N SER F 728 -23.03 37.39 -18.91
CA SER F 728 -22.41 36.89 -17.68
C SER F 728 -20.96 36.45 -17.94
N PRO F 729 -20.05 36.71 -16.97
CA PRO F 729 -20.21 37.35 -15.65
C PRO F 729 -20.31 38.88 -15.72
N ALA F 730 -21.17 39.44 -14.88
CA ALA F 730 -21.23 40.89 -14.68
C ALA F 730 -20.09 41.33 -13.77
N THR F 731 -18.89 41.38 -14.33
CA THR F 731 -17.69 41.82 -13.62
C THR F 731 -17.69 43.35 -13.46
N PRO F 732 -16.79 43.90 -12.63
CA PRO F 732 -16.62 45.36 -12.57
C PRO F 732 -16.50 46.03 -13.94
N GLU F 733 -15.75 45.44 -14.88
CA GLU F 733 -15.62 46.01 -16.21
C GLU F 733 -16.98 46.16 -16.87
N LYS F 734 -17.77 45.09 -16.86
CA LYS F 734 -19.07 45.07 -17.52
C LYS F 734 -20.04 46.01 -16.85
N ILE F 735 -20.04 46.02 -15.52
CA ILE F 735 -20.92 46.89 -14.74
C ILE F 735 -20.58 48.36 -15.02
N ARG F 736 -19.30 48.71 -14.89
CA ARG F 736 -18.86 50.10 -15.14
C ARG F 736 -19.20 50.58 -16.54
N ASN F 737 -18.84 49.77 -17.55
CA ASN F 737 -19.09 50.12 -18.95
C ASN F 737 -20.57 50.29 -19.25
N ALA F 738 -21.43 49.55 -18.54
CA ALA F 738 -22.88 49.66 -18.72
C ALA F 738 -23.50 50.87 -18.01
N CYS F 739 -22.76 51.44 -17.07
CA CYS F 739 -23.16 52.69 -16.41
C CYS F 739 -22.67 53.86 -17.26
N VAL F 740 -23.30 54.00 -18.43
CA VAL F 740 -22.94 55.04 -19.41
C VAL F 740 -23.19 56.43 -18.81
N ASP F 741 -22.19 57.30 -18.89
CA ASP F 741 -22.26 58.63 -18.27
C ASP F 741 -21.33 59.59 -19.00
N LYS F 742 -21.05 60.73 -18.37
CA LYS F 742 -20.17 61.74 -18.97
C LYS F 742 -18.71 61.32 -19.06
N PHE F 743 -18.33 60.29 -18.29
CA PHE F 743 -16.96 59.79 -18.31
C PHE F 743 -16.77 58.71 -19.37
N THR F 744 -17.70 57.75 -19.43
CA THR F 744 -17.59 56.66 -20.40
C THR F 744 -17.64 57.19 -21.84
N THR F 745 -18.48 58.21 -22.04
CA THR F 745 -18.66 58.84 -23.34
C THR F 745 -17.59 59.87 -23.65
#